data_9D1U
#
_entry.id   9D1U
#
_cell.length_a   1.00
_cell.length_b   1.00
_cell.length_c   1.00
_cell.angle_alpha   90.00
_cell.angle_beta   90.00
_cell.angle_gamma   90.00
#
_symmetry.space_group_name_H-M   'P 1'
#
_entity_poly.entity_id   1
_entity_poly.type   'polypeptide(L)'
_entity_poly.pdbx_seq_one_letter_code
;MPMGSLQPLATLYLLGMLVASVLAATLCLGHHAVPNGTIVKTITNDRIEVTNATELVQNSSIGEICDSPHQILDGENCTL
IDALLGDPQCDGFQNKKWDLFVERSKAYSNCYPYDVPDYASLRSLVASSGTLEFKNESFNWTGVTQNGTSSACIRGSSSS
FFSRLNWLTHLNYTYPALNVTMPNKEQFDKLYIWGVHHPGTDKDQIFLYAQSSGRITVSTKRSQQAVIPNIGSRPRIRDI
PSRISIYWTIVKPGDILLINSTGNLIAPRGYFKIRSGKSSIMRSDAPIGKCKSECITPNGSIPNDKPFQNVNRITYGACP
RYVKHSTLKLATGMRNVPEKQTRGIFGAIAGFIENGWEGMVDGWYGFRHQNSEGRGQAADLKSTQAAIDQINGKLNRLIG
KTNEKFHQIEKEFSEVEGRVQDLEKYVEDTKIDLWSYNAELLVALENQHTIDLTDSEMNKLFEKTKKQLRENAEDMGNGC
FKIYHKCDNACIESIRNETYDHNVYRDEALNNRFQIKRMKQIEDKIEEIESKQKKIENEIARIKKIKLVPRGSVDENLYF
QAMSKGEELFTGVVPILVELDGDVNGHKFSVRGEGEGDATNGKLTLKFICTTGKLPVPWPTLVTTLTYGVQCFSRYPDHM
KRHDFFKSAMPEGYVQERTISFKDDGTYKTRAEVKFEGDTLVNRIELKGIDFKEDGNILGHKLEYNFNSHNVYITADKQK
NGIKANFKIRHNVEDGSVQLADHYQQNTPIGDGPVLLPDNHYLSTQSVLSKDPNEKRDHMVLLEFVTAAGITHGMSSAWS
HPQFEKGGGSGGGSGGSAWSHPQFEK
;
_entity_poly.pdbx_strand_id   A,B,C
#
# COMPACT_ATOMS: atom_id res chain seq x y z
N ALA A 25 15.86 58.02 -19.11
CA ALA A 25 14.82 57.55 -18.13
C ALA A 25 15.20 56.22 -17.52
N THR A 26 14.50 55.75 -16.48
CA THR A 26 14.79 54.47 -15.84
C THR A 26 13.50 53.70 -15.79
N LEU A 27 13.52 52.42 -16.18
CA LEU A 27 12.39 51.54 -16.07
C LEU A 27 12.83 50.27 -15.35
N CYS A 28 12.22 49.96 -14.20
CA CYS A 28 12.56 48.85 -13.34
C CYS A 28 11.44 47.85 -13.31
N LEU A 29 11.80 46.57 -13.44
CA LEU A 29 10.91 45.44 -13.38
C LEU A 29 10.93 44.91 -11.97
N GLY A 30 9.77 44.45 -11.46
CA GLY A 30 9.74 43.94 -10.11
C GLY A 30 8.54 43.09 -9.86
N HIS A 31 8.43 42.64 -8.60
CA HIS A 31 7.39 41.76 -8.16
C HIS A 31 6.91 42.24 -6.81
N HIS A 32 5.74 41.78 -6.35
CA HIS A 32 5.16 42.17 -5.07
C HIS A 32 5.79 41.45 -3.89
N ALA A 33 5.56 41.95 -2.66
CA ALA A 33 5.96 41.26 -1.46
C ALA A 33 4.92 41.57 -0.42
N VAL A 34 4.88 40.83 0.70
CA VAL A 34 3.93 41.06 1.76
C VAL A 34 4.66 41.14 3.09
N PRO A 35 4.11 41.78 4.12
CA PRO A 35 4.75 41.83 5.44
C PRO A 35 4.53 40.54 6.20
N ASN A 36 3.43 39.82 5.94
CA ASN A 36 3.04 38.62 6.66
C ASN A 36 3.23 37.38 5.80
N GLY A 37 4.48 36.98 5.50
CA GLY A 37 4.71 35.77 4.74
C GLY A 37 4.48 34.50 5.49
N THR A 38 4.51 33.38 4.76
CA THR A 38 4.22 32.06 5.30
C THR A 38 5.33 31.12 4.94
N ILE A 39 5.84 30.35 5.91
CA ILE A 39 6.89 29.36 5.70
C ILE A 39 6.33 28.09 5.10
N VAL A 40 6.98 27.58 4.03
CA VAL A 40 6.66 26.32 3.40
C VAL A 40 7.92 25.49 3.24
N LYS A 41 7.73 24.19 2.98
CA LYS A 41 8.81 23.25 2.68
C LYS A 41 8.90 23.02 1.20
N THR A 42 10.12 22.86 0.68
CA THR A 42 10.42 22.54 -0.71
C THR A 42 11.31 21.31 -0.77
N ILE A 43 11.67 20.88 -1.99
CA ILE A 43 12.64 19.82 -2.23
C ILE A 43 14.03 20.14 -1.70
N THR A 44 14.48 21.39 -1.84
CA THR A 44 15.82 21.81 -1.48
C THR A 44 15.90 22.62 -0.20
N ASN A 45 14.76 22.94 0.45
CA ASN A 45 14.81 23.66 1.70
C ASN A 45 13.64 23.32 2.59
N ASP A 46 13.95 23.18 3.88
CA ASP A 46 13.03 22.94 4.95
C ASP A 46 12.13 24.13 5.30
N ARG A 47 12.62 25.36 5.11
CA ARG A 47 11.96 26.56 5.54
C ARG A 47 12.18 27.67 4.52
N ILE A 48 11.18 27.92 3.67
CA ILE A 48 11.21 29.07 2.79
C ILE A 48 9.94 29.86 2.86
N GLU A 49 10.08 31.20 2.89
CA GLU A 49 8.95 32.07 2.97
C GLU A 49 8.37 32.42 1.60
N VAL A 50 7.05 32.21 1.46
CA VAL A 50 6.26 32.56 0.30
C VAL A 50 5.22 33.57 0.72
N THR A 51 4.65 34.31 -0.26
CA THR A 51 3.66 35.36 -0.05
C THR A 51 2.36 34.86 0.52
N ASN A 52 1.97 33.61 0.18
CA ASN A 52 0.72 33.05 0.59
C ASN A 52 0.83 31.53 0.51
N ALA A 53 0.02 30.81 1.31
CA ALA A 53 -0.02 29.38 1.27
C ALA A 53 -1.35 28.92 1.82
N THR A 54 -1.77 27.71 1.46
CA THR A 54 -3.00 27.11 1.96
C THR A 54 -2.67 25.82 2.66
N GLU A 55 -3.47 25.46 3.68
CA GLU A 55 -3.34 24.24 4.46
C GLU A 55 -4.00 23.08 3.75
N LEU A 56 -3.29 21.92 3.64
CA LEU A 56 -3.81 20.74 2.98
C LEU A 56 -4.23 19.64 3.93
N VAL A 57 -4.00 19.79 5.25
CA VAL A 57 -4.45 18.83 6.22
C VAL A 57 -5.59 19.37 7.06
N GLN A 58 -6.78 18.73 6.98
CA GLN A 58 -7.87 19.02 7.88
C GLN A 58 -7.60 18.47 9.27
N ASN A 59 -7.53 19.32 10.32
CA ASN A 59 -7.13 18.88 11.64
C ASN A 59 -8.24 18.98 12.69
N SER A 60 -9.44 19.44 12.30
CA SER A 60 -10.50 19.71 13.24
C SER A 60 -11.83 19.17 12.75
N SER A 61 -12.70 18.87 13.73
CA SER A 61 -14.08 18.51 13.56
C SER A 61 -14.86 19.49 14.39
N ILE A 62 -16.14 19.70 14.02
CA ILE A 62 -17.12 20.52 14.72
C ILE A 62 -17.74 19.75 15.88
N GLY A 63 -17.45 18.43 15.98
CA GLY A 63 -17.81 17.62 17.14
C GLY A 63 -19.14 16.93 17.06
N GLU A 64 -19.88 17.17 15.97
CA GLU A 64 -21.18 16.61 15.70
C GLU A 64 -21.12 15.73 14.48
N ILE A 65 -21.84 14.60 14.50
CA ILE A 65 -22.10 13.82 13.30
C ILE A 65 -23.33 14.41 12.66
N CYS A 66 -23.17 15.07 11.51
CA CYS A 66 -24.29 15.59 10.74
C CYS A 66 -25.23 14.50 10.26
N ASP A 67 -26.57 14.73 10.31
CA ASP A 67 -27.59 13.77 9.97
C ASP A 67 -27.85 13.68 8.47
N SER A 68 -27.22 14.58 7.70
CA SER A 68 -27.38 14.66 6.26
C SER A 68 -26.01 14.67 5.59
N PRO A 69 -25.82 14.12 4.40
CA PRO A 69 -26.85 13.58 3.54
C PRO A 69 -26.93 12.08 3.67
N HIS A 70 -26.16 11.46 4.58
CA HIS A 70 -26.18 10.02 4.76
C HIS A 70 -27.23 9.66 5.78
N GLN A 71 -27.99 8.57 5.59
CA GLN A 71 -28.97 8.12 6.54
C GLN A 71 -28.33 7.57 7.81
N ILE A 72 -28.39 8.35 8.90
CA ILE A 72 -27.79 7.98 10.16
C ILE A 72 -28.77 7.21 11.02
N LEU A 73 -28.31 6.11 11.63
CA LEU A 73 -29.06 5.46 12.67
C LEU A 73 -28.23 5.47 13.93
N ASP A 74 -28.64 6.29 14.94
CA ASP A 74 -28.08 6.26 16.26
C ASP A 74 -28.57 5.00 16.95
N GLY A 75 -27.65 4.12 17.37
CA GLY A 75 -27.98 2.93 18.12
C GLY A 75 -28.34 3.22 19.54
N GLU A 76 -27.95 4.42 20.05
CA GLU A 76 -28.22 4.87 21.39
C GLU A 76 -27.76 3.91 22.48
N ASN A 77 -28.70 3.24 23.16
CA ASN A 77 -28.37 2.24 24.15
C ASN A 77 -28.21 0.84 23.56
N CYS A 78 -28.47 0.63 22.25
CA CYS A 78 -28.44 -0.69 21.64
C CYS A 78 -27.26 -0.83 20.71
N THR A 79 -26.63 -2.03 20.72
CA THR A 79 -25.71 -2.44 19.68
C THR A 79 -26.48 -2.86 18.44
N LEU A 80 -25.79 -3.04 17.30
CA LEU A 80 -26.44 -3.57 16.11
C LEU A 80 -26.96 -4.99 16.29
N ILE A 81 -26.19 -5.87 16.96
CA ILE A 81 -26.61 -7.22 17.27
C ILE A 81 -27.83 -7.27 18.18
N ASP A 82 -27.91 -6.45 19.24
CA ASP A 82 -29.10 -6.41 20.08
C ASP A 82 -30.37 -5.99 19.33
N ALA A 83 -30.25 -4.98 18.44
CA ALA A 83 -31.30 -4.56 17.53
C ALA A 83 -31.73 -5.64 16.55
N LEU A 84 -30.75 -6.41 16.02
CA LEU A 84 -30.98 -7.58 15.19
C LEU A 84 -31.72 -8.69 15.91
N LEU A 85 -31.26 -9.10 17.10
CA LEU A 85 -31.90 -10.16 17.87
C LEU A 85 -33.28 -9.78 18.35
N GLY A 86 -33.43 -8.50 18.74
CA GLY A 86 -34.70 -7.99 19.18
C GLY A 86 -34.76 -7.92 20.66
N ASP A 87 -33.70 -7.36 21.30
CA ASP A 87 -33.74 -6.93 22.69
C ASP A 87 -34.95 -5.97 22.85
N PRO A 88 -35.82 -6.05 23.86
CA PRO A 88 -36.99 -5.19 24.07
C PRO A 88 -36.73 -3.71 23.97
N GLN A 89 -35.55 -3.29 24.45
CA GLN A 89 -35.06 -1.94 24.43
C GLN A 89 -34.88 -1.38 23.02
N CYS A 90 -34.74 -2.28 22.03
CA CYS A 90 -34.42 -2.00 20.66
C CYS A 90 -35.61 -2.29 19.74
N ASP A 91 -36.86 -2.47 20.27
CA ASP A 91 -38.08 -2.72 19.51
C ASP A 91 -38.37 -1.62 18.47
N GLY A 92 -37.97 -0.35 18.72
CA GLY A 92 -38.18 0.77 17.79
C GLY A 92 -37.27 0.76 16.58
N PHE A 93 -36.28 -0.16 16.55
CA PHE A 93 -35.36 -0.31 15.44
C PHE A 93 -35.79 -1.36 14.45
N GLN A 94 -36.99 -1.95 14.61
CA GLN A 94 -37.48 -2.96 13.70
C GLN A 94 -37.64 -2.50 12.26
N ASN A 95 -36.99 -3.22 11.31
CA ASN A 95 -37.08 -3.00 9.88
C ASN A 95 -36.41 -1.71 9.40
N LYS A 96 -35.58 -1.07 10.24
CA LYS A 96 -34.85 0.11 9.90
C LYS A 96 -33.75 -0.12 8.88
N LYS A 97 -33.44 0.91 8.07
CA LYS A 97 -32.31 0.91 7.17
C LYS A 97 -31.41 2.05 7.57
N TRP A 98 -30.16 2.02 7.09
CA TRP A 98 -29.20 3.05 7.36
C TRP A 98 -28.10 3.03 6.31
N ASP A 99 -27.43 4.17 6.10
CA ASP A 99 -26.14 4.27 5.47
C ASP A 99 -25.07 4.07 6.55
N LEU A 100 -25.23 4.70 7.72
CA LEU A 100 -24.29 4.52 8.82
C LEU A 100 -24.98 4.26 10.14
N PHE A 101 -24.68 3.12 10.77
CA PHE A 101 -25.14 2.78 12.10
C PHE A 101 -24.11 3.29 13.11
N VAL A 102 -24.53 4.04 14.15
CA VAL A 102 -23.61 4.59 15.12
C VAL A 102 -23.79 3.86 16.44
N GLU A 103 -22.78 3.08 16.87
CA GLU A 103 -22.79 2.40 18.16
C GLU A 103 -22.18 3.28 19.21
N ARG A 104 -22.86 3.40 20.36
CA ARG A 104 -22.40 4.19 21.48
C ARG A 104 -21.66 3.35 22.49
N SER A 105 -20.73 3.95 23.27
CA SER A 105 -19.97 3.22 24.27
C SER A 105 -20.77 2.89 25.51
N LYS A 106 -21.88 3.61 25.70
CA LYS A 106 -22.80 3.47 26.80
C LYS A 106 -23.77 2.32 26.62
N ALA A 107 -23.81 1.73 25.39
CA ALA A 107 -24.71 0.67 25.02
C ALA A 107 -24.57 -0.57 25.87
N TYR A 108 -25.70 -1.23 26.15
CA TYR A 108 -25.69 -2.35 27.05
C TYR A 108 -26.85 -3.24 26.66
N SER A 109 -26.66 -4.55 26.85
CA SER A 109 -27.67 -5.56 26.54
C SER A 109 -28.53 -5.80 27.79
N ASN A 110 -29.86 -6.01 27.68
CA ASN A 110 -30.74 -6.20 28.83
C ASN A 110 -31.80 -7.27 28.59
N CYS A 111 -31.47 -8.24 27.72
CA CYS A 111 -32.26 -9.44 27.50
C CYS A 111 -31.48 -10.62 28.03
N TYR A 112 -31.76 -11.83 27.50
CA TYR A 112 -31.08 -13.04 27.90
C TYR A 112 -29.57 -12.96 27.58
N PRO A 113 -28.63 -13.36 28.43
CA PRO A 113 -27.20 -13.40 28.12
C PRO A 113 -26.82 -14.23 26.90
N TYR A 114 -26.03 -13.66 25.98
CA TYR A 114 -25.69 -14.36 24.78
C TYR A 114 -24.25 -14.12 24.39
N ASP A 115 -23.69 -15.02 23.59
CA ASP A 115 -22.43 -14.84 22.92
C ASP A 115 -22.65 -15.14 21.44
N VAL A 116 -21.77 -14.60 20.58
CA VAL A 116 -21.79 -14.91 19.16
C VAL A 116 -20.37 -15.37 18.80
N PRO A 117 -20.09 -16.63 18.46
CA PRO A 117 -18.87 -17.02 17.76
C PRO A 117 -18.70 -16.26 16.47
N ASP A 118 -17.55 -15.60 16.26
CA ASP A 118 -17.34 -14.73 15.14
C ASP A 118 -18.34 -13.55 15.08
N TYR A 119 -18.57 -12.92 16.27
CA TYR A 119 -19.40 -11.75 16.49
C TYR A 119 -19.08 -10.60 15.54
N ALA A 120 -17.78 -10.38 15.33
CA ALA A 120 -17.24 -9.36 14.46
C ALA A 120 -17.68 -9.55 13.00
N SER A 121 -17.63 -10.78 12.46
CA SER A 121 -18.14 -11.08 11.12
C SER A 121 -19.64 -10.89 10.98
N LEU A 122 -20.44 -11.32 11.98
CA LEU A 122 -21.88 -11.09 11.95
C LEU A 122 -22.25 -9.62 11.99
N ARG A 123 -21.62 -8.86 12.90
CA ARG A 123 -21.80 -7.42 13.00
C ARG A 123 -21.42 -6.70 11.73
N SER A 124 -20.30 -7.11 11.11
CA SER A 124 -19.84 -6.60 9.83
C SER A 124 -20.82 -6.84 8.69
N LEU A 125 -21.29 -8.10 8.49
CA LEU A 125 -22.16 -8.39 7.37
C LEU A 125 -23.52 -7.71 7.45
N VAL A 126 -24.11 -7.60 8.67
CA VAL A 126 -25.34 -6.86 8.90
C VAL A 126 -25.15 -5.37 8.66
N ALA A 127 -24.04 -4.78 9.16
CA ALA A 127 -23.71 -3.38 9.00
C ALA A 127 -23.55 -2.96 7.55
N SER A 128 -22.84 -3.79 6.76
CA SER A 128 -22.66 -3.66 5.32
C SER A 128 -23.95 -3.81 4.54
N SER A 129 -24.85 -4.73 5.00
CA SER A 129 -26.18 -4.93 4.43
C SER A 129 -27.08 -3.71 4.57
N GLY A 130 -27.04 -3.06 5.75
CA GLY A 130 -27.68 -1.77 5.93
C GLY A 130 -29.15 -1.80 6.17
N THR A 131 -29.69 -2.95 6.58
CA THR A 131 -31.10 -3.13 6.77
C THR A 131 -31.35 -4.13 7.87
N LEU A 132 -32.43 -3.92 8.64
CA LEU A 132 -33.00 -4.84 9.60
C LEU A 132 -34.36 -5.34 9.15
N GLU A 133 -34.70 -5.18 7.84
CA GLU A 133 -35.91 -5.74 7.24
C GLU A 133 -36.09 -7.23 7.48
N PHE A 134 -37.18 -7.58 8.16
CA PHE A 134 -37.45 -8.92 8.63
C PHE A 134 -38.79 -9.37 8.10
N LYS A 135 -38.85 -10.62 7.60
CA LYS A 135 -40.08 -11.23 7.17
C LYS A 135 -40.27 -12.47 7.97
N ASN A 136 -41.42 -12.55 8.69
CA ASN A 136 -41.84 -13.72 9.45
C ASN A 136 -42.15 -14.89 8.54
N GLU A 137 -41.79 -16.11 8.98
CA GLU A 137 -42.09 -17.33 8.26
C GLU A 137 -42.73 -18.33 9.17
N SER A 138 -43.71 -19.08 8.61
CA SER A 138 -44.47 -20.06 9.35
C SER A 138 -43.79 -21.39 9.35
N PHE A 139 -42.94 -21.62 10.37
CA PHE A 139 -42.29 -22.90 10.60
C PHE A 139 -43.23 -23.86 11.30
N ASN A 140 -43.15 -25.15 10.97
CA ASN A 140 -43.96 -26.16 11.60
C ASN A 140 -43.22 -26.70 12.82
N TRP A 141 -43.52 -26.13 14.01
CA TRP A 141 -43.01 -26.61 15.28
C TRP A 141 -44.03 -27.51 15.97
N THR A 142 -44.58 -28.51 15.28
CA THR A 142 -45.44 -29.53 15.88
C THR A 142 -44.75 -30.36 16.92
N GLY A 143 -45.35 -30.43 18.12
CA GLY A 143 -44.88 -31.28 19.20
C GLY A 143 -44.11 -30.59 20.27
N VAL A 144 -43.90 -29.26 20.17
CA VAL A 144 -43.16 -28.51 21.17
C VAL A 144 -43.92 -27.26 21.56
N THR A 145 -43.60 -26.71 22.74
CA THR A 145 -44.17 -25.47 23.27
C THR A 145 -43.38 -24.32 22.67
N GLN A 146 -44.08 -23.33 22.10
CA GLN A 146 -43.49 -22.17 21.48
C GLN A 146 -43.53 -20.98 22.40
N ASN A 147 -42.78 -19.92 22.03
CA ASN A 147 -42.79 -18.63 22.71
C ASN A 147 -42.33 -18.70 24.15
N GLY A 148 -41.27 -19.50 24.41
CA GLY A 148 -40.57 -19.53 25.68
C GLY A 148 -40.03 -18.18 26.08
N THR A 149 -39.94 -17.94 27.39
CA THR A 149 -39.96 -16.59 27.93
C THR A 149 -39.15 -16.58 29.20
N SER A 150 -38.54 -15.44 29.56
CA SER A 150 -37.66 -15.34 30.70
C SER A 150 -37.83 -14.02 31.42
N SER A 151 -37.51 -14.02 32.74
CA SER A 151 -37.50 -12.87 33.63
C SER A 151 -36.24 -12.04 33.44
N ALA A 152 -35.25 -12.57 32.67
CA ALA A 152 -34.04 -11.86 32.29
C ALA A 152 -34.27 -10.93 31.11
N CYS A 153 -35.45 -11.03 30.46
CA CYS A 153 -35.74 -10.24 29.29
C CYS A 153 -37.17 -9.74 29.38
N ILE A 154 -37.42 -8.68 30.18
CA ILE A 154 -38.77 -8.19 30.36
C ILE A 154 -39.08 -7.13 29.32
N ARG A 155 -40.25 -7.23 28.66
CA ARG A 155 -40.68 -6.26 27.66
C ARG A 155 -41.56 -5.19 28.28
N GLY A 156 -42.89 -5.23 28.05
CA GLY A 156 -43.83 -4.29 28.65
C GLY A 156 -44.27 -4.75 30.01
N SER A 157 -43.28 -4.86 30.93
CA SER A 157 -43.42 -5.25 32.33
C SER A 157 -43.79 -6.70 32.53
N SER A 158 -43.77 -7.48 31.44
CA SER A 158 -44.04 -8.90 31.39
C SER A 158 -42.75 -9.56 30.96
N SER A 159 -42.49 -10.77 31.49
CA SER A 159 -41.40 -11.65 31.08
C SER A 159 -41.52 -11.97 29.61
N SER A 160 -40.40 -11.90 28.87
CA SER A 160 -40.44 -12.07 27.43
C SER A 160 -39.12 -12.63 26.94
N PHE A 161 -38.78 -12.35 25.69
CA PHE A 161 -37.65 -12.88 24.99
C PHE A 161 -37.30 -11.98 23.83
N PHE A 162 -36.21 -12.31 23.10
CA PHE A 162 -35.81 -11.69 21.84
C PHE A 162 -36.92 -11.76 20.81
N SER A 163 -37.29 -10.62 20.20
CA SER A 163 -38.46 -10.52 19.31
C SER A 163 -38.35 -11.35 18.04
N ARG A 164 -37.13 -11.63 17.58
CA ARG A 164 -36.88 -12.38 16.36
C ARG A 164 -36.57 -13.84 16.59
N LEU A 165 -36.54 -14.28 17.85
CA LEU A 165 -36.23 -15.63 18.22
C LEU A 165 -37.38 -16.28 18.94
N ASN A 166 -37.55 -17.59 18.73
CA ASN A 166 -38.61 -18.39 19.28
C ASN A 166 -38.00 -19.46 20.14
N TRP A 167 -38.15 -19.34 21.46
CA TRP A 167 -37.64 -20.36 22.35
C TRP A 167 -38.63 -21.53 22.40
N LEU A 168 -38.18 -22.73 21.99
CA LEU A 168 -38.96 -23.94 22.01
C LEU A 168 -38.65 -24.79 23.24
N THR A 169 -39.69 -25.29 23.92
CA THR A 169 -39.58 -26.16 25.08
C THR A 169 -40.44 -27.39 24.88
N HIS A 170 -40.36 -28.38 25.80
CA HIS A 170 -41.21 -29.57 25.76
C HIS A 170 -42.70 -29.26 25.79
N LEU A 171 -43.52 -30.15 25.19
CA LEU A 171 -44.95 -30.09 25.36
C LEU A 171 -45.38 -31.46 25.86
N ASN A 172 -46.10 -31.49 27.00
CA ASN A 172 -46.53 -32.72 27.67
C ASN A 172 -45.35 -33.59 28.11
N TYR A 173 -44.22 -32.96 28.47
CA TYR A 173 -42.99 -33.60 28.93
C TYR A 173 -42.26 -34.40 27.85
N THR A 174 -42.47 -34.05 26.57
CA THR A 174 -41.86 -34.74 25.45
C THR A 174 -41.33 -33.68 24.52
N TYR A 175 -40.11 -33.88 23.98
CA TYR A 175 -39.57 -33.05 22.93
C TYR A 175 -39.30 -34.02 21.80
N PRO A 176 -40.14 -34.18 20.79
CA PRO A 176 -39.87 -35.08 19.67
C PRO A 176 -38.72 -34.55 18.83
N ALA A 177 -38.01 -35.43 18.10
CA ALA A 177 -37.01 -35.01 17.15
C ALA A 177 -37.60 -34.16 16.04
N LEU A 178 -37.12 -32.92 15.90
CA LEU A 178 -37.60 -32.01 14.89
C LEU A 178 -36.84 -32.21 13.60
N ASN A 179 -37.50 -31.96 12.47
CA ASN A 179 -36.90 -32.13 11.16
C ASN A 179 -37.61 -31.17 10.24
N VAL A 180 -37.34 -29.86 10.43
CA VAL A 180 -38.18 -28.80 9.89
C VAL A 180 -37.49 -28.15 8.71
N THR A 181 -38.22 -27.89 7.61
CA THR A 181 -37.63 -27.39 6.38
C THR A 181 -38.27 -26.09 5.97
N MET A 182 -37.48 -25.23 5.32
CA MET A 182 -37.99 -24.01 4.73
C MET A 182 -37.26 -23.72 3.42
N PRO A 183 -37.88 -23.76 2.24
CA PRO A 183 -37.19 -23.48 0.99
C PRO A 183 -37.07 -21.99 0.71
N ASN A 184 -35.99 -21.57 0.04
CA ASN A 184 -35.93 -20.25 -0.53
C ASN A 184 -36.40 -20.35 -1.98
N LYS A 185 -37.65 -19.93 -2.23
CA LYS A 185 -38.21 -19.86 -3.57
C LYS A 185 -38.35 -18.41 -4.02
N GLU A 186 -37.64 -17.49 -3.35
CA GLU A 186 -37.63 -16.09 -3.67
C GLU A 186 -36.51 -15.82 -4.66
N GLN A 187 -36.19 -14.54 -4.90
CA GLN A 187 -35.13 -14.13 -5.82
C GLN A 187 -34.03 -13.39 -5.10
N PHE A 188 -34.05 -13.40 -3.75
CA PHE A 188 -33.09 -12.75 -2.92
C PHE A 188 -32.62 -13.72 -1.86
N ASP A 189 -31.42 -13.48 -1.32
CA ASP A 189 -30.85 -14.25 -0.23
C ASP A 189 -31.59 -14.00 1.07
N LYS A 190 -31.63 -15.02 1.94
CA LYS A 190 -32.26 -14.92 3.23
C LYS A 190 -31.21 -15.10 4.29
N LEU A 191 -31.19 -14.21 5.30
CA LEU A 191 -30.32 -14.33 6.43
C LEU A 191 -31.12 -14.85 7.62
N TYR A 192 -30.82 -16.07 8.08
CA TYR A 192 -31.45 -16.68 9.23
C TYR A 192 -30.56 -16.54 10.45
N ILE A 193 -31.12 -16.06 11.58
CA ILE A 193 -30.42 -15.97 12.85
C ILE A 193 -31.09 -16.92 13.82
N TRP A 194 -30.32 -17.81 14.47
CA TRP A 194 -30.84 -18.78 15.40
C TRP A 194 -29.83 -18.97 16.52
N GLY A 195 -30.19 -19.72 17.56
CA GLY A 195 -29.26 -19.94 18.66
C GLY A 195 -29.38 -21.28 19.30
N VAL A 196 -28.50 -21.53 20.27
CA VAL A 196 -28.46 -22.72 21.08
C VAL A 196 -28.45 -22.32 22.53
N HIS A 197 -29.35 -22.88 23.35
CA HIS A 197 -29.37 -22.61 24.77
C HIS A 197 -28.51 -23.59 25.53
N HIS A 198 -27.67 -23.07 26.44
CA HIS A 198 -26.86 -23.86 27.35
C HIS A 198 -27.38 -23.62 28.76
N PRO A 199 -28.20 -24.49 29.37
CA PRO A 199 -28.65 -24.37 30.75
C PRO A 199 -27.52 -24.50 31.75
N GLY A 200 -27.67 -23.89 32.95
CA GLY A 200 -26.62 -23.98 33.96
C GLY A 200 -26.64 -25.25 34.78
N THR A 201 -27.72 -26.05 34.66
CA THR A 201 -27.86 -27.29 35.39
C THR A 201 -28.45 -28.33 34.47
N ASP A 202 -28.18 -29.63 34.75
CA ASP A 202 -28.87 -30.76 34.16
C ASP A 202 -30.35 -30.70 34.50
N LYS A 203 -30.71 -30.20 35.71
CA LYS A 203 -32.08 -30.01 36.13
C LYS A 203 -32.91 -29.09 35.24
N ASP A 204 -32.38 -27.89 34.88
CA ASP A 204 -33.00 -26.93 33.98
C ASP A 204 -33.13 -27.50 32.58
N GLN A 205 -32.11 -28.27 32.12
CA GLN A 205 -32.16 -29.00 30.87
C GLN A 205 -33.34 -29.97 30.80
N ILE A 206 -33.55 -30.78 31.85
CA ILE A 206 -34.72 -31.66 31.96
C ILE A 206 -36.02 -30.90 32.03
N PHE A 207 -36.09 -29.85 32.86
CA PHE A 207 -37.28 -29.03 33.05
C PHE A 207 -37.74 -28.38 31.74
N LEU A 208 -36.79 -27.85 30.95
CA LEU A 208 -37.07 -27.21 29.69
C LEU A 208 -37.32 -28.14 28.52
N TYR A 209 -36.47 -29.18 28.34
CA TYR A 209 -36.49 -29.93 27.12
C TYR A 209 -36.80 -31.41 27.30
N ALA A 210 -36.89 -31.91 28.55
CA ALA A 210 -37.16 -33.29 28.91
C ALA A 210 -35.94 -34.20 28.74
N GLN A 211 -35.34 -34.14 27.55
CA GLN A 211 -34.15 -34.83 27.11
C GLN A 211 -32.92 -34.44 27.92
N SER A 212 -32.02 -35.41 28.20
CA SER A 212 -30.84 -35.16 29.02
C SER A 212 -29.72 -34.38 28.36
N SER A 213 -29.65 -34.44 27.02
CA SER A 213 -28.55 -33.89 26.22
C SER A 213 -29.03 -32.73 25.38
N GLY A 214 -29.75 -33.00 24.27
CA GLY A 214 -30.11 -32.00 23.28
C GLY A 214 -29.04 -31.86 22.22
N ARG A 215 -29.45 -31.53 20.98
CA ARG A 215 -28.50 -31.38 19.92
C ARG A 215 -29.17 -30.64 18.79
N ILE A 216 -28.43 -29.74 18.10
CA ILE A 216 -28.99 -28.89 17.07
C ILE A 216 -28.13 -29.01 15.85
N THR A 217 -28.77 -29.22 14.69
CA THR A 217 -28.07 -29.31 13.43
C THR A 217 -28.91 -28.60 12.41
N VAL A 218 -28.37 -27.53 11.79
CA VAL A 218 -29.05 -26.82 10.72
C VAL A 218 -28.21 -26.95 9.47
N SER A 219 -28.88 -27.17 8.34
CA SER A 219 -28.20 -27.52 7.11
C SER A 219 -28.82 -26.82 5.94
N THR A 220 -28.02 -26.64 4.88
CA THR A 220 -28.46 -26.22 3.55
C THR A 220 -27.98 -27.29 2.62
N LYS A 221 -28.14 -27.10 1.29
CA LYS A 221 -27.46 -27.96 0.33
C LYS A 221 -25.95 -27.90 0.42
N ARG A 222 -25.40 -26.70 0.75
CA ARG A 222 -23.98 -26.42 0.76
C ARG A 222 -23.33 -26.41 2.14
N SER A 223 -24.09 -26.33 3.25
CA SER A 223 -23.50 -26.14 4.57
C SER A 223 -24.17 -26.98 5.62
N GLN A 224 -23.45 -27.22 6.73
CA GLN A 224 -23.98 -27.85 7.92
C GLN A 224 -23.38 -27.12 9.10
N GLN A 225 -24.23 -26.73 10.06
CA GLN A 225 -23.80 -26.24 11.35
C GLN A 225 -24.39 -27.13 12.41
N ALA A 226 -23.54 -27.93 13.08
CA ALA A 226 -23.92 -28.88 14.10
C ALA A 226 -23.40 -28.40 15.44
N VAL A 227 -24.30 -28.13 16.39
CA VAL A 227 -23.98 -27.56 17.67
C VAL A 227 -24.46 -28.49 18.76
N ILE A 228 -23.57 -28.81 19.72
CA ILE A 228 -23.89 -29.63 20.86
C ILE A 228 -23.90 -28.68 22.05
N PRO A 229 -25.02 -28.44 22.75
CA PRO A 229 -25.05 -27.60 23.94
C PRO A 229 -24.14 -28.10 25.06
N ASN A 230 -23.68 -27.17 25.91
CA ASN A 230 -22.82 -27.46 27.02
C ASN A 230 -23.54 -27.04 28.27
N ILE A 231 -24.00 -28.04 29.04
CA ILE A 231 -24.60 -27.81 30.34
C ILE A 231 -23.54 -27.40 31.35
N GLY A 232 -23.79 -26.29 32.07
CA GLY A 232 -22.80 -25.84 33.01
C GLY A 232 -22.97 -24.40 33.36
N SER A 233 -22.68 -24.06 34.63
CA SER A 233 -22.80 -22.70 35.13
C SER A 233 -21.59 -21.89 34.74
N ARG A 234 -21.83 -20.71 34.16
CA ARG A 234 -20.82 -19.74 33.85
C ARG A 234 -20.93 -18.60 34.87
N PRO A 235 -19.96 -17.70 35.05
CA PRO A 235 -20.14 -16.48 35.83
C PRO A 235 -21.39 -15.71 35.49
N ARG A 236 -22.17 -15.28 36.51
CA ARG A 236 -23.45 -14.69 36.23
C ARG A 236 -23.40 -13.31 35.55
N ILE A 237 -24.13 -13.15 34.43
CA ILE A 237 -24.36 -11.85 33.82
C ILE A 237 -25.77 -11.52 34.19
N ARG A 238 -25.96 -10.37 34.90
CA ARG A 238 -27.23 -9.93 35.50
C ARG A 238 -28.02 -11.04 36.17
N ASP A 239 -27.31 -11.80 37.02
CA ASP A 239 -27.82 -12.92 37.78
C ASP A 239 -28.08 -14.21 37.01
N ILE A 240 -27.60 -14.34 35.75
CA ILE A 240 -27.89 -15.51 34.93
C ILE A 240 -26.61 -16.31 34.62
N PRO A 241 -26.50 -17.58 35.02
CA PRO A 241 -25.28 -18.36 34.86
C PRO A 241 -25.31 -19.15 33.56
N SER A 242 -26.42 -19.14 32.84
CA SER A 242 -26.63 -19.85 31.59
C SER A 242 -26.48 -18.91 30.42
N ARG A 243 -26.39 -19.46 29.18
CA ARG A 243 -26.12 -18.66 28.01
C ARG A 243 -26.85 -19.16 26.80
N ILE A 244 -26.98 -18.27 25.80
CA ILE A 244 -27.43 -18.60 24.46
C ILE A 244 -26.30 -18.28 23.50
N SER A 245 -25.87 -19.24 22.70
CA SER A 245 -24.85 -19.02 21.68
C SER A 245 -25.58 -18.77 20.36
N ILE A 246 -25.26 -17.69 19.64
CA ILE A 246 -25.96 -17.27 18.42
C ILE A 246 -25.20 -17.63 17.17
N TYR A 247 -25.91 -18.13 16.15
CA TYR A 247 -25.34 -18.55 14.89
C TYR A 247 -26.19 -17.97 13.78
N TRP A 248 -25.65 -17.92 12.56
CA TRP A 248 -26.37 -17.43 11.42
C TRP A 248 -26.17 -18.35 10.24
N THR A 249 -27.12 -18.34 9.27
CA THR A 249 -27.02 -19.07 8.01
C THR A 249 -27.56 -18.15 6.95
N ILE A 250 -26.95 -18.21 5.75
CA ILE A 250 -27.49 -17.55 4.58
C ILE A 250 -27.98 -18.62 3.65
N VAL A 251 -29.23 -18.48 3.17
CA VAL A 251 -29.87 -19.40 2.25
C VAL A 251 -30.18 -18.64 0.99
N LYS A 252 -29.56 -19.03 -0.14
CA LYS A 252 -29.76 -18.42 -1.44
C LYS A 252 -30.98 -18.99 -2.17
N PRO A 253 -31.55 -18.36 -3.19
CA PRO A 253 -32.62 -18.91 -4.01
C PRO A 253 -32.38 -20.31 -4.56
N GLY A 254 -33.33 -21.24 -4.38
CA GLY A 254 -33.21 -22.62 -4.83
C GLY A 254 -32.58 -23.55 -3.82
N ASP A 255 -32.03 -22.98 -2.72
CA ASP A 255 -31.53 -23.68 -1.57
C ASP A 255 -32.63 -23.76 -0.50
N ILE A 256 -32.38 -24.57 0.53
CA ILE A 256 -33.36 -24.96 1.52
C ILE A 256 -32.69 -24.94 2.87
N LEU A 257 -33.34 -24.34 3.88
CA LEU A 257 -32.92 -24.47 5.25
C LEU A 257 -33.56 -25.72 5.84
N LEU A 258 -32.79 -26.53 6.58
CA LEU A 258 -33.28 -27.71 7.26
C LEU A 258 -32.80 -27.66 8.71
N ILE A 259 -33.72 -27.74 9.69
CA ILE A 259 -33.41 -27.65 11.11
C ILE A 259 -33.79 -28.95 11.80
N ASN A 260 -32.77 -29.72 12.24
CA ASN A 260 -32.92 -30.85 13.13
C ASN A 260 -32.60 -30.36 14.52
N SER A 261 -33.49 -30.67 15.49
CA SER A 261 -33.22 -30.43 16.88
C SER A 261 -33.84 -31.52 17.71
N THR A 262 -33.06 -32.05 18.68
CA THR A 262 -33.50 -32.93 19.74
C THR A 262 -33.49 -32.20 21.07
N GLY A 263 -33.46 -30.85 21.04
CA GLY A 263 -33.55 -30.02 22.24
C GLY A 263 -32.65 -28.83 22.11
N ASN A 264 -32.89 -27.79 22.95
CA ASN A 264 -31.99 -26.66 23.17
C ASN A 264 -31.92 -25.65 22.06
N LEU A 265 -32.85 -25.75 21.09
CA LEU A 265 -32.90 -24.90 19.93
C LEU A 265 -33.63 -23.61 20.22
N ILE A 266 -32.94 -22.47 19.99
CA ILE A 266 -33.56 -21.17 19.95
C ILE A 266 -33.85 -20.91 18.49
N ALA A 267 -35.13 -21.02 18.11
CA ALA A 267 -35.55 -21.05 16.73
C ALA A 267 -35.66 -19.65 16.11
N PRO A 268 -35.47 -19.47 14.81
CA PRO A 268 -35.81 -18.24 14.11
C PRO A 268 -37.30 -18.11 13.91
N ARG A 269 -37.83 -16.88 13.81
CA ARG A 269 -39.21 -16.64 13.47
C ARG A 269 -39.40 -16.26 12.00
N GLY A 270 -38.30 -16.25 11.24
CA GLY A 270 -38.31 -15.79 9.87
C GLY A 270 -36.90 -15.46 9.50
N TYR A 271 -36.74 -14.64 8.47
CA TYR A 271 -35.45 -14.29 7.93
C TYR A 271 -35.32 -12.79 7.82
N PHE A 272 -34.06 -12.32 7.82
CA PHE A 272 -33.71 -10.97 7.49
C PHE A 272 -33.41 -10.92 6.02
N LYS A 273 -33.89 -9.87 5.34
CA LYS A 273 -33.37 -9.51 4.04
C LYS A 273 -31.92 -9.09 4.13
N ILE A 274 -31.09 -9.51 3.17
CA ILE A 274 -29.70 -9.12 3.13
C ILE A 274 -29.48 -8.41 1.81
N ARG A 275 -28.86 -7.23 1.86
CA ARG A 275 -28.59 -6.40 0.72
C ARG A 275 -27.11 -6.16 0.61
N SER A 276 -26.70 -5.59 -0.52
CA SER A 276 -25.35 -5.13 -0.74
C SER A 276 -25.45 -3.65 -1.05
N GLY A 277 -24.54 -2.84 -0.49
CA GLY A 277 -24.57 -1.43 -0.80
C GLY A 277 -23.46 -0.71 -0.10
N LYS A 278 -23.70 0.57 0.23
CA LYS A 278 -22.68 1.45 0.78
C LYS A 278 -22.75 1.54 2.29
N SER A 279 -23.53 0.67 2.95
CA SER A 279 -23.79 0.81 4.37
C SER A 279 -22.63 0.38 5.24
N SER A 280 -22.54 0.92 6.47
CA SER A 280 -21.46 0.60 7.39
C SER A 280 -21.92 0.89 8.81
N ILE A 281 -21.00 0.66 9.77
CA ILE A 281 -21.16 0.91 11.17
C ILE A 281 -19.95 1.64 11.70
N MET A 282 -20.12 2.48 12.75
CA MET A 282 -19.04 3.20 13.35
C MET A 282 -19.27 3.31 14.84
N ARG A 283 -18.20 3.18 15.64
CA ARG A 283 -18.26 3.43 17.07
C ARG A 283 -17.96 4.89 17.34
N SER A 284 -18.85 5.62 18.03
CA SER A 284 -18.65 7.02 18.31
C SER A 284 -19.59 7.46 19.40
N ASP A 285 -19.16 8.45 20.21
CA ASP A 285 -19.97 9.06 21.25
C ASP A 285 -20.29 10.50 20.87
N ALA A 286 -19.93 10.95 19.63
CA ALA A 286 -20.29 12.28 19.16
C ALA A 286 -21.81 12.45 18.98
N PRO A 287 -22.47 13.52 19.43
CA PRO A 287 -23.88 13.76 19.19
C PRO A 287 -24.23 13.84 17.71
N ILE A 288 -25.49 13.52 17.36
CA ILE A 288 -26.01 13.72 16.03
C ILE A 288 -26.49 15.14 15.93
N GLY A 289 -26.05 15.89 14.90
CA GLY A 289 -26.39 17.28 14.68
C GLY A 289 -27.25 17.43 13.48
N LYS A 290 -28.05 18.52 13.47
CA LYS A 290 -28.93 18.86 12.36
C LYS A 290 -28.15 19.67 11.34
N CYS A 291 -27.39 19.00 10.47
CA CYS A 291 -26.45 19.68 9.59
C CYS A 291 -26.16 18.81 8.39
N LYS A 292 -25.37 19.31 7.43
CA LYS A 292 -25.07 18.56 6.23
C LYS A 292 -23.58 18.49 6.01
N SER A 293 -23.00 17.26 6.04
CA SER A 293 -21.58 17.07 5.75
C SER A 293 -21.38 15.68 5.20
N GLU A 294 -20.53 15.53 4.16
CA GLU A 294 -20.31 14.29 3.45
C GLU A 294 -19.35 13.33 4.11
N CYS A 295 -18.44 13.85 4.96
CA CYS A 295 -17.42 13.03 5.60
C CYS A 295 -17.69 12.94 7.08
N ILE A 296 -17.78 11.70 7.59
CA ILE A 296 -18.04 11.41 8.99
C ILE A 296 -16.81 10.74 9.59
N THR A 297 -16.38 11.18 10.79
CA THR A 297 -15.37 10.51 11.60
C THR A 297 -16.00 10.19 12.94
N PRO A 298 -15.43 9.35 13.81
CA PRO A 298 -15.89 9.18 15.18
C PRO A 298 -15.78 10.43 16.03
N ASN A 299 -14.95 11.40 15.63
CA ASN A 299 -14.81 12.66 16.32
C ASN A 299 -15.91 13.64 15.91
N GLY A 300 -16.67 13.31 14.84
CA GLY A 300 -17.71 14.15 14.27
C GLY A 300 -17.46 14.32 12.81
N SER A 301 -18.38 14.97 12.10
CA SER A 301 -18.21 15.29 10.70
C SER A 301 -17.11 16.30 10.42
N ILE A 302 -16.36 16.15 9.31
CA ILE A 302 -15.26 17.05 8.97
C ILE A 302 -15.53 17.67 7.60
N PRO A 303 -15.16 18.92 7.29
CA PRO A 303 -15.00 19.40 5.91
C PRO A 303 -14.15 18.50 5.01
N ASN A 304 -14.47 18.43 3.71
CA ASN A 304 -13.74 17.62 2.75
C ASN A 304 -13.13 18.44 1.63
N ASP A 305 -12.96 19.77 1.80
CA ASP A 305 -12.29 20.63 0.83
C ASP A 305 -10.82 20.24 0.64
N LYS A 306 -10.16 19.86 1.75
CA LYS A 306 -8.77 19.50 1.78
C LYS A 306 -8.53 18.06 1.33
N PRO A 307 -7.38 17.71 0.75
CA PRO A 307 -7.14 16.36 0.26
C PRO A 307 -6.75 15.42 1.39
N PHE A 308 -6.24 15.96 2.52
CA PHE A 308 -5.75 15.15 3.62
C PHE A 308 -6.35 15.57 4.93
N GLN A 309 -6.29 14.70 5.94
CA GLN A 309 -6.83 14.95 7.25
C GLN A 309 -6.04 14.21 8.29
N ASN A 310 -6.06 14.73 9.52
CA ASN A 310 -5.31 14.25 10.67
C ASN A 310 -6.25 13.91 11.81
N VAL A 311 -7.57 13.89 11.56
CA VAL A 311 -8.56 13.76 12.62
C VAL A 311 -8.74 12.32 13.05
N ASN A 312 -8.98 11.40 12.09
CA ASN A 312 -9.15 10.02 12.45
C ASN A 312 -8.90 9.13 11.26
N ARG A 313 -8.29 7.95 11.45
CA ARG A 313 -8.12 6.97 10.40
C ARG A 313 -9.41 6.23 10.04
N ILE A 314 -10.41 6.28 10.94
CA ILE A 314 -11.75 5.75 10.74
C ILE A 314 -12.60 6.83 10.12
N THR A 315 -13.14 6.58 8.91
CA THR A 315 -13.92 7.54 8.18
C THR A 315 -15.06 6.84 7.48
N TYR A 316 -16.09 7.61 7.07
CA TYR A 316 -17.14 7.15 6.22
C TYR A 316 -17.52 8.31 5.31
N GLY A 317 -17.71 8.04 3.99
CA GLY A 317 -18.17 9.00 3.01
C GLY A 317 -17.06 9.54 2.14
N ALA A 318 -17.29 10.69 1.51
CA ALA A 318 -16.32 11.37 0.66
C ALA A 318 -15.33 12.16 1.51
N CYS A 319 -14.23 11.51 1.91
CA CYS A 319 -13.39 11.99 2.99
C CYS A 319 -11.99 12.31 2.51
N PRO A 320 -11.31 13.35 3.00
CA PRO A 320 -9.86 13.46 2.86
C PRO A 320 -9.10 12.23 3.35
N ARG A 321 -7.91 11.98 2.79
CA ARG A 321 -7.15 10.83 3.20
C ARG A 321 -6.40 11.06 4.50
N TYR A 322 -6.45 10.09 5.42
CA TYR A 322 -5.74 10.16 6.68
C TYR A 322 -4.22 10.14 6.48
N VAL A 323 -3.51 11.11 7.07
CA VAL A 323 -2.08 11.20 7.04
C VAL A 323 -1.62 11.48 8.45
N LYS A 324 -0.33 11.23 8.73
CA LYS A 324 0.24 11.43 10.05
C LYS A 324 0.70 12.85 10.33
N HIS A 325 0.93 13.66 9.28
CA HIS A 325 1.30 15.06 9.44
C HIS A 325 0.20 15.91 10.00
N SER A 326 0.54 16.83 10.91
CA SER A 326 -0.45 17.72 11.48
C SER A 326 -0.75 18.94 10.61
N THR A 327 0.17 19.29 9.69
CA THR A 327 0.09 20.44 8.81
C THR A 327 0.89 20.15 7.58
N LEU A 328 0.40 20.59 6.42
CA LEU A 328 1.11 20.55 5.18
C LEU A 328 0.74 21.77 4.37
N LYS A 329 1.68 22.73 4.22
CA LYS A 329 1.39 23.98 3.55
C LYS A 329 1.76 23.98 2.10
N LEU A 330 0.77 24.18 1.23
CA LEU A 330 0.98 24.34 -0.18
C LEU A 330 1.13 25.81 -0.49
N ALA A 331 2.27 26.22 -1.09
CA ALA A 331 2.49 27.57 -1.55
C ALA A 331 1.54 27.97 -2.66
N THR A 332 0.90 29.14 -2.52
CA THR A 332 -0.06 29.66 -3.48
C THR A 332 0.40 31.01 -3.97
N GLY A 333 1.67 31.34 -3.71
CA GLY A 333 2.24 32.57 -4.19
C GLY A 333 3.70 32.39 -4.38
N MET A 334 4.36 33.43 -4.87
CA MET A 334 5.79 33.43 -5.05
C MET A 334 6.53 33.48 -3.75
N ARG A 335 7.84 33.31 -3.85
CA ARG A 335 8.73 33.62 -2.77
C ARG A 335 8.63 35.06 -2.25
N ASN A 336 8.61 35.28 -0.91
CA ASN A 336 8.48 36.59 -0.32
C ASN A 336 9.81 37.30 -0.02
N VAL A 337 10.94 36.58 -0.05
CA VAL A 337 12.22 37.04 0.46
C VAL A 337 13.35 36.78 -0.53
N PRO A 338 14.52 37.40 -0.47
CA PRO A 338 15.74 36.88 -1.06
C PRO A 338 16.39 35.80 -0.19
N GLU A 339 16.87 34.66 -0.76
CA GLU A 339 17.62 33.64 -0.03
C GLU A 339 18.33 32.96 -1.11
N LYS A 340 19.65 32.89 -1.01
CA LYS A 340 20.46 32.40 -2.07
C LYS A 340 20.31 30.93 -2.39
N GLN A 341 20.23 30.09 -1.34
CA GLN A 341 20.16 28.66 -1.44
C GLN A 341 18.83 28.14 -1.98
N THR A 342 17.76 28.95 -2.02
CA THR A 342 16.49 28.54 -2.60
C THR A 342 16.01 29.45 -3.66
N ARG A 343 16.89 30.30 -4.15
CA ARG A 343 16.50 31.18 -5.20
C ARG A 343 16.02 30.41 -6.38
N GLY A 344 14.94 30.88 -7.05
CA GLY A 344 14.42 30.19 -8.21
C GLY A 344 15.49 29.90 -9.23
N ILE A 345 15.24 28.92 -10.09
CA ILE A 345 16.19 28.47 -11.08
C ILE A 345 16.46 29.49 -12.17
N PHE A 346 15.66 30.56 -12.35
CA PHE A 346 15.92 31.53 -13.40
C PHE A 346 16.71 32.69 -12.85
N GLY A 347 16.71 32.86 -11.52
CA GLY A 347 17.59 33.82 -10.89
C GLY A 347 17.10 35.23 -10.87
N ALA A 348 15.80 35.49 -11.04
CA ALA A 348 15.24 36.82 -11.00
C ALA A 348 14.73 37.12 -9.60
N ILE A 349 13.70 36.39 -9.13
CA ILE A 349 13.15 36.53 -7.80
C ILE A 349 14.13 35.98 -6.80
N ALA A 350 14.52 36.80 -5.81
CA ALA A 350 15.55 36.49 -4.84
C ALA A 350 16.95 36.47 -5.44
N GLY A 351 17.08 37.06 -6.62
CA GLY A 351 18.25 36.97 -7.47
C GLY A 351 18.76 38.30 -7.88
N PHE A 352 18.72 38.61 -9.19
CA PHE A 352 19.14 39.91 -9.64
C PHE A 352 18.13 41.00 -9.30
N ILE A 353 16.87 40.62 -9.01
CA ILE A 353 15.93 41.55 -8.43
C ILE A 353 16.09 41.42 -6.93
N GLU A 354 16.63 42.47 -6.30
CA GLU A 354 17.04 42.48 -4.91
C GLU A 354 15.93 42.17 -3.91
N ASN A 355 14.74 42.75 -4.11
CA ASN A 355 13.63 42.49 -3.23
C ASN A 355 12.32 42.75 -3.93
N GLY A 356 11.22 42.24 -3.36
CA GLY A 356 9.88 42.56 -3.82
C GLY A 356 9.42 43.92 -3.35
N TRP A 357 8.25 44.33 -3.84
CA TRP A 357 7.64 45.61 -3.56
C TRP A 357 6.35 45.43 -2.77
N GLU A 358 6.34 45.81 -1.48
CA GLU A 358 5.14 45.74 -0.66
C GLU A 358 4.07 46.72 -1.07
N GLY A 359 4.48 47.85 -1.69
CA GLY A 359 3.58 48.86 -2.20
C GLY A 359 2.89 48.52 -3.50
N MET A 360 3.16 47.33 -4.09
CA MET A 360 2.43 46.87 -5.25
C MET A 360 1.37 45.87 -4.81
N VAL A 361 0.10 46.30 -4.75
CA VAL A 361 -1.00 45.53 -4.18
C VAL A 361 -2.10 45.24 -5.20
N ASP A 362 -1.89 45.62 -6.47
CA ASP A 362 -2.77 45.47 -7.61
C ASP A 362 -2.25 44.44 -8.61
N GLY A 363 -1.13 43.75 -8.28
CA GLY A 363 -0.61 42.75 -9.18
C GLY A 363 0.63 42.14 -8.59
N TRP A 364 1.10 41.03 -9.18
CA TRP A 364 2.21 40.27 -8.65
C TRP A 364 3.50 40.68 -9.29
N TYR A 365 3.44 41.25 -10.51
CA TYR A 365 4.60 41.70 -11.24
C TYR A 365 4.26 43.07 -11.77
N GLY A 366 5.27 43.89 -12.06
CA GLY A 366 4.98 45.22 -12.55
C GLY A 366 6.21 46.00 -12.86
N PHE A 367 5.97 47.28 -13.14
CA PHE A 367 6.96 48.23 -13.59
C PHE A 367 7.00 49.38 -12.62
N ARG A 368 8.21 49.88 -12.33
CA ARG A 368 8.41 51.16 -11.69
C ARG A 368 9.27 51.98 -12.61
N HIS A 369 8.99 53.28 -12.74
CA HIS A 369 9.74 54.09 -13.65
C HIS A 369 10.14 55.39 -13.01
N GLN A 370 11.18 56.02 -13.57
CA GLN A 370 11.53 57.40 -13.28
C GLN A 370 11.82 58.10 -14.58
N ASN A 371 11.14 59.23 -14.82
CA ASN A 371 11.34 60.04 -16.00
C ASN A 371 11.35 61.51 -15.63
N SER A 372 11.18 62.39 -16.63
CA SER A 372 11.05 63.83 -16.50
C SER A 372 9.80 64.28 -15.76
N GLU A 373 8.69 63.52 -15.86
CA GLU A 373 7.43 63.86 -15.24
C GLU A 373 7.27 63.27 -13.84
N GLY A 374 8.23 62.46 -13.36
CA GLY A 374 8.20 61.92 -12.02
C GLY A 374 8.56 60.47 -11.91
N ARG A 375 8.03 59.82 -10.86
CA ARG A 375 8.24 58.43 -10.56
C ARG A 375 6.88 57.76 -10.47
N GLY A 376 6.72 56.55 -11.06
CA GLY A 376 5.45 55.85 -10.98
C GLY A 376 5.61 54.37 -10.81
N GLN A 377 4.47 53.68 -10.63
CA GLN A 377 4.40 52.25 -10.47
C GLN A 377 3.15 51.78 -11.18
N ALA A 378 3.22 50.64 -11.90
CA ALA A 378 2.07 50.05 -12.53
C ALA A 378 2.23 48.54 -12.61
N ALA A 379 1.18 47.76 -12.29
CA ALA A 379 1.20 46.32 -12.41
C ALA A 379 1.09 45.79 -13.85
N ASP A 380 1.69 44.61 -14.13
CA ASP A 380 1.53 43.90 -15.39
C ASP A 380 0.48 42.82 -15.13
N LEU A 381 -0.67 42.92 -15.82
CA LEU A 381 -1.79 42.04 -15.60
C LEU A 381 -1.61 40.67 -16.22
N LYS A 382 -1.01 40.63 -17.43
CA LYS A 382 -0.86 39.41 -18.17
C LYS A 382 0.06 38.38 -17.54
N SER A 383 1.25 38.80 -17.03
CA SER A 383 2.18 37.97 -16.26
C SER A 383 1.61 37.57 -14.91
N THR A 384 0.94 38.51 -14.20
CA THR A 384 0.23 38.24 -12.93
C THR A 384 -0.79 37.15 -13.10
N GLN A 385 -1.64 37.25 -14.14
CA GLN A 385 -2.65 36.26 -14.44
C GLN A 385 -2.08 34.91 -14.83
N ALA A 386 -0.98 34.89 -15.63
CA ALA A 386 -0.32 33.67 -16.04
C ALA A 386 0.21 32.83 -14.88
N ALA A 387 0.81 33.48 -13.85
CA ALA A 387 1.21 32.85 -12.62
C ALA A 387 0.03 32.34 -11.78
N ILE A 388 -1.04 33.16 -11.63
CA ILE A 388 -2.25 32.81 -10.89
C ILE A 388 -2.97 31.62 -11.51
N ASP A 389 -3.13 31.58 -12.84
CA ASP A 389 -3.79 30.51 -13.57
C ASP A 389 -3.07 29.16 -13.35
N GLN A 390 -1.72 29.13 -13.38
CA GLN A 390 -0.93 27.94 -13.07
C GLN A 390 -1.09 27.42 -11.66
N ILE A 391 -1.09 28.32 -10.67
CA ILE A 391 -1.32 27.98 -9.27
C ILE A 391 -2.74 27.47 -9.05
N ASN A 392 -3.76 28.12 -9.65
CA ASN A 392 -5.14 27.64 -9.62
C ASN A 392 -5.30 26.27 -10.27
N GLY A 393 -4.53 25.98 -11.34
CA GLY A 393 -4.50 24.65 -11.94
C GLY A 393 -3.98 23.56 -11.03
N LYS A 394 -2.99 23.87 -10.17
CA LYS A 394 -2.56 22.99 -9.10
C LYS A 394 -3.63 22.81 -8.04
N LEU A 395 -4.26 23.92 -7.60
CA LEU A 395 -5.33 23.87 -6.61
C LEU A 395 -6.53 23.05 -7.06
N ASN A 396 -6.93 23.18 -8.33
CA ASN A 396 -7.99 22.39 -8.93
C ASN A 396 -7.70 20.90 -8.95
N ARG A 397 -6.41 20.49 -8.99
CA ARG A 397 -6.08 19.10 -8.84
C ARG A 397 -6.20 18.54 -7.43
N LEU A 398 -6.10 19.40 -6.39
CA LEU A 398 -5.97 18.98 -5.00
C LEU A 398 -7.18 19.30 -4.13
N ILE A 399 -7.90 20.40 -4.43
CA ILE A 399 -8.99 20.88 -3.62
C ILE A 399 -10.31 20.34 -4.16
N GLY A 400 -11.13 19.78 -3.25
CA GLY A 400 -12.49 19.38 -3.57
C GLY A 400 -12.66 18.18 -4.47
N LYS A 401 -11.79 17.16 -4.31
CA LYS A 401 -11.75 16.00 -5.16
C LYS A 401 -11.52 14.73 -4.36
N THR A 402 -12.05 14.70 -3.12
CA THR A 402 -11.97 13.52 -2.26
C THR A 402 -12.74 12.31 -2.78
N ASN A 403 -12.33 11.09 -2.37
CA ASN A 403 -12.89 9.86 -2.89
C ASN A 403 -13.68 9.16 -1.79
N GLU A 404 -14.85 8.62 -2.17
CA GLU A 404 -15.78 7.96 -1.29
C GLU A 404 -15.34 6.59 -0.82
N LYS A 405 -15.31 6.38 0.50
CA LYS A 405 -15.13 5.07 1.09
C LYS A 405 -16.25 4.80 2.06
N PHE A 406 -16.71 3.53 2.12
CA PHE A 406 -17.85 3.17 2.93
C PHE A 406 -17.48 2.11 3.96
N HIS A 407 -17.95 0.85 3.83
CA HIS A 407 -17.55 -0.24 4.72
C HIS A 407 -16.12 -0.66 4.47
N GLN A 408 -15.30 -0.69 5.53
CA GLN A 408 -13.89 -1.00 5.44
C GLN A 408 -13.57 -2.11 6.44
N ILE A 409 -12.42 -2.02 7.11
CA ILE A 409 -12.01 -2.92 8.17
C ILE A 409 -12.06 -2.15 9.45
N GLU A 410 -12.16 -2.85 10.60
CA GLU A 410 -11.98 -2.27 11.91
C GLU A 410 -10.55 -1.82 12.14
N LYS A 411 -10.35 -0.72 12.89
CA LYS A 411 -9.04 -0.11 13.05
C LYS A 411 -8.71 0.18 14.49
N GLU A 412 -9.65 -0.10 15.42
CA GLU A 412 -9.46 -0.01 16.84
C GLU A 412 -10.07 -1.27 17.41
N PHE A 413 -9.45 -1.81 18.48
CA PHE A 413 -9.76 -3.12 18.98
C PHE A 413 -9.73 -3.08 20.49
N SER A 414 -10.73 -3.70 21.14
CA SER A 414 -10.87 -3.67 22.57
C SER A 414 -10.26 -4.91 23.23
N GLU A 415 -10.00 -5.99 22.48
CA GLU A 415 -9.39 -7.20 23.02
C GLU A 415 -8.21 -7.65 22.18
N VAL A 416 -7.20 -8.27 22.84
CA VAL A 416 -6.14 -9.01 22.20
C VAL A 416 -6.68 -10.23 21.44
N GLU A 417 -6.25 -10.40 20.18
CA GLU A 417 -6.65 -11.53 19.35
C GLU A 417 -5.46 -12.20 18.68
N GLY A 418 -4.29 -11.53 18.57
CA GLY A 418 -3.16 -12.10 17.86
C GLY A 418 -3.28 -11.94 16.37
N ARG A 419 -3.07 -13.02 15.60
CA ARG A 419 -2.65 -12.99 14.21
C ARG A 419 -3.49 -12.19 13.22
N VAL A 420 -4.83 -12.36 13.24
CA VAL A 420 -5.73 -11.61 12.36
C VAL A 420 -5.69 -10.12 12.65
N GLN A 421 -5.72 -9.75 13.94
CA GLN A 421 -5.63 -8.38 14.39
C GLN A 421 -4.30 -7.72 14.06
N ASP A 422 -3.18 -8.46 14.18
CA ASP A 422 -1.86 -8.02 13.75
C ASP A 422 -1.86 -7.65 12.29
N LEU A 423 -2.50 -8.50 11.45
CA LEU A 423 -2.65 -8.25 10.06
C LEU A 423 -3.50 -7.03 9.71
N GLU A 424 -4.69 -6.86 10.34
CA GLU A 424 -5.55 -5.70 10.16
C GLU A 424 -4.86 -4.39 10.53
N LYS A 425 -4.13 -4.39 11.67
CA LYS A 425 -3.32 -3.26 12.10
C LYS A 425 -2.18 -2.92 11.16
N TYR A 426 -1.43 -3.94 10.69
CA TYR A 426 -0.33 -3.80 9.77
C TYR A 426 -0.76 -3.23 8.43
N VAL A 427 -1.90 -3.71 7.88
CA VAL A 427 -2.45 -3.20 6.63
C VAL A 427 -2.77 -1.72 6.70
N GLU A 428 -3.43 -1.28 7.80
CA GLU A 428 -3.73 0.13 7.99
C GLU A 428 -2.50 1.00 8.20
N ASP A 429 -1.52 0.58 9.04
CA ASP A 429 -0.26 1.29 9.27
C ASP A 429 0.52 1.45 7.96
N THR A 430 0.60 0.37 7.15
CA THR A 430 1.24 0.39 5.84
C THR A 430 0.60 1.39 4.89
N LYS A 431 -0.75 1.42 4.83
CA LYS A 431 -1.49 2.36 4.02
C LYS A 431 -1.28 3.81 4.42
N ILE A 432 -1.34 4.11 5.73
CA ILE A 432 -1.14 5.46 6.26
C ILE A 432 0.26 5.97 5.97
N ASP A 433 1.31 5.17 6.20
CA ASP A 433 2.67 5.55 5.90
C ASP A 433 2.90 5.89 4.42
N LEU A 434 2.30 5.10 3.49
CA LEU A 434 2.36 5.37 2.06
C LEU A 434 1.63 6.64 1.63
N TRP A 435 0.41 6.89 2.15
CA TRP A 435 -0.28 8.15 1.93
C TRP A 435 0.39 9.36 2.56
N SER A 436 0.96 9.21 3.78
CA SER A 436 1.76 10.24 4.43
C SER A 436 3.00 10.62 3.63
N TYR A 437 3.69 9.62 3.01
CA TYR A 437 4.77 9.86 2.05
C TYR A 437 4.31 10.62 0.81
N ASN A 438 3.18 10.20 0.20
CA ASN A 438 2.63 10.84 -1.00
C ASN A 438 2.29 12.29 -0.78
N ALA A 439 1.66 12.61 0.37
CA ALA A 439 1.35 13.95 0.78
C ALA A 439 2.57 14.84 1.01
N GLU A 440 3.61 14.34 1.69
CA GLU A 440 4.85 15.07 1.95
C GLU A 440 5.59 15.42 0.68
N LEU A 441 5.76 14.41 -0.21
CA LEU A 441 6.44 14.57 -1.48
C LEU A 441 5.69 15.50 -2.40
N LEU A 442 4.35 15.39 -2.46
CA LEU A 442 3.52 16.26 -3.27
C LEU A 442 3.71 17.71 -2.92
N VAL A 443 3.62 18.08 -1.63
CA VAL A 443 3.80 19.45 -1.21
C VAL A 443 5.19 19.98 -1.51
N ALA A 444 6.26 19.20 -1.21
CA ALA A 444 7.62 19.59 -1.48
C ALA A 444 7.90 19.84 -2.97
N LEU A 445 7.41 18.94 -3.86
CA LEU A 445 7.50 19.08 -5.30
C LEU A 445 6.72 20.24 -5.85
N GLU A 446 5.45 20.39 -5.45
CA GLU A 446 4.60 21.48 -5.89
C GLU A 446 5.14 22.83 -5.48
N ASN A 447 5.59 22.95 -4.23
CA ASN A 447 6.14 24.18 -3.71
C ASN A 447 7.41 24.61 -4.43
N GLN A 448 8.33 23.65 -4.71
CA GLN A 448 9.51 23.92 -5.52
C GLN A 448 9.14 24.43 -6.90
N HIS A 449 8.19 23.73 -7.57
CA HIS A 449 7.68 24.14 -8.87
C HIS A 449 6.96 25.48 -8.88
N THR A 450 6.16 25.79 -7.83
CA THR A 450 5.48 27.07 -7.67
C THR A 450 6.44 28.22 -7.54
N ILE A 451 7.52 28.07 -6.73
CA ILE A 451 8.58 29.05 -6.61
C ILE A 451 9.33 29.24 -7.94
N ASP A 452 9.65 28.15 -8.66
CA ASP A 452 10.29 28.21 -9.95
C ASP A 452 9.42 28.83 -11.06
N LEU A 453 8.10 28.50 -11.13
CA LEU A 453 7.20 29.09 -12.12
C LEU A 453 6.99 30.59 -11.91
N THR A 454 6.87 31.05 -10.65
CA THR A 454 6.77 32.47 -10.34
C THR A 454 8.03 33.26 -10.65
N ASP A 455 9.23 32.67 -10.42
CA ASP A 455 10.51 33.19 -10.86
C ASP A 455 10.58 33.29 -12.39
N SER A 456 10.12 32.23 -13.09
CA SER A 456 10.02 32.18 -14.55
C SER A 456 9.18 33.31 -15.14
N GLU A 457 7.97 33.57 -14.63
CA GLU A 457 7.11 34.64 -15.12
C GLU A 457 7.73 36.02 -14.98
N MET A 458 8.45 36.26 -13.87
CA MET A 458 9.25 37.47 -13.70
C MET A 458 10.35 37.61 -14.75
N ASN A 459 11.11 36.52 -15.00
CA ASN A 459 12.16 36.48 -15.99
C ASN A 459 11.64 36.71 -17.41
N LYS A 460 10.50 36.08 -17.78
CA LYS A 460 9.86 36.28 -19.08
C LYS A 460 9.44 37.71 -19.32
N LEU A 461 8.88 38.38 -18.29
CA LEU A 461 8.51 39.77 -18.38
C LEU A 461 9.72 40.67 -18.60
N PHE A 462 10.83 40.44 -17.87
CA PHE A 462 12.09 41.14 -18.05
C PHE A 462 12.68 40.97 -19.45
N GLU A 463 12.74 39.71 -19.95
CA GLU A 463 13.23 39.40 -21.29
C GLU A 463 12.41 40.01 -22.41
N LYS A 464 11.07 39.97 -22.28
CA LYS A 464 10.16 40.60 -23.21
C LYS A 464 10.33 42.11 -23.29
N THR A 465 10.48 42.77 -22.12
CA THR A 465 10.75 44.20 -22.01
C THR A 465 12.09 44.57 -22.61
N LYS A 466 13.15 43.76 -22.39
CA LYS A 466 14.46 43.96 -22.97
C LYS A 466 14.48 43.95 -24.49
N LYS A 467 13.81 42.96 -25.11
CA LYS A 467 13.69 42.85 -26.55
C LYS A 467 12.94 44.00 -27.20
N GLN A 468 11.89 44.51 -26.50
CA GLN A 468 11.11 45.65 -26.91
C GLN A 468 11.92 46.92 -27.07
N LEU A 469 12.84 47.14 -26.13
CA LEU A 469 13.66 48.34 -26.10
C LEU A 469 14.76 48.35 -27.12
N ARG A 470 15.13 47.18 -27.70
CA ARG A 470 16.17 47.06 -28.71
C ARG A 470 17.49 47.68 -28.27
N GLU A 471 18.00 48.64 -29.07
CA GLU A 471 19.23 49.33 -28.83
C GLU A 471 19.03 50.64 -28.08
N ASN A 472 17.82 50.87 -27.53
CA ASN A 472 17.49 52.16 -26.94
C ASN A 472 17.68 52.16 -25.44
N ALA A 473 18.15 51.05 -24.86
CA ALA A 473 18.28 50.93 -23.43
C ALA A 473 19.34 49.89 -23.09
N GLU A 474 19.86 49.95 -21.86
CA GLU A 474 20.82 48.98 -21.36
C GLU A 474 20.36 48.46 -20.02
N ASP A 475 20.54 47.13 -19.79
CA ASP A 475 20.30 46.45 -18.54
C ASP A 475 21.31 46.93 -17.50
N MET A 476 20.84 47.37 -16.32
CA MET A 476 21.70 47.82 -15.25
C MET A 476 22.02 46.69 -14.29
N GLY A 477 21.44 45.50 -14.51
CA GLY A 477 21.82 44.29 -13.80
C GLY A 477 21.01 43.95 -12.60
N ASN A 478 20.06 44.83 -12.23
CA ASN A 478 19.23 44.73 -11.05
C ASN A 478 17.74 44.65 -11.40
N GLY A 479 17.40 44.29 -12.65
CA GLY A 479 16.02 44.33 -13.13
C GLY A 479 15.59 45.68 -13.64
N CYS A 480 16.51 46.66 -13.69
CA CYS A 480 16.25 48.00 -14.19
C CYS A 480 16.97 48.24 -15.48
N PHE A 481 16.29 48.96 -16.39
CA PHE A 481 16.78 49.38 -17.67
C PHE A 481 17.02 50.86 -17.63
N LYS A 482 18.21 51.30 -18.09
CA LYS A 482 18.51 52.67 -18.34
C LYS A 482 18.10 52.96 -19.77
N ILE A 483 17.07 53.79 -19.95
CA ILE A 483 16.54 54.16 -21.24
C ILE A 483 17.22 55.42 -21.67
N TYR A 484 17.90 55.39 -22.83
CA TYR A 484 18.81 56.42 -23.29
C TYR A 484 18.12 57.50 -24.10
N HIS A 485 16.84 57.78 -23.83
CA HIS A 485 16.15 58.86 -24.48
C HIS A 485 15.16 59.44 -23.50
N LYS A 486 14.58 60.58 -23.89
CA LYS A 486 13.46 61.19 -23.23
C LYS A 486 12.15 60.40 -23.35
N CYS A 487 11.64 59.83 -22.23
CA CYS A 487 10.49 58.96 -22.29
C CYS A 487 9.52 59.47 -21.26
N ASP A 488 8.54 60.31 -21.69
CA ASP A 488 7.41 60.78 -20.91
C ASP A 488 6.50 59.65 -20.41
N ASN A 489 5.41 59.99 -19.70
CA ASN A 489 4.47 59.02 -19.19
C ASN A 489 3.80 58.16 -20.26
N ALA A 490 3.42 58.77 -21.41
CA ALA A 490 2.86 58.09 -22.56
C ALA A 490 3.87 57.14 -23.22
N CYS A 491 5.15 57.55 -23.33
CA CYS A 491 6.24 56.69 -23.75
C CYS A 491 6.49 55.52 -22.82
N ILE A 492 6.47 55.72 -21.48
CA ILE A 492 6.54 54.61 -20.53
C ILE A 492 5.33 53.69 -20.63
N GLU A 493 4.14 54.26 -20.79
CA GLU A 493 2.90 53.54 -20.98
C GLU A 493 2.91 52.64 -22.21
N SER A 494 3.48 53.15 -23.33
CA SER A 494 3.65 52.42 -24.59
C SER A 494 4.52 51.18 -24.43
N ILE A 495 5.60 51.26 -23.63
CA ILE A 495 6.44 50.12 -23.27
C ILE A 495 5.68 49.07 -22.48
N ARG A 496 4.90 49.51 -21.48
CA ARG A 496 4.11 48.63 -20.65
C ARG A 496 3.00 47.91 -21.39
N ASN A 497 2.35 48.57 -22.39
CA ASN A 497 1.24 47.99 -23.11
C ASN A 497 1.61 47.49 -24.52
N GLU A 498 2.91 47.36 -24.83
CA GLU A 498 3.41 46.64 -25.99
C GLU A 498 3.33 47.43 -27.31
N THR A 499 3.23 48.78 -27.27
CA THR A 499 3.09 49.63 -28.46
C THR A 499 4.28 50.51 -28.68
N TYR A 500 5.35 50.33 -27.89
CA TYR A 500 6.59 51.07 -28.03
C TYR A 500 7.26 50.86 -29.39
N ASP A 501 7.44 51.95 -30.16
CA ASP A 501 8.15 51.90 -31.41
C ASP A 501 9.58 52.37 -31.12
N HIS A 502 10.54 51.42 -31.16
CA HIS A 502 11.93 51.69 -30.92
C HIS A 502 12.57 52.59 -31.98
N ASN A 503 12.12 52.48 -33.25
CA ASN A 503 12.64 53.22 -34.40
C ASN A 503 12.50 54.71 -34.21
N VAL A 504 11.42 55.16 -33.55
CA VAL A 504 11.14 56.56 -33.24
C VAL A 504 12.26 57.23 -32.44
N TYR A 505 12.86 56.50 -31.48
CA TYR A 505 13.79 57.07 -30.52
C TYR A 505 15.22 56.59 -30.76
N ARG A 506 15.44 55.72 -31.77
CA ARG A 506 16.72 55.05 -31.97
C ARG A 506 17.90 55.97 -32.19
N ASP A 507 17.78 57.01 -33.03
CA ASP A 507 18.82 57.98 -33.29
C ASP A 507 19.25 58.76 -32.06
N GLU A 508 18.26 59.24 -31.27
CA GLU A 508 18.48 59.90 -29.99
C GLU A 508 19.17 58.98 -29.01
N ALA A 509 18.69 57.73 -28.89
CA ALA A 509 19.24 56.74 -28.01
C ALA A 509 20.67 56.29 -28.33
N LEU A 510 20.98 56.05 -29.61
CA LEU A 510 22.31 55.68 -30.06
C LEU A 510 23.35 56.77 -29.84
N ASN A 511 22.99 58.05 -30.09
CA ASN A 511 23.87 59.17 -29.81
C ASN A 511 24.22 59.26 -28.32
N ASN A 512 23.22 59.13 -27.42
CA ASN A 512 23.43 59.13 -25.99
C ASN A 512 24.24 57.93 -25.46
N ARG A 513 24.01 56.71 -25.99
CA ARG A 513 24.77 55.53 -25.62
C ARG A 513 26.23 55.52 -26.03
N PHE A 514 26.49 55.93 -27.29
CA PHE A 514 27.78 55.80 -27.94
C PHE A 514 28.39 57.16 -28.19
N GLN A 515 29.12 57.66 -27.18
CA GLN A 515 29.73 58.97 -27.16
C GLN A 515 30.98 58.84 -26.32
N ILE A 516 31.47 59.94 -25.71
CA ILE A 516 32.60 60.08 -24.82
C ILE A 516 32.02 61.02 -23.71
N ALA B 25 41.17 41.76 -23.30
CA ALA B 25 41.37 40.60 -22.37
C ALA B 25 40.30 39.55 -22.58
N THR B 26 40.44 38.36 -21.98
CA THR B 26 39.46 37.29 -22.12
C THR B 26 39.10 36.83 -20.73
N LEU B 27 37.79 36.68 -20.45
CA LEU B 27 37.32 36.15 -19.19
C LEU B 27 36.35 35.02 -19.50
N CYS B 28 36.64 33.80 -19.04
CA CYS B 28 35.89 32.59 -19.29
C CYS B 28 35.26 32.08 -18.03
N LEU B 29 33.98 31.72 -18.11
CA LEU B 29 33.20 31.14 -17.04
C LEU B 29 33.25 29.65 -17.18
N GLY B 30 33.30 28.91 -16.06
CA GLY B 30 33.35 27.48 -16.15
C GLY B 30 32.97 26.81 -14.87
N HIS B 31 33.05 25.49 -14.87
CA HIS B 31 32.68 24.65 -13.77
C HIS B 31 33.73 23.56 -13.62
N HIS B 32 33.77 22.89 -12.46
CA HIS B 32 34.73 21.82 -12.19
C HIS B 32 34.38 20.50 -12.85
N ALA B 33 35.33 19.56 -12.93
CA ALA B 33 35.06 18.22 -13.37
C ALA B 33 35.98 17.32 -12.59
N VAL B 34 35.72 16.00 -12.60
CA VAL B 34 36.56 15.05 -11.90
C VAL B 34 36.95 13.91 -12.83
N PRO B 35 38.05 13.19 -12.59
CA PRO B 35 38.43 12.06 -13.42
C PRO B 35 37.61 10.83 -13.09
N ASN B 36 37.13 10.69 -11.84
CA ASN B 36 36.41 9.53 -11.35
C ASN B 36 34.92 9.83 -11.16
N GLY B 37 34.17 10.04 -12.24
CA GLY B 37 32.74 10.27 -12.11
C GLY B 37 31.94 9.06 -11.77
N THR B 38 30.64 9.28 -11.46
CA THR B 38 29.73 8.23 -11.03
C THR B 38 28.49 8.29 -11.87
N ILE B 39 28.04 7.12 -12.37
CA ILE B 39 26.84 7.00 -13.16
C ILE B 39 25.59 7.00 -12.28
N VAL B 40 24.59 7.83 -12.65
CA VAL B 40 23.30 7.87 -11.99
C VAL B 40 22.20 7.78 -13.03
N LYS B 41 20.96 7.50 -12.56
CA LYS B 41 19.76 7.46 -13.37
C LYS B 41 18.99 8.74 -13.19
N THR B 42 18.36 9.23 -14.26
CA THR B 42 17.48 10.41 -14.25
C THR B 42 16.15 10.03 -14.87
N ILE B 43 15.22 11.00 -14.95
CA ILE B 43 13.95 10.88 -15.65
C ILE B 43 14.10 10.62 -17.14
N THR B 44 15.06 11.28 -17.79
CA THR B 44 15.25 11.22 -19.23
C THR B 44 16.44 10.37 -19.65
N ASN B 45 17.24 9.82 -18.72
CA ASN B 45 18.34 8.97 -19.11
C ASN B 45 18.64 7.94 -18.05
N ASP B 46 18.92 6.72 -18.53
CA ASP B 46 19.32 5.58 -17.76
C ASP B 46 20.74 5.66 -17.18
N ARG B 47 21.65 6.37 -17.86
CA ARG B 47 23.05 6.41 -17.53
C ARG B 47 23.61 7.79 -17.77
N ILE B 48 23.77 8.59 -16.72
CA ILE B 48 24.45 9.86 -16.82
C ILE B 48 25.50 10.02 -15.77
N GLU B 49 26.67 10.54 -16.15
CA GLU B 49 27.75 10.72 -15.22
C GLU B 49 27.70 12.08 -14.52
N VAL B 50 27.77 12.03 -13.19
CA VAL B 50 27.83 13.17 -12.30
C VAL B 50 29.15 13.10 -11.55
N THR B 51 29.58 14.25 -10.98
CA THR B 51 30.83 14.41 -10.25
C THR B 51 30.90 13.60 -8.98
N ASN B 52 29.76 13.37 -8.32
CA ASN B 52 29.71 12.69 -7.06
C ASN B 52 28.29 12.16 -6.88
N ALA B 53 28.13 11.09 -6.08
CA ALA B 53 26.84 10.55 -5.77
C ALA B 53 26.95 9.77 -4.48
N THR B 54 25.82 9.58 -3.78
CA THR B 54 25.77 8.79 -2.56
C THR B 54 24.79 7.66 -2.75
N GLU B 55 25.04 6.53 -2.06
CA GLU B 55 24.20 5.34 -2.08
C GLU B 55 23.04 5.47 -1.11
N LEU B 56 21.81 5.17 -1.55
CA LEU B 56 20.63 5.26 -0.72
C LEU B 56 20.09 3.92 -0.27
N VAL B 57 20.66 2.80 -0.73
CA VAL B 57 20.27 1.48 -0.27
C VAL B 57 21.34 0.86 0.60
N GLN B 58 21.02 0.58 1.88
CA GLN B 58 21.87 -0.20 2.74
C GLN B 58 21.83 -1.67 2.36
N ASN B 59 22.96 -2.28 1.97
CA ASN B 59 22.98 -3.64 1.45
C ASN B 59 23.71 -4.64 2.33
N SER B 60 24.26 -4.19 3.48
CA SER B 60 25.11 -5.03 4.29
C SER B 60 24.76 -4.89 5.76
N SER B 61 25.06 -5.96 6.51
CA SER B 61 25.00 -6.06 7.94
C SER B 61 26.37 -6.48 8.38
N ILE B 62 26.73 -6.15 9.64
CA ILE B 62 27.96 -6.54 10.31
C ILE B 62 27.84 -7.95 10.88
N GLY B 63 26.63 -8.55 10.83
CA GLY B 63 26.42 -9.96 11.15
C GLY B 63 26.09 -10.25 12.58
N GLU B 64 26.07 -9.22 13.43
CA GLU B 64 25.77 -9.29 14.84
C GLU B 64 24.52 -8.52 15.14
N ILE B 65 23.68 -9.05 16.05
CA ILE B 65 22.60 -8.27 16.63
C ILE B 65 23.19 -7.55 17.82
N CYS B 66 23.31 -6.22 17.72
CA CYS B 66 23.76 -5.39 18.83
C CYS B 66 22.83 -5.46 20.04
N ASP B 67 23.38 -5.52 21.28
CA ASP B 67 22.62 -5.66 22.50
C ASP B 67 22.04 -4.35 23.01
N SER B 68 22.43 -3.24 22.36
CA SER B 68 22.00 -1.90 22.72
C SER B 68 21.43 -1.18 21.49
N PRO B 69 20.45 -0.30 21.61
CA PRO B 69 19.88 0.20 22.86
C PRO B 69 18.60 -0.53 23.21
N HIS B 70 18.20 -1.54 22.42
CA HIS B 70 16.99 -2.29 22.68
C HIS B 70 17.30 -3.45 23.61
N GLN B 71 16.41 -3.76 24.58
CA GLN B 71 16.60 -4.88 25.46
C GLN B 71 16.43 -6.21 24.74
N ILE B 72 17.55 -6.89 24.47
CA ILE B 72 17.54 -8.16 23.77
C ILE B 72 17.40 -9.32 24.73
N LEU B 73 16.54 -10.28 24.38
CA LEU B 73 16.52 -11.55 25.07
C LEU B 73 16.81 -12.64 24.05
N ASP B 74 18.01 -13.25 24.13
CA ASP B 74 18.35 -14.44 23.38
C ASP B 74 17.58 -15.61 24.00
N GLY B 75 16.74 -16.28 23.20
CA GLY B 75 16.02 -17.46 23.63
C GLY B 75 16.89 -18.67 23.69
N GLU B 76 18.06 -18.62 23.01
CA GLU B 76 19.04 -19.70 22.96
C GLU B 76 18.48 -21.04 22.53
N ASN B 77 18.34 -22.00 23.46
CA ASN B 77 17.74 -23.28 23.16
C ASN B 77 16.22 -23.29 23.37
N CYS B 78 15.61 -22.19 23.88
CA CYS B 78 14.19 -22.15 24.19
C CYS B 78 13.43 -21.28 23.22
N THR B 79 12.22 -21.71 22.84
CA THR B 79 11.24 -20.85 22.19
C THR B 79 10.58 -19.96 23.22
N LEU B 80 9.85 -18.93 22.77
CA LEU B 80 9.08 -18.10 23.69
C LEU B 80 8.00 -18.87 24.44
N ILE B 81 7.28 -19.77 23.75
CA ILE B 81 6.27 -20.63 24.36
C ILE B 81 6.85 -21.57 25.41
N ASP B 82 8.01 -22.23 25.16
CA ASP B 82 8.63 -23.06 26.17
C ASP B 82 9.03 -22.29 27.44
N ALA B 83 9.58 -21.07 27.27
CA ALA B 83 9.87 -20.15 28.36
C ALA B 83 8.64 -19.71 29.13
N LEU B 84 7.52 -19.47 28.43
CA LEU B 84 6.22 -19.19 29.00
C LEU B 84 5.66 -20.35 29.82
N LEU B 85 5.62 -21.57 29.25
CA LEU B 85 5.12 -22.74 29.95
C LEU B 85 5.98 -23.12 31.13
N GLY B 86 7.29 -22.97 30.98
CA GLY B 86 8.23 -23.27 32.03
C GLY B 86 8.85 -24.61 31.85
N ASP B 87 9.33 -24.90 30.61
CA ASP B 87 10.24 -25.99 30.34
C ASP B 87 11.45 -25.85 31.30
N PRO B 88 11.96 -26.87 32.01
CA PRO B 88 13.09 -26.79 32.94
C PRO B 88 14.32 -26.09 32.42
N GLN B 89 14.59 -26.28 31.13
CA GLN B 89 15.68 -25.68 30.39
C GLN B 89 15.62 -24.16 30.35
N CYS B 90 14.42 -23.60 30.54
CA CYS B 90 14.07 -22.22 30.39
C CYS B 90 13.75 -21.58 31.75
N ASP B 91 14.09 -22.23 32.90
CA ASP B 91 13.87 -21.71 34.25
C ASP B 91 14.54 -20.36 34.50
N GLY B 92 15.68 -20.05 33.84
CA GLY B 92 16.37 -18.77 33.97
C GLY B 92 15.71 -17.61 33.28
N PHE B 93 14.64 -17.88 32.51
CA PHE B 93 13.88 -16.84 31.82
C PHE B 93 12.66 -16.39 32.60
N GLN B 94 12.48 -16.87 33.85
CA GLN B 94 11.35 -16.47 34.66
C GLN B 94 11.27 -14.98 34.96
N ASN B 95 10.11 -14.36 34.61
CA ASN B 95 9.80 -12.96 34.89
C ASN B 95 10.60 -11.96 34.07
N LYS B 96 11.31 -12.42 33.02
CA LYS B 96 12.07 -11.57 32.13
C LYS B 96 11.21 -10.65 31.27
N LYS B 97 11.77 -9.48 30.91
CA LYS B 97 11.17 -8.57 29.96
C LYS B 97 12.12 -8.42 28.82
N TRP B 98 11.63 -7.89 27.69
CA TRP B 98 12.42 -7.67 26.52
C TRP B 98 11.74 -6.63 25.63
N ASP B 99 12.53 -5.94 24.79
CA ASP B 99 12.08 -5.23 23.62
C ASP B 99 12.04 -6.20 22.45
N LEU B 100 13.08 -7.05 22.31
CA LEU B 100 13.11 -8.04 21.24
C LEU B 100 13.54 -9.40 21.76
N PHE B 101 12.67 -10.42 21.58
CA PHE B 101 12.97 -11.81 21.88
C PHE B 101 13.56 -12.44 20.61
N VAL B 102 14.71 -13.13 20.71
CA VAL B 102 15.36 -13.74 19.56
C VAL B 102 15.24 -15.25 19.67
N GLU B 103 14.46 -15.87 18.76
CA GLU B 103 14.32 -17.33 18.70
C GLU B 103 15.37 -17.89 17.76
N ARG B 104 16.05 -18.94 18.22
CA ARG B 104 17.08 -19.62 17.45
C ARG B 104 16.53 -20.83 16.72
N SER B 105 17.13 -21.22 15.58
CA SER B 105 16.67 -22.38 14.82
C SER B 105 17.01 -23.70 15.46
N LYS B 106 18.00 -23.66 16.37
CA LYS B 106 18.51 -24.80 17.10
C LYS B 106 17.63 -25.16 18.29
N ALA B 107 16.67 -24.28 18.65
CA ALA B 107 15.79 -24.43 19.78
C ALA B 107 14.95 -25.69 19.75
N TYR B 108 14.74 -26.30 20.92
CA TYR B 108 14.06 -27.56 20.98
C TYR B 108 13.39 -27.64 22.32
N SER B 109 12.24 -28.32 22.37
CA SER B 109 11.46 -28.51 23.58
C SER B 109 11.92 -29.82 24.26
N ASN B 110 12.00 -29.90 25.61
CA ASN B 110 12.47 -31.09 26.31
C ASN B 110 11.67 -31.37 27.58
N CYS B 111 10.39 -30.94 27.58
CA CYS B 111 9.44 -31.27 28.60
C CYS B 111 8.39 -32.18 27.99
N TYR B 112 7.17 -32.20 28.58
CA TYR B 112 6.07 -32.99 28.09
C TYR B 112 5.66 -32.56 26.67
N PRO B 113 5.40 -33.43 25.69
CA PRO B 113 4.90 -33.05 24.37
C PRO B 113 3.62 -32.24 24.35
N TYR B 114 3.59 -31.11 23.62
CA TYR B 114 2.44 -30.27 23.62
C TYR B 114 2.18 -29.71 22.24
N ASP B 115 0.92 -29.30 22.00
CA ASP B 115 0.55 -28.52 20.85
C ASP B 115 -0.22 -27.30 21.36
N VAL B 116 -0.27 -26.24 20.55
CA VAL B 116 -1.06 -25.07 20.85
C VAL B 116 -1.95 -24.82 19.63
N PRO B 117 -3.28 -24.99 19.65
CA PRO B 117 -4.17 -24.41 18.65
C PRO B 117 -4.02 -22.91 18.56
N ASP B 118 -3.78 -22.38 17.35
CA ASP B 118 -3.46 -20.99 17.15
C ASP B 118 -2.19 -20.54 17.91
N TYR B 119 -1.13 -21.39 17.82
CA TYR B 119 0.20 -21.19 18.36
C TYR B 119 0.80 -19.85 17.99
N ALA B 120 0.62 -19.47 16.73
CA ALA B 120 1.08 -18.22 16.15
C ALA B 120 0.48 -16.99 16.84
N SER B 121 -0.85 -16.98 17.12
CA SER B 121 -1.50 -15.91 17.89
C SER B 121 -1.02 -15.83 19.32
N LEU B 122 -0.84 -16.97 20.03
CA LEU B 122 -0.31 -16.95 21.39
C LEU B 122 1.12 -16.43 21.45
N ARG B 123 2.00 -16.92 20.54
CA ARG B 123 3.36 -16.45 20.43
C ARG B 123 3.45 -14.97 20.14
N SER B 124 2.57 -14.49 19.23
CA SER B 124 2.46 -13.07 18.89
C SER B 124 2.04 -12.20 20.06
N LEU B 125 0.96 -12.56 20.79
CA LEU B 125 0.49 -11.71 21.87
C LEU B 125 1.44 -11.62 23.05
N VAL B 126 2.13 -12.73 23.40
CA VAL B 126 3.18 -12.74 24.40
C VAL B 126 4.39 -11.92 23.98
N ALA B 127 4.83 -12.05 22.72
CA ALA B 127 5.95 -11.32 22.16
C ALA B 127 5.76 -9.81 22.15
N SER B 128 4.55 -9.37 21.75
CA SER B 128 4.07 -7.99 21.78
C SER B 128 3.96 -7.44 23.20
N SER B 129 3.52 -8.28 24.16
CA SER B 129 3.45 -7.95 25.58
C SER B 129 4.80 -7.66 26.19
N GLY B 130 5.82 -8.47 25.84
CA GLY B 130 7.19 -8.16 26.19
C GLY B 130 7.62 -8.51 27.58
N THR B 131 6.86 -9.38 28.25
CA THR B 131 7.11 -9.73 29.62
C THR B 131 6.66 -11.15 29.88
N LEU B 132 7.40 -11.85 30.76
CA LEU B 132 7.07 -13.14 31.33
C LEU B 132 6.78 -13.01 32.82
N GLU B 133 6.53 -11.79 33.33
CA GLU B 133 6.08 -11.54 34.70
C GLU B 133 4.87 -12.37 35.12
N PHE B 134 5.07 -13.22 36.14
CA PHE B 134 4.11 -14.20 36.57
C PHE B 134 3.83 -14.01 38.05
N LYS B 135 2.54 -14.04 38.42
CA LYS B 135 2.13 -13.98 39.79
C LYS B 135 1.35 -15.24 40.09
N ASN B 136 1.81 -16.00 41.10
CA ASN B 136 1.15 -17.19 41.60
C ASN B 136 -0.16 -16.86 42.27
N GLU B 137 -1.17 -17.72 42.10
CA GLU B 137 -2.47 -17.55 42.72
C GLU B 137 -2.88 -18.84 43.40
N SER B 138 -3.52 -18.70 44.57
CA SER B 138 -3.94 -19.82 45.38
C SER B 138 -5.30 -20.31 44.96
N PHE B 139 -5.34 -21.26 44.03
CA PHE B 139 -6.55 -21.94 43.61
C PHE B 139 -6.92 -23.03 44.59
N ASN B 140 -8.24 -23.23 44.81
CA ASN B 140 -8.71 -24.28 45.68
C ASN B 140 -8.91 -25.55 44.88
N TRP B 141 -7.89 -26.43 44.86
CA TRP B 141 -7.96 -27.74 44.25
C TRP B 141 -8.27 -28.81 45.29
N THR B 142 -9.30 -28.61 46.14
CA THR B 142 -9.78 -29.63 47.07
C THR B 142 -10.31 -30.86 46.38
N GLY B 143 -9.78 -32.04 46.79
CA GLY B 143 -10.26 -33.32 46.32
C GLY B 143 -9.42 -33.97 45.26
N VAL B 144 -8.31 -33.34 44.84
CA VAL B 144 -7.45 -33.89 43.80
C VAL B 144 -6.01 -33.81 44.25
N THR B 145 -5.14 -34.66 43.64
CA THR B 145 -3.70 -34.67 43.87
C THR B 145 -3.08 -33.62 42.99
N GLN B 146 -2.24 -32.75 43.57
CA GLN B 146 -1.56 -31.67 42.88
C GLN B 146 -0.14 -32.05 42.54
N ASN B 147 0.50 -31.24 41.67
CA ASN B 147 1.90 -31.34 41.33
C ASN B 147 2.26 -32.65 40.66
N GLY B 148 1.40 -33.13 39.74
CA GLY B 148 1.68 -34.25 38.87
C GLY B 148 2.91 -34.04 38.02
N THR B 149 3.59 -35.14 37.68
CA THR B 149 5.00 -35.09 37.35
C THR B 149 5.29 -36.19 36.37
N SER B 150 6.31 -36.02 35.51
CA SER B 150 6.61 -36.96 34.45
C SER B 150 8.11 -37.11 34.24
N SER B 151 8.52 -38.28 33.72
CA SER B 151 9.88 -38.63 33.36
C SER B 151 10.26 -38.03 32.01
N ALA B 152 9.27 -37.48 31.27
CA ALA B 152 9.47 -36.76 30.03
C ALA B 152 9.90 -35.32 30.26
N CYS B 153 9.86 -34.85 31.53
CA CYS B 153 10.21 -33.50 31.85
C CYS B 153 11.03 -33.48 33.12
N ILE B 154 12.33 -33.81 33.03
CA ILE B 154 13.16 -33.88 34.22
C ILE B 154 13.80 -32.52 34.49
N ARG B 155 13.75 -32.04 35.75
CA ARG B 155 14.34 -30.78 36.13
C ARG B 155 15.75 -30.99 36.68
N GLY B 156 15.94 -30.88 38.01
CA GLY B 156 17.23 -31.14 38.66
C GLY B 156 17.43 -32.59 38.94
N SER B 157 17.44 -33.40 37.87
CA SER B 157 17.64 -34.85 37.85
C SER B 157 16.50 -35.65 38.45
N SER B 158 15.39 -34.95 38.75
CA SER B 158 14.16 -35.50 39.29
C SER B 158 13.10 -35.27 38.24
N SER B 159 12.15 -36.22 38.13
CA SER B 159 10.95 -36.11 37.31
C SER B 159 10.15 -34.90 37.72
N SER B 160 9.66 -34.11 36.75
CA SER B 160 8.98 -32.87 37.05
C SER B 160 7.99 -32.55 35.96
N PHE B 161 7.69 -31.26 35.77
CA PHE B 161 6.68 -30.76 34.89
C PHE B 161 6.99 -29.30 34.56
N PHE B 162 6.16 -28.69 33.69
CA PHE B 162 6.15 -27.27 33.39
C PHE B 162 5.97 -26.44 34.65
N SER B 163 6.84 -25.44 34.88
CA SER B 163 6.88 -24.68 36.13
C SER B 163 5.65 -23.85 36.40
N ARG B 164 4.92 -23.45 35.34
CA ARG B 164 3.75 -22.61 35.44
C ARG B 164 2.44 -23.38 35.38
N LEU B 165 2.52 -24.71 35.23
CA LEU B 165 1.36 -25.55 35.13
C LEU B 165 1.33 -26.57 36.25
N ASN B 166 0.11 -26.90 36.69
CA ASN B 166 -0.15 -27.80 37.80
C ASN B 166 -0.93 -28.97 37.25
N TRP B 167 -0.30 -30.15 37.17
CA TRP B 167 -1.00 -31.32 36.72
C TRP B 167 -1.79 -31.91 37.89
N LEU B 168 -3.13 -31.97 37.75
CA LEU B 168 -4.03 -32.54 38.73
C LEU B 168 -4.41 -33.97 38.39
N THR B 169 -4.36 -34.88 39.40
CA THR B 169 -4.74 -36.28 39.27
C THR B 169 -5.71 -36.64 40.37
N HIS B 170 -6.27 -37.87 40.34
CA HIS B 170 -7.14 -38.37 41.39
C HIS B 170 -6.51 -38.39 42.77
N LEU B 171 -7.33 -38.26 43.82
CA LEU B 171 -6.88 -38.49 45.17
C LEU B 171 -7.81 -39.52 45.76
N ASN B 172 -7.25 -40.63 46.29
CA ASN B 172 -8.00 -41.77 46.82
C ASN B 172 -8.90 -42.43 45.79
N TYR B 173 -8.46 -42.42 44.50
CA TYR B 173 -9.16 -43.00 43.36
C TYR B 173 -10.45 -42.29 42.97
N THR B 174 -10.57 -40.99 43.33
CA THR B 174 -11.75 -40.18 43.04
C THR B 174 -11.27 -38.88 42.47
N TYR B 175 -11.95 -38.39 41.42
CA TYR B 175 -11.71 -37.05 40.92
C TYR B 175 -13.07 -36.38 41.01
N PRO B 176 -13.40 -35.58 42.02
CA PRO B 176 -14.68 -34.90 42.10
C PRO B 176 -14.79 -33.84 41.04
N ALA B 177 -16.02 -33.48 40.63
CA ALA B 177 -16.23 -32.37 39.73
C ALA B 177 -15.75 -31.05 40.32
N LEU B 178 -14.80 -30.39 39.64
CA LEU B 178 -14.24 -29.15 40.10
C LEU B 178 -15.08 -27.99 39.61
N ASN B 179 -15.12 -26.90 40.38
CA ASN B 179 -15.91 -25.74 40.04
C ASN B 179 -15.21 -24.56 40.69
N VAL B 180 -14.03 -24.19 40.16
CA VAL B 180 -13.08 -23.33 40.85
C VAL B 180 -13.11 -21.95 40.26
N THR B 181 -13.11 -20.90 41.09
CA THR B 181 -13.26 -19.52 40.63
C THR B 181 -12.10 -18.68 41.05
N MET B 182 -11.74 -17.68 40.23
CA MET B 182 -10.75 -16.69 40.59
C MET B 182 -11.16 -15.32 40.04
N PRO B 183 -11.48 -14.31 40.83
CA PRO B 183 -11.86 -13.01 40.32
C PRO B 183 -10.66 -12.15 39.97
N ASN B 184 -10.79 -11.29 38.94
CA ASN B 184 -9.83 -10.25 38.72
C ASN B 184 -10.34 -8.99 39.44
N LYS B 185 -9.76 -8.67 40.61
CA LYS B 185 -10.06 -7.47 41.36
C LYS B 185 -8.90 -6.50 41.29
N GLU B 186 -7.99 -6.70 40.32
CA GLU B 186 -6.85 -5.83 40.09
C GLU B 186 -7.25 -4.73 39.11
N GLN B 187 -6.27 -3.98 38.60
CA GLN B 187 -6.49 -2.90 37.65
C GLN B 187 -5.83 -3.19 36.32
N PHE B 188 -5.33 -4.42 36.14
CA PHE B 188 -4.65 -4.85 34.94
C PHE B 188 -5.25 -6.17 34.50
N ASP B 189 -5.13 -6.49 33.20
CA ASP B 189 -5.54 -7.73 32.62
C ASP B 189 -4.65 -8.89 33.08
N LYS B 190 -5.23 -10.09 33.18
CA LYS B 190 -4.52 -11.28 33.57
C LYS B 190 -4.53 -12.25 32.41
N LEU B 191 -3.36 -12.80 32.06
CA LEU B 191 -3.25 -13.83 31.05
C LEU B 191 -3.09 -15.17 31.73
N TYR B 192 -4.09 -16.07 31.60
CA TYR B 192 -4.05 -17.41 32.15
C TYR B 192 -3.69 -18.40 31.06
N ILE B 193 -2.70 -19.27 31.33
CA ILE B 193 -2.31 -20.35 30.43
C ILE B 193 -2.65 -21.67 31.10
N TRP B 194 -3.39 -22.56 30.41
CA TRP B 194 -3.79 -23.85 30.96
C TRP B 194 -3.78 -24.86 29.84
N GLY B 195 -3.98 -26.15 30.15
CA GLY B 195 -4.00 -27.16 29.13
C GLY B 195 -4.93 -28.30 29.40
N VAL B 196 -5.00 -29.21 28.43
CA VAL B 196 -5.78 -30.43 28.48
C VAL B 196 -4.88 -31.58 28.17
N HIS B 197 -4.87 -32.63 29.02
CA HIS B 197 -4.09 -33.82 28.76
C HIS B 197 -4.90 -34.84 27.98
N HIS B 198 -4.29 -35.41 26.92
CA HIS B 198 -4.85 -36.49 26.14
C HIS B 198 -3.98 -37.73 26.38
N PRO B 199 -4.34 -38.69 27.24
CA PRO B 199 -3.61 -39.94 27.42
C PRO B 199 -3.63 -40.82 26.20
N GLY B 200 -2.61 -41.68 26.03
CA GLY B 200 -2.56 -42.57 24.87
C GLY B 200 -3.39 -43.81 25.01
N THR B 201 -3.88 -44.11 26.21
CA THR B 201 -4.69 -45.28 26.47
C THR B 201 -5.84 -44.90 27.38
N ASP B 202 -6.96 -45.66 27.32
CA ASP B 202 -8.02 -45.62 28.31
C ASP B 202 -7.50 -46.01 29.68
N LYS B 203 -6.51 -46.94 29.73
CA LYS B 203 -5.86 -47.35 30.95
C LYS B 203 -5.17 -46.23 31.73
N ASP B 204 -4.35 -45.39 31.04
CA ASP B 204 -3.67 -44.23 31.61
C ASP B 204 -4.68 -43.19 32.06
N GLN B 205 -5.78 -43.00 31.30
CA GLN B 205 -6.89 -42.15 31.68
C GLN B 205 -7.51 -42.55 33.03
N ILE B 206 -7.79 -43.86 33.22
CA ILE B 206 -8.27 -44.40 34.49
C ILE B 206 -7.24 -44.26 35.60
N PHE B 207 -5.97 -44.60 35.34
CA PHE B 207 -4.89 -44.53 36.30
C PHE B 207 -4.69 -43.12 36.83
N LEU B 208 -4.72 -42.11 35.94
CA LEU B 208 -4.55 -40.72 36.30
C LEU B 208 -5.76 -40.05 36.89
N TYR B 209 -6.96 -40.23 36.31
CA TYR B 209 -8.09 -39.40 36.66
C TYR B 209 -9.27 -40.18 37.22
N ALA B 210 -9.23 -41.53 37.19
CA ALA B 210 -10.29 -42.43 37.66
C ALA B 210 -11.44 -42.56 36.68
N GLN B 211 -11.98 -41.40 36.28
CA GLN B 211 -13.05 -41.19 35.32
C GLN B 211 -12.68 -41.68 33.93
N SER B 212 -13.66 -42.24 33.19
CA SER B 212 -13.41 -42.82 31.88
C SER B 212 -13.23 -41.82 30.76
N SER B 213 -13.80 -40.61 30.91
CA SER B 213 -13.86 -39.58 29.88
C SER B 213 -13.02 -38.38 30.24
N GLY B 214 -13.50 -37.53 31.17
CA GLY B 214 -12.90 -36.25 31.48
C GLY B 214 -13.41 -35.16 30.60
N ARG B 215 -13.49 -33.93 31.13
CA ARG B 215 -13.98 -32.82 30.36
C ARG B 215 -13.57 -31.54 31.05
N ILE B 216 -13.19 -30.50 30.28
CA ILE B 216 -12.67 -29.26 30.82
C ILE B 216 -13.44 -28.13 30.20
N THR B 217 -13.91 -27.19 31.05
CA THR B 217 -14.63 -26.02 30.60
C THR B 217 -14.17 -24.87 31.44
N VAL B 218 -13.57 -23.84 30.81
CA VAL B 218 -13.18 -22.64 31.50
C VAL B 218 -13.94 -21.49 30.91
N SER B 219 -14.41 -20.58 31.79
CA SER B 219 -15.33 -19.55 31.39
C SER B 219 -15.01 -18.25 32.06
N THR B 220 -15.42 -17.14 31.41
CA THR B 220 -15.44 -15.81 31.97
C THR B 220 -16.87 -15.32 31.86
N LYS B 221 -17.16 -14.06 32.20
CA LYS B 221 -18.44 -13.48 31.86
C LYS B 221 -18.72 -13.42 30.36
N ARG B 222 -17.65 -13.20 29.55
CA ARG B 222 -17.72 -12.99 28.12
C ARG B 222 -17.36 -14.21 27.26
N SER B 223 -16.69 -15.25 27.80
CA SER B 223 -16.17 -16.34 26.99
C SER B 223 -16.37 -17.68 27.63
N GLN B 224 -16.35 -18.74 26.79
CA GLN B 224 -16.34 -20.10 27.23
C GLN B 224 -15.39 -20.86 26.33
N GLN B 225 -14.48 -21.64 26.92
CA GLN B 225 -13.66 -22.59 26.20
C GLN B 225 -13.93 -23.96 26.78
N ALA B 226 -14.59 -24.83 25.99
CA ALA B 226 -14.98 -26.16 26.38
C ALA B 226 -14.17 -27.16 25.56
N VAL B 227 -13.36 -27.98 26.24
CA VAL B 227 -12.46 -28.91 25.61
C VAL B 227 -12.78 -30.30 26.08
N ILE B 228 -12.91 -31.24 25.13
CA ILE B 228 -13.14 -32.64 25.41
C ILE B 228 -11.85 -33.35 25.05
N PRO B 229 -11.11 -33.97 25.96
CA PRO B 229 -9.90 -34.74 25.65
C PRO B 229 -10.15 -35.89 24.69
N ASN B 230 -9.11 -36.26 23.93
CA ASN B 230 -9.16 -37.32 22.97
C ASN B 230 -8.15 -38.36 23.39
N ILE B 231 -8.65 -39.50 23.90
CA ILE B 231 -7.82 -40.64 24.22
C ILE B 231 -7.33 -41.31 22.97
N GLY B 232 -6.01 -41.56 22.87
CA GLY B 232 -5.48 -42.16 21.67
C GLY B 232 -4.02 -41.91 21.51
N SER B 233 -3.32 -42.92 20.97
CA SER B 233 -1.88 -42.84 20.74
C SER B 233 -1.58 -42.07 19.48
N ARG B 234 -0.67 -41.09 19.59
CA ARG B 234 -0.17 -40.35 18.47
C ARG B 234 1.26 -40.83 18.19
N PRO B 235 1.90 -40.57 17.06
CA PRO B 235 3.33 -40.80 16.87
C PRO B 235 4.20 -40.28 18.00
N ARG B 236 5.14 -41.09 18.50
CA ARG B 236 5.88 -40.70 19.67
C ARG B 236 6.85 -39.53 19.47
N ILE B 237 6.75 -38.50 20.33
CA ILE B 237 7.74 -37.43 20.41
C ILE B 237 8.52 -37.75 21.64
N ARG B 238 9.85 -37.96 21.50
CA ARG B 238 10.77 -38.42 22.54
C ARG B 238 10.22 -39.54 23.41
N ASP B 239 9.67 -40.56 22.74
CA ASP B 239 9.08 -41.74 23.32
C ASP B 239 7.69 -41.56 23.94
N ILE B 240 7.00 -40.43 23.71
CA ILE B 240 5.71 -40.17 24.33
C ILE B 240 4.58 -40.11 23.30
N PRO B 241 3.56 -40.98 23.37
CA PRO B 241 2.51 -41.05 22.37
C PRO B 241 1.33 -40.18 22.74
N SER B 242 1.33 -39.59 23.94
CA SER B 242 0.27 -38.75 24.48
C SER B 242 0.64 -37.30 24.33
N ARG B 243 -0.32 -36.38 24.55
CA ARG B 243 -0.11 -34.97 24.33
C ARG B 243 -0.83 -34.11 25.34
N ILE B 244 -0.38 -32.85 25.45
CA ILE B 244 -1.07 -31.80 26.16
C ILE B 244 -1.39 -30.72 25.16
N SER B 245 -2.67 -30.33 25.05
CA SER B 245 -3.10 -29.23 24.19
C SER B 245 -3.19 -27.98 25.06
N ILE B 246 -2.56 -26.86 24.66
CA ILE B 246 -2.47 -25.63 25.47
C ILE B 246 -3.44 -24.58 24.99
N TYR B 247 -4.10 -23.91 25.94
CA TYR B 247 -5.08 -22.88 25.67
C TYR B 247 -4.78 -21.69 26.56
N TRP B 248 -5.31 -20.52 26.22
CA TRP B 248 -5.13 -19.33 27.02
C TRP B 248 -6.44 -18.59 27.18
N THR B 249 -6.56 -17.80 28.25
CA THR B 249 -7.71 -16.92 28.50
C THR B 249 -7.15 -15.63 29.02
N ILE B 250 -7.79 -14.50 28.62
CA ILE B 250 -7.50 -13.22 29.22
C ILE B 250 -8.70 -12.82 30.04
N VAL B 251 -8.46 -12.43 31.31
CA VAL B 251 -9.47 -12.00 32.25
C VAL B 251 -9.18 -10.55 32.61
N LYS B 252 -10.11 -9.64 32.27
CA LYS B 252 -10.00 -8.22 32.56
C LYS B 252 -10.49 -7.88 33.96
N PRO B 253 -10.16 -6.73 34.55
CA PRO B 253 -10.70 -6.28 35.83
C PRO B 253 -12.22 -6.31 35.95
N GLY B 254 -12.76 -6.91 37.03
CA GLY B 254 -14.20 -7.04 37.24
C GLY B 254 -14.81 -8.29 36.64
N ASP B 255 -14.01 -9.03 35.82
CA ASP B 255 -14.33 -10.33 35.28
C ASP B 255 -13.75 -11.41 36.20
N ILE B 256 -14.15 -12.66 35.95
CA ILE B 256 -13.91 -13.80 36.81
C ILE B 256 -13.54 -14.98 35.94
N LEU B 257 -12.47 -15.71 36.29
CA LEU B 257 -12.18 -16.99 35.69
C LEU B 257 -12.93 -18.07 36.45
N LEU B 258 -13.56 -19.01 35.75
CA LEU B 258 -14.25 -20.14 36.33
C LEU B 258 -13.78 -21.40 35.63
N ILE B 259 -13.27 -22.40 36.37
CA ILE B 259 -12.74 -23.64 35.82
C ILE B 259 -13.56 -24.82 36.33
N ASN B 260 -14.32 -25.45 35.42
CA ASN B 260 -14.98 -26.73 35.63
C ASN B 260 -14.08 -27.78 35.00
N SER B 261 -13.80 -28.84 35.77
CA SER B 261 -13.13 -30.01 35.23
C SER B 261 -13.65 -31.25 35.91
N THR B 262 -13.94 -32.28 35.09
CA THR B 262 -14.24 -33.64 35.52
C THR B 262 -13.09 -34.57 35.17
N GLY B 263 -11.90 -34.00 34.88
CA GLY B 263 -10.69 -34.76 34.61
C GLY B 263 -9.88 -34.12 33.53
N ASN B 264 -8.58 -34.48 33.43
CA ASN B 264 -7.69 -34.17 32.31
C ASN B 264 -7.22 -32.74 32.25
N LEU B 265 -7.45 -31.97 33.31
CA LEU B 265 -7.10 -30.57 33.38
C LEU B 265 -5.66 -30.37 33.79
N ILE B 266 -4.90 -29.66 32.95
CA ILE B 266 -3.60 -29.14 33.31
C ILE B 266 -3.84 -27.73 33.78
N ALA B 267 -3.77 -27.52 35.10
CA ALA B 267 -4.21 -26.31 35.73
C ALA B 267 -3.16 -25.19 35.68
N PRO B 268 -3.53 -23.92 35.67
CA PRO B 268 -2.61 -22.81 35.88
C PRO B 268 -2.21 -22.68 37.33
N ARG B 269 -1.01 -22.14 37.61
CA ARG B 269 -0.60 -21.83 38.98
C ARG B 269 -0.76 -20.36 39.30
N GLY B 270 -1.29 -19.57 38.37
CA GLY B 270 -1.39 -18.14 38.51
C GLY B 270 -1.57 -17.57 37.16
N TYR B 271 -1.25 -16.28 37.01
CA TYR B 271 -1.44 -15.55 35.78
C TYR B 271 -0.17 -14.85 35.37
N PHE B 272 -0.05 -14.57 34.07
CA PHE B 272 0.96 -13.70 33.52
C PHE B 272 0.38 -12.32 33.47
N LYS B 273 1.18 -11.32 33.84
CA LYS B 273 0.89 -9.95 33.47
C LYS B 273 0.97 -9.75 31.97
N ILE B 274 0.04 -8.98 31.40
CA ILE B 274 0.04 -8.68 29.99
C ILE B 274 0.14 -7.18 29.86
N ARG B 275 1.07 -6.71 29.02
CA ARG B 275 1.33 -5.31 28.79
C ARG B 275 1.14 -5.02 27.33
N SER B 276 1.14 -3.72 27.00
CA SER B 276 1.15 -3.23 25.66
C SER B 276 2.38 -2.37 25.51
N GLY B 277 3.11 -2.49 24.38
CA GLY B 277 4.26 -1.65 24.20
C GLY B 277 4.90 -1.93 22.88
N LYS B 278 6.23 -1.74 22.80
CA LYS B 278 6.98 -1.81 21.57
C LYS B 278 7.64 -3.16 21.37
N SER B 279 7.29 -4.16 22.18
CA SER B 279 8.01 -5.42 22.18
C SER B 279 7.67 -6.31 21.00
N SER B 280 8.60 -7.20 20.62
CA SER B 280 8.40 -8.10 19.48
C SER B 280 9.28 -9.32 19.64
N ILE B 281 9.22 -10.21 18.65
CA ILE B 281 10.00 -11.42 18.53
C ILE B 281 10.58 -11.52 17.12
N MET B 282 11.75 -12.15 16.97
CA MET B 282 12.36 -12.33 15.68
C MET B 282 13.08 -13.66 15.65
N ARG B 283 13.00 -14.37 14.50
CA ARG B 283 13.77 -15.58 14.30
C ARG B 283 15.10 -15.22 13.68
N SER B 284 16.22 -15.63 14.29
CA SER B 284 17.55 -15.31 13.79
C SER B 284 18.58 -16.21 14.44
N ASP B 285 19.66 -16.52 13.70
CA ASP B 285 20.78 -17.28 14.20
C ASP B 285 22.01 -16.38 14.30
N ALA B 286 21.87 -15.05 14.06
CA ALA B 286 22.97 -14.12 14.23
C ALA B 286 23.42 -14.00 15.71
N PRO B 287 24.70 -14.03 16.07
CA PRO B 287 25.16 -13.82 17.44
C PRO B 287 24.77 -12.46 17.99
N ILE B 288 24.65 -12.36 19.32
CA ILE B 288 24.45 -11.10 20.00
C ILE B 288 25.82 -10.47 20.22
N GLY B 289 25.98 -9.21 19.81
CA GLY B 289 27.24 -8.48 19.92
C GLY B 289 27.14 -7.38 20.91
N LYS B 290 28.29 -7.00 21.49
CA LYS B 290 28.39 -5.92 22.45
C LYS B 290 28.57 -4.61 21.71
N CYS B 291 27.46 -4.01 21.24
CA CYS B 291 27.52 -2.88 20.34
C CYS B 291 26.22 -2.10 20.42
N LYS B 292 26.12 -0.97 19.70
CA LYS B 292 24.93 -0.14 19.75
C LYS B 292 24.42 0.14 18.36
N SER B 293 23.20 -0.33 18.03
CA SER B 293 22.59 -0.04 16.75
C SER B 293 21.08 -0.08 16.89
N GLU B 294 20.37 0.87 16.26
CA GLU B 294 18.93 1.05 16.41
C GLU B 294 18.09 0.13 15.54
N CYS B 295 18.64 -0.37 14.43
CA CYS B 295 17.91 -1.21 13.49
C CYS B 295 18.45 -2.61 13.53
N ILE B 296 17.55 -3.58 13.77
CA ILE B 296 17.86 -5.00 13.86
C ILE B 296 17.20 -5.72 12.70
N THR B 297 17.94 -6.61 12.00
CA THR B 297 17.39 -7.55 11.02
C THR B 297 17.77 -8.95 11.48
N PRO B 298 17.20 -10.04 10.94
CA PRO B 298 17.66 -11.39 11.21
C PRO B 298 19.07 -11.66 10.72
N ASN B 299 19.60 -10.85 9.80
CA ASN B 299 20.95 -10.96 9.32
C ASN B 299 21.94 -10.28 10.27
N GLY B 300 21.43 -9.49 11.23
CA GLY B 300 22.21 -8.71 12.17
C GLY B 300 21.77 -7.29 12.13
N SER B 301 22.31 -6.45 13.01
CA SER B 301 22.02 -5.03 13.01
C SER B 301 22.58 -4.28 11.80
N ILE B 302 21.84 -3.28 11.27
CA ILE B 302 22.26 -2.53 10.10
C ILE B 302 22.37 -1.05 10.46
N PRO B 303 23.29 -0.24 9.91
CA PRO B 303 23.16 1.22 9.90
C PRO B 303 21.83 1.75 9.39
N ASN B 304 21.35 2.90 9.93
CA ASN B 304 20.10 3.49 9.52
C ASN B 304 20.27 4.90 8.95
N ASP B 305 21.48 5.29 8.50
CA ASP B 305 21.74 6.55 7.85
C ASP B 305 20.97 6.68 6.54
N LYS B 306 20.89 5.56 5.78
CA LYS B 306 20.24 5.50 4.50
C LYS B 306 18.73 5.35 4.62
N PRO B 307 17.93 5.83 3.68
CA PRO B 307 16.48 5.75 3.77
C PRO B 307 15.96 4.38 3.39
N PHE B 308 16.74 3.59 2.60
CA PHE B 308 16.30 2.32 2.10
C PHE B 308 17.32 1.24 2.40
N GLN B 309 16.89 -0.03 2.35
CA GLN B 309 17.73 -1.17 2.61
C GLN B 309 17.27 -2.36 1.82
N ASN B 310 18.20 -3.28 1.54
CA ASN B 310 18.01 -4.46 0.72
C ASN B 310 18.37 -5.71 1.51
N VAL B 311 18.57 -5.59 2.83
CA VAL B 311 19.08 -6.68 3.65
C VAL B 311 17.99 -7.66 4.02
N ASN B 312 16.87 -7.17 4.59
CA ASN B 312 15.80 -8.06 4.96
C ASN B 312 14.49 -7.31 5.07
N ARG B 313 13.36 -7.91 4.68
CA ARG B 313 12.05 -7.33 4.87
C ARG B 313 11.56 -7.39 6.32
N ILE B 314 12.18 -8.27 7.13
CA ILE B 314 11.94 -8.39 8.55
C ILE B 314 12.89 -7.44 9.27
N THR B 315 12.34 -6.49 10.04
CA THR B 315 13.12 -5.49 10.72
C THR B 315 12.50 -5.22 12.08
N TYR B 316 13.29 -4.62 12.99
CA TYR B 316 12.80 -4.09 14.25
C TYR B 316 13.60 -2.83 14.55
N GLY B 317 12.91 -1.75 14.98
CA GLY B 317 13.52 -0.49 15.40
C GLY B 317 13.41 0.58 14.36
N ALA B 318 14.27 1.62 14.47
CA ALA B 318 14.33 2.72 13.54
C ALA B 318 15.11 2.34 12.30
N CYS B 319 14.42 1.80 11.27
CA CYS B 319 15.05 1.07 10.20
C CYS B 319 14.83 1.73 8.87
N PRO B 320 15.78 1.74 7.94
CA PRO B 320 15.48 2.02 6.53
C PRO B 320 14.39 1.15 5.94
N ARG B 321 13.67 1.64 4.93
CA ARG B 321 12.61 0.86 4.35
C ARG B 321 13.12 -0.17 3.37
N TYR B 322 12.60 -1.41 3.46
CA TYR B 322 12.97 -2.48 2.55
C TYR B 322 12.51 -2.19 1.13
N VAL B 323 13.43 -2.30 0.16
CA VAL B 323 13.16 -2.13 -1.25
C VAL B 323 13.82 -3.27 -1.96
N LYS B 324 13.41 -3.53 -3.22
CA LYS B 324 13.95 -4.62 -4.02
C LYS B 324 15.21 -4.26 -4.78
N HIS B 325 15.49 -2.97 -4.99
CA HIS B 325 16.71 -2.52 -5.63
C HIS B 325 17.94 -2.78 -4.82
N SER B 326 19.03 -3.22 -5.48
CA SER B 326 20.27 -3.46 -4.78
C SER B 326 21.11 -2.21 -4.58
N THR B 327 20.86 -1.16 -5.40
CA THR B 327 21.60 0.10 -5.39
C THR B 327 20.68 1.16 -5.91
N LEU B 328 20.77 2.37 -5.33
CA LEU B 328 20.10 3.54 -5.82
C LEU B 328 20.98 4.74 -5.55
N LYS B 329 21.56 5.32 -6.62
CA LYS B 329 22.50 6.40 -6.47
C LYS B 329 21.87 7.77 -6.61
N LEU B 330 21.97 8.57 -5.53
CA LEU B 330 21.54 9.94 -5.53
C LEU B 330 22.70 10.82 -5.91
N ALA B 331 22.58 11.62 -7.00
CA ALA B 331 23.57 12.59 -7.40
C ALA B 331 23.73 13.70 -6.37
N THR B 332 24.99 13.99 -6.00
CA THR B 332 25.33 15.00 -5.02
C THR B 332 26.25 16.02 -5.63
N GLY B 333 26.34 16.01 -6.97
CA GLY B 333 27.13 16.98 -7.68
C GLY B 333 26.55 17.19 -9.03
N MET B 334 27.15 18.11 -9.79
CA MET B 334 26.74 18.37 -11.14
C MET B 334 27.09 17.26 -12.08
N ARG B 335 26.59 17.37 -13.30
CA ARG B 335 27.06 16.59 -14.39
C ARG B 335 28.57 16.68 -14.65
N ASN B 336 29.26 15.53 -14.89
CA ASN B 336 30.71 15.51 -15.10
C ASN B 336 31.13 15.61 -16.59
N VAL B 337 30.20 15.43 -17.54
CA VAL B 337 30.50 15.24 -18.94
C VAL B 337 29.64 16.15 -19.81
N PRO B 338 29.94 16.41 -21.08
CA PRO B 338 28.95 16.83 -22.08
C PRO B 338 28.16 15.65 -22.64
N GLU B 339 26.81 15.75 -22.81
CA GLU B 339 25.98 14.74 -23.47
C GLU B 339 24.79 15.50 -23.85
N LYS B 340 24.46 15.48 -25.13
CA LYS B 340 23.44 16.32 -25.64
C LYS B 340 22.03 16.00 -25.16
N GLN B 341 21.70 14.70 -25.09
CA GLN B 341 20.38 14.23 -24.73
C GLN B 341 20.04 14.41 -23.26
N THR B 342 21.00 14.70 -22.37
CA THR B 342 20.71 14.97 -20.96
C THR B 342 21.26 16.26 -20.50
N ARG B 343 21.63 17.11 -21.44
CA ARG B 343 22.12 18.40 -21.07
C ARG B 343 21.09 19.15 -20.26
N GLY B 344 21.52 19.85 -19.19
CA GLY B 344 20.60 20.61 -18.38
C GLY B 344 19.71 21.50 -19.20
N ILE B 345 18.58 21.87 -18.63
CA ILE B 345 17.58 22.67 -19.30
C ILE B 345 18.01 24.11 -19.58
N PHE B 346 19.11 24.63 -18.99
CA PHE B 346 19.52 25.99 -19.24
C PHE B 346 20.58 26.01 -20.33
N GLY B 347 21.23 24.86 -20.57
CA GLY B 347 22.11 24.74 -21.70
C GLY B 347 23.51 25.24 -21.51
N ALA B 348 23.98 25.41 -20.26
CA ALA B 348 25.32 25.86 -19.99
C ALA B 348 26.23 24.67 -19.77
N ILE B 349 26.00 23.87 -18.71
CA ILE B 349 26.75 22.66 -18.41
C ILE B 349 26.39 21.60 -19.42
N ALA B 350 27.41 21.05 -20.12
CA ALA B 350 27.24 20.11 -21.21
C ALA B 350 26.67 20.75 -22.46
N GLY B 351 26.73 22.09 -22.52
CA GLY B 351 26.06 22.92 -23.49
C GLY B 351 26.98 23.85 -24.17
N PHE B 352 26.76 25.17 -23.98
CA PHE B 352 27.67 26.13 -24.58
C PHE B 352 29.02 26.19 -23.85
N ILE B 353 29.09 25.68 -22.60
CA ILE B 353 30.36 25.45 -21.95
C ILE B 353 30.76 24.04 -22.33
N GLU B 354 31.81 23.91 -23.15
CA GLU B 354 32.24 22.67 -23.79
C GLU B 354 32.58 21.57 -22.81
N ASN B 355 33.33 21.89 -21.74
CA ASN B 355 33.68 20.89 -20.75
C ASN B 355 33.96 21.54 -19.42
N GLY B 356 33.99 20.73 -18.35
CA GLY B 356 34.43 21.18 -17.04
C GLY B 356 35.93 21.27 -16.92
N TRP B 357 36.39 21.79 -15.79
CA TRP B 357 37.78 22.00 -15.49
C TRP B 357 38.22 21.12 -14.33
N GLU B 358 39.04 20.08 -14.61
CA GLU B 358 39.57 19.22 -13.56
C GLU B 358 40.56 19.90 -12.63
N GLY B 359 41.23 20.95 -13.15
CA GLY B 359 42.17 21.75 -12.39
C GLY B 359 41.54 22.76 -11.45
N MET B 360 40.20 22.84 -11.39
CA MET B 360 39.52 23.66 -10.41
C MET B 360 39.04 22.77 -9.27
N VAL B 361 39.75 22.81 -8.12
CA VAL B 361 39.54 21.91 -7.00
C VAL B 361 39.15 22.63 -5.72
N ASP B 362 38.97 23.97 -5.79
CA ASP B 362 38.63 24.87 -4.72
C ASP B 362 37.21 25.42 -4.88
N GLY B 363 36.45 24.93 -5.88
CA GLY B 363 35.09 25.39 -6.06
C GLY B 363 34.46 24.70 -7.22
N TRP B 364 33.13 24.83 -7.37
CA TRP B 364 32.39 24.13 -8.39
C TRP B 364 32.21 24.97 -9.62
N TYR B 365 32.28 26.30 -9.47
CA TYR B 365 32.15 27.24 -10.55
C TYR B 365 33.25 28.25 -10.41
N GLY B 366 33.64 28.91 -11.51
CA GLY B 366 34.71 29.87 -11.39
C GLY B 366 35.01 30.54 -12.68
N PHE B 367 36.11 31.30 -12.64
CA PHE B 367 36.56 32.16 -13.72
C PHE B 367 37.95 31.74 -14.12
N ARG B 368 38.22 31.76 -15.43
CA ARG B 368 39.55 31.70 -15.98
C ARG B 368 39.75 32.92 -16.82
N HIS B 369 40.93 33.54 -16.77
CA HIS B 369 41.14 34.75 -17.51
C HIS B 369 42.45 34.72 -18.25
N GLN B 370 42.56 35.56 -19.29
CA GLN B 370 43.81 35.87 -19.93
C GLN B 370 43.89 37.37 -20.13
N ASN B 371 44.98 37.98 -19.65
CA ASN B 371 45.22 39.40 -19.80
C ASN B 371 46.68 39.64 -20.15
N SER B 372 47.13 40.89 -20.00
CA SER B 372 48.50 41.34 -20.17
C SER B 372 49.48 40.74 -19.17
N GLU B 373 49.02 40.46 -17.92
CA GLU B 373 49.86 39.93 -16.87
C GLU B 373 49.90 38.41 -16.82
N GLY B 374 49.11 37.72 -17.68
CA GLY B 374 49.14 36.27 -17.76
C GLY B 374 47.78 35.63 -17.86
N ARG B 375 47.73 34.36 -17.39
CA ARG B 375 46.53 33.55 -17.38
C ARG B 375 46.29 33.10 -15.95
N GLY B 376 45.03 33.15 -15.47
CA GLY B 376 44.73 32.70 -14.12
C GLY B 376 43.42 31.97 -14.02
N GLN B 377 43.15 31.44 -12.81
CA GLN B 377 41.94 30.72 -12.50
C GLN B 377 41.54 31.10 -11.08
N ALA B 378 40.24 31.30 -10.82
CA ALA B 378 39.75 31.56 -9.48
C ALA B 378 38.33 31.04 -9.35
N ALA B 379 38.00 30.37 -8.24
CA ALA B 379 36.66 29.89 -7.96
C ALA B 379 35.68 31.00 -7.53
N ASP B 380 34.37 30.82 -7.83
CA ASP B 380 33.30 31.67 -7.34
C ASP B 380 32.68 30.94 -6.16
N LEU B 381 32.78 31.52 -4.95
CA LEU B 381 32.34 30.88 -3.73
C LEU B 381 30.83 30.92 -3.56
N LYS B 382 30.21 32.05 -3.93
CA LYS B 382 28.80 32.26 -3.73
C LYS B 382 27.90 31.33 -4.53
N SER B 383 28.19 31.12 -5.84
CA SER B 383 27.50 30.16 -6.71
C SER B 383 27.78 28.72 -6.30
N THR B 384 29.05 28.40 -5.93
CA THR B 384 29.45 27.09 -5.41
C THR B 384 28.64 26.73 -4.18
N GLN B 385 28.56 27.66 -3.20
CA GLN B 385 27.79 27.46 -1.99
C GLN B 385 26.30 27.31 -2.23
N ALA B 386 25.72 28.12 -3.16
CA ALA B 386 24.31 28.06 -3.51
C ALA B 386 23.87 26.70 -4.05
N ALA B 387 24.70 26.08 -4.91
CA ALA B 387 24.49 24.72 -5.38
C ALA B 387 24.62 23.66 -4.27
N ILE B 388 25.67 23.77 -3.42
CA ILE B 388 25.91 22.87 -2.29
C ILE B 388 24.80 22.90 -1.27
N ASP B 389 24.31 24.10 -0.89
CA ASP B 389 23.22 24.28 0.06
C ASP B 389 21.93 23.59 -0.42
N GLN B 390 21.57 23.71 -1.72
CA GLN B 390 20.43 23.01 -2.30
C GLN B 390 20.52 21.51 -2.27
N ILE B 391 21.70 20.96 -2.61
CA ILE B 391 21.97 19.54 -2.54
C ILE B 391 21.94 19.02 -1.10
N ASN B 392 22.53 19.75 -0.15
CA ASN B 392 22.44 19.44 1.27
C ASN B 392 21.01 19.47 1.79
N GLY B 393 20.16 20.39 1.29
CA GLY B 393 18.75 20.40 1.59
C GLY B 393 17.98 19.18 1.16
N LYS B 394 18.35 18.60 -0.01
CA LYS B 394 17.86 17.29 -0.42
C LYS B 394 18.34 16.18 0.48
N LEU B 395 19.64 16.16 0.80
CA LEU B 395 20.22 15.17 1.69
C LEU B 395 19.61 15.16 3.08
N ASN B 396 19.34 16.34 3.65
CA ASN B 396 18.66 16.50 4.92
C ASN B 396 17.25 15.94 4.93
N ARG B 397 16.57 15.91 3.77
CA ARG B 397 15.29 15.25 3.69
C ARG B 397 15.35 13.73 3.68
N LEU B 398 16.48 13.12 3.26
CA LEU B 398 16.58 11.70 2.98
C LEU B 398 17.49 10.94 3.94
N ILE B 399 18.52 11.60 4.49
CA ILE B 399 19.52 10.97 5.33
C ILE B 399 19.16 11.14 6.79
N GLY B 400 19.18 10.03 7.54
CA GLY B 400 19.03 10.06 9.00
C GLY B 400 17.66 10.40 9.53
N LYS B 401 16.60 9.91 8.86
CA LYS B 401 15.22 10.23 9.18
C LYS B 401 14.34 9.01 9.07
N THR B 402 14.88 7.82 9.38
CA THR B 402 14.14 6.58 9.39
C THR B 402 13.04 6.51 10.44
N ASN B 403 12.01 5.68 10.21
CA ASN B 403 10.84 5.61 11.08
C ASN B 403 10.80 4.28 11.80
N GLU B 404 10.46 4.32 13.10
CA GLU B 404 10.42 3.18 13.99
C GLU B 404 9.26 2.24 13.75
N LYS B 405 9.55 0.96 13.54
CA LYS B 405 8.55 -0.09 13.52
C LYS B 405 8.94 -1.16 14.51
N PHE B 406 7.93 -1.76 15.17
CA PHE B 406 8.17 -2.73 16.21
C PHE B 406 7.51 -4.07 15.89
N HIS B 407 6.45 -4.48 16.61
CA HIS B 407 5.72 -5.69 16.29
C HIS B 407 4.90 -5.54 15.02
N GLN B 408 5.07 -6.46 14.05
CA GLN B 408 4.43 -6.39 12.77
C GLN B 408 3.73 -7.73 12.51
N ILE B 409 3.78 -8.22 11.27
CA ILE B 409 3.27 -9.51 10.88
C ILE B 409 4.46 -10.39 10.57
N GLU B 410 4.27 -11.72 10.61
CA GLU B 410 5.24 -12.67 10.12
C GLU B 410 5.39 -12.60 8.61
N LYS B 411 6.61 -12.83 8.10
CA LYS B 411 6.90 -12.65 6.68
C LYS B 411 7.63 -13.82 6.07
N GLU B 412 7.94 -14.84 6.89
CA GLU B 412 8.50 -16.11 6.46
C GLU B 412 7.73 -17.17 7.18
N PHE B 413 7.50 -18.31 6.52
CA PHE B 413 6.58 -19.31 6.99
C PHE B 413 7.17 -20.67 6.71
N SER B 414 7.10 -21.59 7.70
CA SER B 414 7.69 -22.90 7.59
C SER B 414 6.68 -23.94 7.13
N GLU B 415 5.36 -23.67 7.20
CA GLU B 415 4.34 -24.60 6.76
C GLU B 415 3.35 -23.93 5.83
N VAL B 416 2.79 -24.71 4.87
CA VAL B 416 1.63 -24.34 4.08
C VAL B 416 0.39 -24.18 4.96
N GLU B 417 -0.34 -23.05 4.78
CA GLU B 417 -1.56 -22.78 5.51
C GLU B 417 -2.70 -22.34 4.60
N GLY B 418 -2.42 -21.89 3.36
CA GLY B 418 -3.47 -21.38 2.48
C GLY B 418 -3.84 -19.97 2.82
N ARG B 419 -5.14 -19.68 2.94
CA ARG B 419 -5.74 -18.36 2.74
C ARG B 419 -5.19 -17.20 3.57
N VAL B 420 -5.01 -17.38 4.90
CA VAL B 420 -4.46 -16.36 5.77
C VAL B 420 -3.02 -16.01 5.41
N GLN B 421 -2.21 -17.06 5.14
CA GLN B 421 -0.82 -16.90 4.73
C GLN B 421 -0.67 -16.25 3.37
N ASP B 422 -1.56 -16.57 2.40
CA ASP B 422 -1.64 -15.91 1.11
C ASP B 422 -1.86 -14.41 1.27
N LEU B 423 -2.77 -14.05 2.19
CA LEU B 423 -3.04 -12.67 2.52
C LEU B 423 -1.86 -11.94 3.17
N GLU B 424 -1.19 -12.53 4.18
CA GLU B 424 -0.02 -11.96 4.82
C GLU B 424 1.13 -11.74 3.85
N LYS B 425 1.39 -12.72 2.96
CA LYS B 425 2.37 -12.61 1.89
C LYS B 425 2.05 -11.52 0.87
N TYR B 426 0.79 -11.45 0.42
CA TYR B 426 0.30 -10.46 -0.54
C TYR B 426 0.42 -9.05 -0.01
N VAL B 427 0.06 -8.82 1.28
CA VAL B 427 0.18 -7.52 1.92
C VAL B 427 1.61 -7.02 1.93
N GLU B 428 2.57 -7.89 2.31
CA GLU B 428 3.97 -7.53 2.30
C GLU B 428 4.55 -7.28 0.92
N ASP B 429 4.24 -8.15 -0.09
CA ASP B 429 4.67 -7.98 -1.48
C ASP B 429 4.14 -6.67 -2.06
N THR B 430 2.84 -6.35 -1.80
CA THR B 430 2.22 -5.09 -2.21
C THR B 430 2.92 -3.88 -1.64
N LYS B 431 3.25 -3.91 -0.33
CA LYS B 431 3.96 -2.85 0.34
C LYS B 431 5.37 -2.62 -0.19
N ILE B 432 6.14 -3.70 -0.41
CA ILE B 432 7.50 -3.63 -0.94
C ILE B 432 7.52 -3.06 -2.34
N ASP B 433 6.63 -3.51 -3.25
CA ASP B 433 6.54 -2.99 -4.60
C ASP B 433 6.24 -1.48 -4.64
N LEU B 434 5.33 -0.99 -3.76
CA LEU B 434 5.02 0.43 -3.64
C LEU B 434 6.17 1.27 -3.11
N TRP B 435 6.88 0.81 -2.06
CA TRP B 435 8.09 1.47 -1.59
C TRP B 435 9.25 1.42 -2.58
N SER B 436 9.45 0.28 -3.28
CA SER B 436 10.42 0.17 -4.36
C SER B 436 10.16 1.14 -5.51
N TYR B 437 8.87 1.36 -5.88
CA TYR B 437 8.48 2.41 -6.82
C TYR B 437 8.82 3.81 -6.32
N ASN B 438 8.47 4.12 -5.05
CA ASN B 438 8.73 5.42 -4.44
C ASN B 438 10.20 5.78 -4.43
N ALA B 439 11.06 4.81 -4.07
CA ALA B 439 12.49 4.95 -4.08
C ALA B 439 13.08 5.19 -5.46
N GLU B 440 12.63 4.42 -6.50
CA GLU B 440 13.09 4.58 -7.87
C GLU B 440 12.75 5.94 -8.45
N LEU B 441 11.48 6.36 -8.29
CA LEU B 441 11.00 7.63 -8.76
C LEU B 441 11.67 8.79 -8.07
N LEU B 442 11.86 8.70 -6.74
CA LEU B 442 12.53 9.73 -5.97
C LEU B 442 13.92 10.01 -6.49
N VAL B 443 14.75 8.96 -6.68
CA VAL B 443 16.10 9.14 -7.19
C VAL B 443 16.13 9.72 -8.58
N ALA B 444 15.28 9.22 -9.50
CA ALA B 444 15.22 9.72 -10.86
C ALA B 444 14.82 11.21 -10.94
N LEU B 445 13.79 11.62 -10.16
CA LEU B 445 13.36 13.01 -10.03
C LEU B 445 14.38 13.92 -9.41
N GLU B 446 14.98 13.51 -8.26
CA GLU B 446 15.99 14.29 -7.58
C GLU B 446 17.22 14.49 -8.43
N ASN B 447 17.69 13.42 -9.10
CA ASN B 447 18.85 13.48 -9.95
C ASN B 447 18.68 14.40 -11.14
N GLN B 448 17.49 14.35 -11.80
CA GLN B 448 17.14 15.28 -12.86
C GLN B 448 17.17 16.72 -12.38
N HIS B 449 16.53 16.98 -11.22
CA HIS B 449 16.53 18.30 -10.60
C HIS B 449 17.90 18.78 -10.15
N THR B 450 18.76 17.89 -9.60
CA THR B 450 20.14 18.20 -9.21
C THR B 450 20.99 18.61 -10.39
N ILE B 451 20.90 17.89 -11.53
CA ILE B 451 21.57 18.26 -12.76
C ILE B 451 21.07 19.60 -13.31
N ASP B 452 19.74 19.85 -13.30
CA ASP B 452 19.16 21.11 -13.72
C ASP B 452 19.51 22.30 -12.81
N LEU B 453 19.50 22.14 -11.46
CA LEU B 453 19.88 23.21 -10.55
C LEU B 453 21.35 23.60 -10.66
N THR B 454 22.26 22.61 -10.83
CA THR B 454 23.67 22.90 -11.06
C THR B 454 23.97 23.58 -12.38
N ASP B 455 23.25 23.22 -13.47
CA ASP B 455 23.24 23.94 -14.73
C ASP B 455 22.74 25.37 -14.58
N SER B 456 21.65 25.56 -13.82
CA SER B 456 21.08 26.86 -13.47
C SER B 456 22.06 27.80 -12.79
N GLU B 457 22.79 27.33 -11.75
CA GLU B 457 23.76 28.15 -11.03
C GLU B 457 24.90 28.62 -11.92
N MET B 458 25.36 27.75 -12.84
CA MET B 458 26.32 28.14 -13.87
C MET B 458 25.80 29.23 -14.80
N ASN B 459 24.54 29.09 -15.28
CA ASN B 459 23.88 30.06 -16.13
C ASN B 459 23.69 31.41 -15.44
N LYS B 460 23.26 31.41 -14.16
CA LYS B 460 23.11 32.63 -13.36
C LYS B 460 24.40 33.39 -13.19
N LEU B 461 25.52 32.67 -12.93
CA LEU B 461 26.82 33.28 -12.84
C LEU B 461 27.26 33.94 -14.14
N PHE B 462 27.06 33.25 -15.29
CA PHE B 462 27.33 33.79 -16.61
C PHE B 462 26.51 35.05 -16.92
N GLU B 463 25.18 35.01 -16.67
CA GLU B 463 24.29 36.14 -16.88
C GLU B 463 24.61 37.35 -16.01
N LYS B 464 24.94 37.12 -14.73
CA LYS B 464 25.38 38.16 -13.82
C LYS B 464 26.67 38.84 -14.26
N THR B 465 27.66 38.04 -14.70
CA THR B 465 28.91 38.53 -15.27
C THR B 465 28.71 39.33 -16.53
N LYS B 466 27.81 38.88 -17.44
CA LYS B 466 27.46 39.58 -18.65
C LYS B 466 26.88 40.97 -18.42
N LYS B 467 25.93 41.09 -17.49
CA LYS B 467 25.31 42.36 -17.12
C LYS B 467 26.29 43.35 -16.52
N GLN B 468 27.25 42.85 -15.70
CA GLN B 468 28.31 43.61 -15.09
C GLN B 468 29.20 44.33 -16.09
N LEU B 469 29.53 43.63 -17.19
CA LEU B 469 30.41 44.13 -18.21
C LEU B 469 29.78 45.15 -19.12
N ARG B 470 28.43 45.24 -19.15
CA ARG B 470 27.70 46.19 -19.98
C ARG B 470 28.11 46.14 -21.44
N GLU B 471 28.55 47.28 -21.99
CA GLU B 471 28.97 47.43 -23.36
C GLU B 471 30.46 47.26 -23.53
N ASN B 472 31.17 46.75 -22.49
CA ASN B 472 32.61 46.71 -22.51
C ASN B 472 33.14 45.36 -22.94
N ALA B 473 32.24 44.41 -23.27
CA ALA B 473 32.62 43.07 -23.61
C ALA B 473 31.57 42.43 -24.48
N GLU B 474 31.97 41.36 -25.20
CA GLU B 474 31.05 40.58 -26.03
C GLU B 474 31.19 39.12 -25.70
N ASP B 475 30.04 38.40 -25.65
CA ASP B 475 29.95 36.97 -25.50
C ASP B 475 30.52 36.27 -26.74
N MET B 476 31.48 35.34 -26.55
CA MET B 476 32.08 34.61 -27.64
C MET B 476 31.35 33.30 -27.89
N GLY B 477 30.33 32.98 -27.07
CA GLY B 477 29.42 31.89 -27.32
C GLY B 477 29.76 30.59 -26.66
N ASN B 478 30.90 30.53 -25.97
CA ASN B 478 31.45 29.35 -25.34
C ASN B 478 31.61 29.52 -23.83
N GLY B 479 30.90 30.50 -23.22
CA GLY B 479 31.08 30.85 -21.82
C GLY B 479 32.20 31.83 -21.58
N CYS B 480 32.85 32.34 -22.65
CA CYS B 480 33.93 33.29 -22.56
C CYS B 480 33.49 34.63 -23.10
N PHE B 481 33.96 35.70 -22.43
CA PHE B 481 33.74 37.08 -22.78
C PHE B 481 35.04 37.65 -23.30
N LYS B 482 34.95 38.33 -24.46
CA LYS B 482 36.04 39.13 -24.98
C LYS B 482 35.86 40.51 -24.41
N ILE B 483 36.79 40.94 -23.54
CA ILE B 483 36.76 42.23 -22.88
C ILE B 483 37.57 43.18 -23.72
N TYR B 484 36.95 44.27 -24.18
CA TYR B 484 37.49 45.18 -25.18
C TYR B 484 38.31 46.30 -24.58
N HIS B 485 38.97 46.05 -23.45
CA HIS B 485 39.86 47.04 -22.88
C HIS B 485 40.98 46.30 -22.19
N LYS B 486 42.00 47.06 -21.78
CA LYS B 486 43.06 46.62 -20.91
C LYS B 486 42.62 46.32 -19.48
N CYS B 487 42.65 45.03 -19.06
CA CYS B 487 42.11 44.65 -17.77
C CYS B 487 43.19 43.84 -17.09
N ASP B 488 44.01 44.49 -16.23
CA ASP B 488 45.00 43.88 -15.35
C ASP B 488 44.39 42.91 -14.33
N ASN B 489 45.20 42.33 -13.45
CA ASN B 489 44.75 41.40 -12.44
C ASN B 489 43.76 41.99 -11.46
N ALA B 490 43.96 43.25 -11.03
CA ALA B 490 43.05 43.98 -10.17
C ALA B 490 41.71 44.29 -10.86
N CYS B 491 41.73 44.65 -12.16
CA CYS B 491 40.55 44.77 -12.99
C CYS B 491 39.78 43.46 -13.15
N ILE B 492 40.45 42.33 -13.38
CA ILE B 492 39.81 41.01 -13.40
C ILE B 492 39.23 40.66 -12.04
N GLU B 493 39.97 40.94 -10.96
CA GLU B 493 39.54 40.73 -9.60
C GLU B 493 38.28 41.50 -9.25
N SER B 494 38.19 42.78 -9.70
CA SER B 494 37.01 43.64 -9.54
C SER B 494 35.76 43.07 -10.16
N ILE B 495 35.88 42.45 -11.36
CA ILE B 495 34.78 41.73 -12.01
C ILE B 495 34.32 40.52 -11.20
N ARG B 496 35.27 39.73 -10.69
CA ARG B 496 34.96 38.56 -9.89
C ARG B 496 34.32 38.88 -8.56
N ASN B 497 34.69 40.00 -7.90
CA ASN B 497 34.16 40.36 -6.59
C ASN B 497 33.10 41.46 -6.63
N GLU B 498 32.57 41.80 -7.82
CA GLU B 498 31.37 42.61 -7.97
C GLU B 498 31.60 44.12 -7.84
N THR B 499 32.85 44.61 -8.00
CA THR B 499 33.20 46.02 -7.83
C THR B 499 33.63 46.67 -9.13
N TYR B 500 33.51 45.96 -10.26
CA TYR B 500 33.82 46.47 -11.56
C TYR B 500 32.98 47.68 -11.96
N ASP B 501 33.62 48.84 -12.22
CA ASP B 501 32.94 50.00 -12.70
C ASP B 501 33.13 50.04 -14.21
N HIS B 502 32.04 49.76 -14.95
CA HIS B 502 32.03 49.75 -16.40
C HIS B 502 32.30 51.13 -17.01
N ASN B 503 31.83 52.21 -16.36
CA ASN B 503 31.95 53.58 -16.82
C ASN B 503 33.39 54.01 -16.99
N VAL B 504 34.30 53.50 -16.14
CA VAL B 504 35.74 53.75 -16.18
C VAL B 504 36.36 53.37 -17.52
N TYR B 505 35.93 52.24 -18.11
CA TYR B 505 36.56 51.67 -19.28
C TYR B 505 35.72 51.80 -20.53
N ARG B 506 34.51 52.40 -20.43
CA ARG B 506 33.53 52.40 -21.50
C ARG B 506 33.99 53.05 -22.79
N ASP B 507 34.63 54.23 -22.72
CA ASP B 507 35.16 54.92 -23.89
C ASP B 507 36.22 54.14 -24.64
N GLU B 508 37.18 53.54 -23.90
CA GLU B 508 38.19 52.66 -24.44
C GLU B 508 37.57 51.44 -25.10
N ALA B 509 36.60 50.80 -24.40
CA ALA B 509 35.91 49.64 -24.91
C ALA B 509 35.06 49.86 -26.14
N LEU B 510 34.28 50.95 -26.20
CA LEU B 510 33.47 51.32 -27.35
C LEU B 510 34.28 51.63 -28.59
N ASN B 511 35.42 52.34 -28.45
CA ASN B 511 36.33 52.59 -29.56
C ASN B 511 36.88 51.30 -30.16
N ASN B 512 37.32 50.35 -29.31
CA ASN B 512 37.81 49.06 -29.74
C ASN B 512 36.75 48.16 -30.38
N ARG B 513 35.50 48.14 -29.84
CA ARG B 513 34.41 47.38 -30.42
C ARG B 513 33.90 47.87 -31.75
N PHE B 514 33.73 49.19 -31.89
CA PHE B 514 33.07 49.84 -33.00
C PHE B 514 34.05 50.65 -33.82
N GLN B 515 34.71 49.98 -34.77
CA GLN B 515 35.74 50.52 -35.62
C GLN B 515 35.63 49.79 -36.95
N ILE B 516 36.73 49.72 -37.71
CA ILE B 516 36.91 49.04 -38.98
C ILE B 516 38.31 48.36 -38.79
N ALA C 25 19.01 40.99 -44.06
CA ALA C 25 18.27 39.69 -44.18
C ALA C 25 17.50 39.37 -42.91
N THR C 26 16.62 38.36 -42.92
CA THR C 26 15.84 37.99 -41.74
C THR C 26 16.04 36.52 -41.53
N LEU C 27 16.32 36.10 -40.29
CA LEU C 27 16.42 34.70 -39.92
C LEU C 27 15.53 34.46 -38.72
N CYS C 28 14.54 33.57 -38.84
CA CYS C 28 13.53 33.28 -37.84
C CYS C 28 13.69 31.86 -37.34
N LEU C 29 13.65 31.70 -36.02
CA LEU C 29 13.71 30.44 -35.33
C LEU C 29 12.30 29.98 -35.06
N GLY C 30 12.05 28.67 -35.16
CA GLY C 30 10.71 28.17 -34.91
C GLY C 30 10.69 26.72 -34.63
N HIS C 31 9.47 26.20 -34.46
CA HIS C 31 9.22 24.83 -34.12
C HIS C 31 8.06 24.34 -34.95
N HIS C 32 7.88 23.01 -35.04
CA HIS C 32 6.79 22.41 -35.82
C HIS C 32 5.44 22.45 -35.12
N ALA C 33 4.35 22.22 -35.85
CA ALA C 33 3.04 22.06 -35.26
C ALA C 33 2.31 21.06 -36.11
N VAL C 34 1.18 20.52 -35.62
CA VAL C 34 0.38 19.57 -36.36
C VAL C 34 -1.07 20.00 -36.37
N PRO C 35 -1.89 19.56 -37.33
CA PRO C 35 -3.31 19.91 -37.35
C PRO C 35 -4.10 19.05 -36.37
N ASN C 36 -3.63 17.82 -36.08
CA ASN C 36 -4.32 16.87 -35.24
C ASN C 36 -3.63 16.69 -33.91
N GLY C 37 -3.67 17.72 -33.03
CA GLY C 37 -3.07 17.59 -31.71
C GLY C 37 -3.85 16.72 -30.75
N THR C 38 -3.22 16.44 -29.60
CA THR C 38 -3.77 15.55 -28.59
C THR C 38 -3.75 16.26 -27.26
N ILE C 39 -4.88 16.21 -26.52
CA ILE C 39 -4.99 16.80 -25.20
C ILE C 39 -4.37 15.91 -24.14
N VAL C 40 -3.53 16.48 -23.27
CA VAL C 40 -2.94 15.81 -22.13
C VAL C 40 -3.14 16.65 -20.88
N LYS C 41 -2.93 16.02 -19.71
CA LYS C 41 -2.98 16.65 -18.40
C LYS C 41 -1.57 16.94 -17.92
N THR C 42 -1.38 18.07 -17.23
CA THR C 42 -0.13 18.47 -16.62
C THR C 42 -0.37 18.79 -15.16
N ILE C 43 0.69 19.18 -14.42
CA ILE C 43 0.62 19.67 -13.06
C ILE C 43 -0.20 20.94 -12.91
N THR C 44 -0.08 21.87 -13.87
CA THR C 44 -0.72 23.17 -13.81
C THR C 44 -1.92 23.31 -14.72
N ASN C 45 -2.25 22.30 -15.55
CA ASN C 45 -3.42 22.40 -16.39
C ASN C 45 -4.03 21.04 -16.66
N ASP C 46 -5.36 21.01 -16.62
CA ASP C 46 -6.20 19.89 -16.92
C ASP C 46 -6.25 19.49 -18.40
N ARG C 47 -6.08 20.47 -19.31
CA ARG C 47 -6.24 20.28 -20.72
C ARG C 47 -5.24 21.10 -21.49
N ILE C 48 -4.15 20.46 -21.96
CA ILE C 48 -3.23 21.11 -22.85
C ILE C 48 -2.94 20.29 -24.06
N GLU C 49 -2.90 20.93 -25.23
CA GLU C 49 -2.64 20.24 -26.47
C GLU C 49 -1.15 20.13 -26.78
N VAL C 50 -0.72 18.90 -27.06
CA VAL C 50 0.63 18.55 -27.48
C VAL C 50 0.54 17.93 -28.86
N THR C 51 1.67 17.89 -29.59
CA THR C 51 1.78 17.39 -30.94
C THR C 51 1.51 15.91 -31.06
N ASN C 52 1.83 15.14 -30.02
CA ASN C 52 1.69 13.71 -30.04
C ASN C 52 1.63 13.22 -28.61
N ALA C 53 1.00 12.06 -28.37
CA ALA C 53 0.94 11.45 -27.06
C ALA C 53 0.70 9.98 -27.24
N THR C 54 1.05 9.17 -26.22
CA THR C 54 0.81 7.74 -26.21
C THR C 54 -0.04 7.39 -25.02
N GLU C 55 -0.86 6.34 -25.15
CA GLU C 55 -1.73 5.81 -24.12
C GLU C 55 -0.98 4.90 -23.18
N LEU C 56 -1.12 5.09 -21.85
CA LEU C 56 -0.45 4.28 -20.86
C LEU C 56 -1.36 3.29 -20.16
N VAL C 57 -2.68 3.30 -20.42
CA VAL C 57 -3.59 2.33 -19.87
C VAL C 57 -4.07 1.36 -20.93
N GLN C 58 -3.77 0.06 -20.77
CA GLN C 58 -4.36 -0.97 -21.59
C GLN C 58 -5.81 -1.22 -21.20
N ASN C 59 -6.78 -1.02 -22.12
CA ASN C 59 -8.19 -1.09 -21.79
C ASN C 59 -8.93 -2.24 -22.46
N SER C 60 -8.24 -3.05 -23.27
CA SER C 60 -8.88 -4.08 -24.05
C SER C 60 -8.13 -5.39 -23.99
N SER C 61 -8.88 -6.47 -24.19
CA SER C 61 -8.42 -7.84 -24.34
C SER C 61 -8.97 -8.30 -25.66
N ILE C 62 -8.29 -9.29 -26.27
CA ILE C 62 -8.68 -9.97 -27.49
C ILE C 62 -9.70 -11.06 -27.20
N GLY C 63 -9.97 -11.35 -25.91
CA GLY C 63 -11.07 -12.22 -25.49
C GLY C 63 -10.72 -13.67 -25.35
N GLU C 64 -9.47 -14.03 -25.67
CA GLU C 64 -8.95 -15.37 -25.58
C GLU C 64 -7.85 -15.43 -24.56
N ILE C 65 -7.78 -16.53 -23.81
CA ILE C 65 -6.61 -16.84 -23.00
C ILE C 65 -5.66 -17.59 -23.89
N CYS C 66 -4.53 -16.97 -24.25
CA CYS C 66 -3.48 -17.62 -25.02
C CYS C 66 -2.88 -18.82 -24.30
N ASP C 67 -2.60 -19.93 -25.02
CA ASP C 67 -2.09 -21.16 -24.45
C ASP C 67 -0.57 -21.14 -24.23
N SER C 68 0.09 -20.08 -24.71
CA SER C 68 1.52 -19.91 -24.60
C SER C 68 1.84 -18.54 -23.99
N PRO C 69 2.92 -18.37 -23.22
CA PRO C 69 3.96 -19.35 -22.98
C PRO C 69 3.74 -20.05 -21.66
N HIS C 70 2.63 -19.77 -20.94
CA HIS C 70 2.35 -20.40 -19.67
C HIS C 70 1.59 -21.68 -19.90
N GLN C 71 1.87 -22.75 -19.15
CA GLN C 71 1.15 -24.00 -19.25
C GLN C 71 -0.27 -23.89 -18.71
N ILE C 72 -1.26 -23.82 -19.62
CA ILE C 72 -2.65 -23.68 -19.27
C ILE C 72 -3.30 -25.04 -19.06
N LEU C 73 -4.08 -25.17 -17.99
CA LEU C 73 -4.96 -26.30 -17.85
C LEU C 73 -6.38 -25.79 -17.75
N ASP C 74 -7.19 -26.02 -18.81
CA ASP C 74 -8.62 -25.78 -18.79
C ASP C 74 -9.25 -26.86 -17.93
N GLY C 75 -9.95 -26.45 -16.85
CA GLY C 75 -10.68 -27.39 -16.00
C GLY C 75 -11.96 -27.86 -16.63
N GLU C 76 -12.45 -27.13 -17.66
CA GLU C 76 -13.66 -27.44 -18.39
C GLU C 76 -14.89 -27.62 -17.52
N ASN C 77 -15.37 -28.86 -17.37
CA ASN C 77 -16.48 -29.15 -16.48
C ASN C 77 -16.05 -29.44 -15.05
N CYS C 78 -14.74 -29.52 -14.74
CA CYS C 78 -14.25 -29.91 -13.44
C CYS C 78 -13.64 -28.72 -12.71
N THR C 79 -13.89 -28.63 -11.39
CA THR C 79 -13.12 -27.78 -10.49
C THR C 79 -11.78 -28.41 -10.20
N LEU C 80 -10.85 -27.63 -9.61
CA LEU C 80 -9.59 -28.20 -9.17
C LEU C 80 -9.74 -29.28 -8.10
N ILE C 81 -10.63 -29.06 -7.11
CA ILE C 81 -10.93 -30.04 -6.08
C ILE C 81 -11.54 -31.32 -6.62
N ASP C 82 -12.48 -31.27 -7.58
CA ASP C 82 -13.00 -32.48 -8.20
C ASP C 82 -11.94 -33.30 -8.93
N ALA C 83 -11.03 -32.62 -9.67
CA ALA C 83 -9.88 -33.23 -10.30
C ALA C 83 -8.90 -33.85 -9.31
N LEU C 84 -8.68 -33.19 -8.16
CA LEU C 84 -7.90 -33.71 -7.05
C LEU C 84 -8.50 -34.95 -6.42
N LEU C 85 -9.80 -34.92 -6.06
CA LEU C 85 -10.48 -36.06 -5.46
C LEU C 85 -10.58 -37.24 -6.40
N GLY C 86 -10.83 -36.94 -7.69
CA GLY C 86 -10.92 -37.95 -8.70
C GLY C 86 -12.33 -38.27 -9.02
N ASP C 87 -13.16 -37.22 -9.24
CA ASP C 87 -14.46 -37.34 -9.87
C ASP C 87 -14.26 -38.08 -11.22
N PRO C 88 -15.04 -39.08 -11.64
CA PRO C 88 -14.89 -39.83 -12.90
C PRO C 88 -14.76 -38.98 -14.13
N GLN C 89 -15.47 -37.85 -14.15
CA GLN C 89 -15.46 -36.87 -15.20
C GLN C 89 -14.10 -36.22 -15.42
N CYS C 90 -13.24 -36.26 -14.39
CA CYS C 90 -11.97 -35.61 -14.30
C CYS C 90 -10.82 -36.60 -14.33
N ASP C 91 -11.06 -37.90 -14.73
CA ASP C 91 -10.04 -38.95 -14.82
C ASP C 91 -8.88 -38.58 -15.77
N GLY C 92 -9.13 -37.77 -16.82
CA GLY C 92 -8.09 -37.33 -17.76
C GLY C 92 -7.14 -36.28 -17.23
N PHE C 93 -7.42 -35.76 -16.01
CA PHE C 93 -6.58 -34.78 -15.36
C PHE C 93 -5.59 -35.40 -14.39
N GLN C 94 -5.51 -36.74 -14.32
CA GLN C 94 -4.57 -37.41 -13.44
C GLN C 94 -3.10 -37.09 -13.69
N ASN C 95 -2.41 -36.62 -12.64
CA ASN C 95 -0.98 -36.34 -12.64
C ASN C 95 -0.58 -35.13 -13.49
N LYS C 96 -1.55 -34.30 -13.91
CA LYS C 96 -1.29 -33.10 -14.66
C LYS C 96 -0.59 -32.01 -13.87
N LYS C 97 0.20 -31.17 -14.57
CA LYS C 97 0.80 -29.99 -14.01
C LYS C 97 0.29 -28.81 -14.77
N TRP C 98 0.46 -27.61 -14.21
CA TRP C 98 0.04 -26.38 -14.84
C TRP C 98 0.80 -25.20 -14.24
N ASP C 99 0.92 -24.11 -15.01
CA ASP C 99 1.23 -22.79 -14.50
C ASP C 99 -0.08 -22.11 -14.09
N LEU C 100 -1.14 -22.23 -14.93
CA LEU C 100 -2.43 -21.66 -14.59
C LEU C 100 -3.57 -22.64 -14.83
N PHE C 101 -4.34 -22.95 -13.76
CA PHE C 101 -5.54 -23.75 -13.84
C PHE C 101 -6.72 -22.81 -14.09
N VAL C 102 -7.57 -23.09 -15.10
CA VAL C 102 -8.69 -22.23 -15.41
C VAL C 102 -9.99 -22.93 -15.02
N GLU C 103 -10.70 -22.40 -14.01
CA GLU C 103 -11.99 -22.94 -13.60
C GLU C 103 -13.10 -22.23 -14.34
N ARG C 104 -14.04 -23.02 -14.88
CA ARG C 104 -15.17 -22.51 -15.62
C ARG C 104 -16.40 -22.37 -14.74
N SER C 105 -17.31 -21.44 -15.07
CA SER C 105 -18.53 -21.24 -14.27
C SER C 105 -19.56 -22.33 -14.47
N LYS C 106 -19.42 -23.07 -15.59
CA LYS C 106 -20.29 -24.16 -15.96
C LYS C 106 -19.97 -25.45 -15.24
N ALA C 107 -18.81 -25.50 -14.53
CA ALA C 107 -18.31 -26.66 -13.83
C ALA C 107 -19.26 -27.19 -12.78
N TYR C 108 -19.32 -28.52 -12.65
CA TYR C 108 -20.27 -29.12 -11.76
C TYR C 108 -19.68 -30.44 -11.31
N SER C 109 -20.00 -30.84 -10.07
CA SER C 109 -19.53 -32.08 -9.49
C SER C 109 -20.56 -33.18 -9.79
N ASN C 110 -20.15 -34.44 -10.07
CA ASN C 110 -21.07 -35.53 -10.42
C ASN C 110 -20.66 -36.85 -9.78
N CYS C 111 -19.97 -36.79 -8.63
CA CYS C 111 -19.66 -37.92 -7.80
C CYS C 111 -20.45 -37.81 -6.52
N TYR C 112 -19.95 -38.43 -5.43
CA TYR C 112 -20.59 -38.38 -4.13
C TYR C 112 -20.63 -36.94 -3.59
N PRO C 113 -21.71 -36.41 -3.02
CA PRO C 113 -21.76 -35.10 -2.39
C PRO C 113 -20.73 -34.84 -1.30
N TYR C 114 -19.98 -33.73 -1.37
CA TYR C 114 -18.94 -33.48 -0.41
C TYR C 114 -18.90 -32.02 -0.05
N ASP C 115 -18.31 -31.72 1.13
CA ASP C 115 -17.96 -30.39 1.53
C ASP C 115 -16.50 -30.43 1.96
N VAL C 116 -15.83 -29.26 1.94
CA VAL C 116 -14.47 -29.13 2.43
C VAL C 116 -14.50 -27.98 3.44
N PRO C 117 -14.33 -28.16 4.75
CA PRO C 117 -13.97 -27.08 5.68
C PRO C 117 -12.70 -26.40 5.25
N ASP C 118 -12.72 -25.06 5.12
CA ASP C 118 -11.62 -24.31 4.58
C ASP C 118 -11.24 -24.72 3.13
N TYR C 119 -12.30 -24.89 2.28
CA TYR C 119 -12.23 -25.22 0.87
C TYR C 119 -11.30 -24.30 0.09
N ALA C 120 -11.39 -23.00 0.41
CA ALA C 120 -10.60 -21.95 -0.18
C ALA C 120 -9.10 -22.14 0.05
N SER C 121 -8.67 -22.49 1.29
CA SER C 121 -7.27 -22.80 1.60
C SER C 121 -6.78 -24.04 0.88
N LEU C 122 -7.58 -25.14 0.82
CA LEU C 122 -7.18 -26.33 0.07
C LEU C 122 -7.03 -26.07 -1.41
N ARG C 123 -8.00 -25.38 -2.02
CA ARG C 123 -7.96 -24.98 -3.42
C ARG C 123 -6.76 -24.12 -3.74
N SER C 124 -6.45 -23.16 -2.84
CA SER C 124 -5.29 -22.30 -2.94
C SER C 124 -3.97 -23.05 -2.90
N LEU C 125 -3.76 -23.94 -1.89
CA LEU C 125 -2.49 -24.63 -1.76
C LEU C 125 -2.19 -25.59 -2.90
N VAL C 126 -3.23 -26.31 -3.40
CA VAL C 126 -3.11 -27.16 -4.59
C VAL C 126 -2.81 -26.34 -5.84
N ALA C 127 -3.52 -25.21 -6.05
CA ALA C 127 -3.33 -24.33 -7.18
C ALA C 127 -1.93 -23.74 -7.27
N SER C 128 -1.40 -23.28 -6.12
CA SER C 128 -0.03 -22.80 -5.93
C SER C 128 1.02 -23.88 -6.16
N SER C 129 0.72 -25.13 -5.72
CA SER C 129 1.57 -26.29 -5.95
C SER C 129 1.73 -26.64 -7.42
N GLY C 130 0.63 -26.58 -8.18
CA GLY C 130 0.70 -26.67 -9.64
C GLY C 130 0.82 -28.05 -10.20
N THR C 131 0.46 -29.06 -9.41
CA THR C 131 0.61 -30.44 -9.81
C THR C 131 -0.48 -31.27 -9.15
N LEU C 132 -0.95 -32.31 -9.88
CA LEU C 132 -1.81 -33.36 -9.40
C LEU C 132 -1.09 -34.69 -9.37
N GLU C 133 0.27 -34.69 -9.44
CA GLU C 133 1.10 -35.88 -9.28
C GLU C 133 0.81 -36.68 -8.02
N PHE C 134 0.38 -37.93 -8.21
CA PHE C 134 -0.12 -38.79 -7.17
C PHE C 134 0.68 -40.08 -7.17
N LYS C 135 1.09 -40.54 -5.98
CA LYS C 135 1.76 -41.80 -5.81
C LYS C 135 0.93 -42.62 -4.86
N ASN C 136 0.50 -43.81 -5.33
CA ASN C 136 -0.22 -44.80 -4.54
C ASN C 136 0.65 -45.37 -3.44
N GLU C 137 0.05 -45.63 -2.27
CA GLU C 137 0.73 -46.24 -1.15
C GLU C 137 -0.08 -47.39 -0.63
N SER C 138 0.64 -48.45 -0.21
CA SER C 138 0.03 -49.68 0.27
C SER C 138 -0.24 -49.59 1.76
N PHE C 139 -1.44 -49.12 2.12
CA PHE C 139 -1.90 -49.08 3.49
C PHE C 139 -2.43 -50.45 3.90
N ASN C 140 -2.22 -50.82 5.18
CA ASN C 140 -2.71 -52.07 5.70
C ASN C 140 -4.11 -51.86 6.27
N TRP C 141 -5.15 -52.12 5.45
CA TRP C 141 -6.54 -52.10 5.86
C TRP C 141 -7.04 -53.50 6.19
N THR C 142 -6.30 -54.27 7.02
CA THR C 142 -6.75 -55.56 7.53
C THR C 142 -7.99 -55.46 8.38
N GLY C 143 -9.01 -56.26 8.02
CA GLY C 143 -10.23 -56.38 8.81
C GLY C 143 -11.40 -55.62 8.29
N VAL C 144 -11.26 -54.89 7.16
CA VAL C 144 -12.34 -54.10 6.60
C VAL C 144 -12.45 -54.36 5.11
N THR C 145 -13.64 -54.08 4.54
CA THR C 145 -13.91 -54.20 3.11
C THR C 145 -13.45 -52.93 2.45
N GLN C 146 -12.64 -53.04 1.37
CA GLN C 146 -12.10 -51.94 0.63
C GLN C 146 -12.89 -51.67 -0.62
N ASN C 147 -12.65 -50.51 -1.25
CA ASN C 147 -13.19 -50.13 -2.54
C ASN C 147 -14.71 -50.02 -2.53
N GLY C 148 -15.27 -49.44 -1.46
CA GLY C 148 -16.67 -49.06 -1.38
C GLY C 148 -17.09 -48.11 -2.47
N THR C 149 -18.37 -48.19 -2.86
CA THR C 149 -18.77 -47.76 -4.19
C THR C 149 -20.19 -47.29 -4.10
N SER C 150 -20.61 -46.35 -4.98
CA SER C 150 -21.92 -45.74 -4.92
C SER C 150 -22.48 -45.50 -6.31
N SER C 151 -23.83 -45.46 -6.41
CA SER C 151 -24.60 -45.16 -7.61
C SER C 151 -24.65 -43.66 -7.87
N ALA C 152 -24.19 -42.84 -6.90
CA ALA C 152 -24.06 -41.40 -7.02
C ALA C 152 -22.79 -41.01 -7.75
N CYS C 153 -21.88 -41.98 -8.01
CA CYS C 153 -20.62 -41.71 -8.65
C CYS C 153 -20.34 -42.80 -9.66
N ILE C 154 -20.97 -42.77 -10.83
CA ILE C 154 -20.80 -43.81 -11.82
C ILE C 154 -19.63 -43.48 -12.74
N ARG C 155 -18.72 -44.44 -12.99
CA ARG C 155 -17.58 -44.24 -13.87
C ARG C 155 -17.90 -44.73 -15.27
N GLY C 156 -17.36 -45.89 -15.69
CA GLY C 156 -17.65 -46.48 -16.99
C GLY C 156 -18.89 -47.30 -16.95
N SER C 157 -20.02 -46.64 -16.64
CA SER C 157 -21.38 -47.19 -16.56
C SER C 157 -21.59 -48.15 -15.40
N SER C 158 -20.60 -48.22 -14.50
CA SER C 158 -20.60 -49.01 -13.30
C SER C 158 -20.53 -48.05 -12.15
N SER C 159 -21.19 -48.39 -11.03
CA SER C 159 -21.12 -47.69 -9.76
C SER C 159 -19.69 -47.63 -9.27
N SER C 160 -19.23 -46.47 -8.79
CA SER C 160 -17.84 -46.30 -8.43
C SER C 160 -17.73 -45.25 -7.35
N PHE C 161 -16.57 -44.59 -7.28
CA PHE C 161 -16.21 -43.67 -6.25
C PHE C 161 -15.10 -42.76 -6.76
N PHE C 162 -14.67 -41.77 -5.93
CA PHE C 162 -13.51 -40.94 -6.16
C PHE C 162 -12.25 -41.77 -6.34
N SER C 163 -11.48 -41.53 -7.41
CA SER C 163 -10.33 -42.36 -7.79
C SER C 163 -9.20 -42.36 -6.81
N ARG C 164 -9.05 -41.28 -6.00
CA ARG C 164 -7.99 -41.13 -5.05
C ARG C 164 -8.39 -41.48 -3.63
N LEU C 165 -9.66 -41.86 -3.42
CA LEU C 165 -10.18 -42.20 -2.11
C LEU C 165 -10.66 -43.64 -2.07
N ASN C 166 -10.52 -44.27 -0.91
CA ASN C 166 -10.85 -45.64 -0.66
C ASN C 166 -11.91 -45.67 0.41
N TRP C 167 -13.14 -46.02 0.04
CA TRP C 167 -14.20 -46.13 1.01
C TRP C 167 -14.11 -47.50 1.69
N LEU C 168 -13.89 -47.49 3.03
CA LEU C 168 -13.83 -48.68 3.84
C LEU C 168 -15.15 -48.97 4.54
N THR C 169 -15.59 -50.24 4.51
CA THR C 169 -16.82 -50.70 5.15
C THR C 169 -16.50 -51.92 5.99
N HIS C 170 -17.48 -52.43 6.77
CA HIS C 170 -17.33 -53.66 7.55
C HIS C 170 -16.99 -54.88 6.72
N LEU C 171 -16.28 -55.84 7.31
CA LEU C 171 -16.09 -57.14 6.70
C LEU C 171 -16.58 -58.17 7.70
N ASN C 172 -17.52 -59.05 7.29
CA ASN C 172 -18.16 -60.04 8.14
C ASN C 172 -18.92 -59.43 9.31
N TYR C 173 -19.49 -58.22 9.10
CA TYR C 173 -20.28 -57.46 10.06
C TYR C 173 -19.47 -56.91 11.24
N THR C 174 -18.14 -56.73 11.05
CA THR C 174 -17.26 -56.23 12.08
C THR C 174 -16.40 -55.17 11.46
N TYR C 175 -16.18 -54.05 12.19
CA TYR C 175 -15.23 -53.03 11.80
C TYR C 175 -14.28 -52.96 12.97
N PRO C 176 -13.11 -53.59 12.97
CA PRO C 176 -12.16 -53.48 14.08
C PRO C 176 -11.58 -52.09 14.15
N ALA C 177 -11.11 -51.67 15.34
CA ALA C 177 -10.39 -50.42 15.48
C ALA C 177 -9.11 -50.40 14.66
N LEU C 178 -9.01 -49.44 13.73
CA LEU C 178 -7.85 -49.32 12.87
C LEU C 178 -6.79 -48.48 13.54
N ASN C 179 -5.51 -48.76 13.26
CA ASN C 179 -4.41 -48.03 13.85
C ASN C 179 -3.27 -48.11 12.84
N VAL C 180 -3.42 -47.39 11.72
CA VAL C 180 -2.62 -47.61 10.52
C VAL C 180 -1.59 -46.52 10.38
N THR C 181 -0.34 -46.86 10.05
CA THR C 181 0.74 -45.90 10.02
C THR C 181 1.39 -45.87 8.65
N MET C 182 1.90 -44.69 8.25
CA MET C 182 2.68 -44.55 7.05
C MET C 182 3.80 -43.54 7.27
N PRO C 183 5.08 -43.88 7.27
CA PRO C 183 6.15 -42.92 7.46
C PRO C 183 6.50 -42.17 6.20
N ASN C 184 6.92 -40.90 6.33
CA ASN C 184 7.56 -40.21 5.23
C ASN C 184 9.06 -40.39 5.37
N LYS C 185 9.65 -41.31 4.57
CA LYS C 185 11.08 -41.52 4.51
C LYS C 185 11.65 -40.99 3.21
N GLU C 186 10.89 -40.11 2.52
CA GLU C 186 11.31 -39.48 1.29
C GLU C 186 12.03 -38.18 1.62
N GLN C 187 12.28 -37.33 0.62
CA GLN C 187 12.94 -36.05 0.79
C GLN C 187 12.04 -34.90 0.40
N PHE C 188 10.74 -35.18 0.18
CA PHE C 188 9.75 -34.22 -0.19
C PHE C 188 8.55 -34.39 0.70
N ASP C 189 7.75 -33.31 0.85
CA ASP C 189 6.51 -33.31 1.59
C ASP C 189 5.44 -34.12 0.86
N LYS C 190 4.53 -34.74 1.65
CA LYS C 190 3.44 -35.51 1.12
C LYS C 190 2.15 -34.84 1.49
N LEU C 191 1.24 -34.66 0.52
CA LEU C 191 -0.08 -34.14 0.78
C LEU C 191 -1.09 -35.28 0.77
N TYR C 192 -1.69 -35.59 1.93
CA TYR C 192 -2.69 -36.62 2.06
C TYR C 192 -4.07 -36.00 2.07
N ILE C 193 -5.00 -36.52 1.25
CA ILE C 193 -6.40 -36.11 1.21
C ILE C 193 -7.24 -37.27 1.68
N TRP C 194 -8.12 -37.05 2.67
CA TRP C 194 -8.98 -38.08 3.22
C TRP C 194 -10.31 -37.46 3.58
N GLY C 195 -11.29 -38.29 3.97
CA GLY C 195 -12.59 -37.74 4.34
C GLY C 195 -13.27 -38.51 5.42
N VAL C 196 -14.45 -38.00 5.82
CA VAL C 196 -15.33 -38.60 6.80
C VAL C 196 -16.70 -38.70 6.18
N HIS C 197 -17.33 -39.89 6.24
CA HIS C 197 -18.68 -40.07 5.75
C HIS C 197 -19.68 -39.83 6.85
N HIS C 198 -20.73 -39.04 6.54
CA HIS C 198 -21.86 -38.80 7.41
C HIS C 198 -23.09 -39.45 6.78
N PRO C 199 -23.55 -40.64 7.16
CA PRO C 199 -24.76 -41.26 6.67
C PRO C 199 -26.02 -40.49 7.04
N GLY C 200 -27.10 -40.61 6.26
CA GLY C 200 -28.33 -39.89 6.56
C GLY C 200 -29.20 -40.57 7.58
N THR C 201 -28.90 -41.84 7.92
CA THR C 201 -29.66 -42.59 8.89
C THR C 201 -28.71 -43.36 9.78
N ASP C 202 -29.15 -43.69 11.01
CA ASP C 202 -28.49 -44.65 11.88
C ASP C 202 -28.46 -46.03 11.22
N LYS C 203 -29.51 -46.36 10.44
CA LYS C 203 -29.58 -47.60 9.69
C LYS C 203 -28.45 -47.81 8.67
N ASP C 204 -28.15 -46.80 7.84
CA ASP C 204 -27.05 -46.80 6.87
C ASP C 204 -25.71 -46.87 7.57
N GLN C 205 -25.57 -46.18 8.72
CA GLN C 205 -24.40 -46.28 9.58
C GLN C 205 -24.11 -47.70 10.03
N ILE C 206 -25.14 -48.43 10.53
CA ILE C 206 -25.04 -49.84 10.88
C ILE C 206 -24.74 -50.73 9.69
N PHE C 207 -25.46 -50.52 8.56
CA PHE C 207 -25.28 -51.29 7.35
C PHE C 207 -23.86 -51.20 6.79
N LEU C 208 -23.29 -49.99 6.79
CA LEU C 208 -21.95 -49.75 6.29
C LEU C 208 -20.84 -50.12 7.25
N TYR C 209 -20.93 -49.74 8.54
CA TYR C 209 -19.79 -49.82 9.43
C TYR C 209 -20.01 -50.73 10.62
N ALA C 210 -21.23 -51.24 10.85
CA ALA C 210 -21.62 -52.10 11.96
C ALA C 210 -21.82 -51.34 13.26
N GLN C 211 -20.80 -50.55 13.63
CA GLN C 211 -20.71 -49.67 14.77
C GLN C 211 -21.76 -48.57 14.74
N SER C 212 -22.31 -48.20 15.91
CA SER C 212 -23.38 -47.20 16.00
C SER C 212 -22.94 -45.76 15.81
N SER C 213 -21.66 -45.45 16.11
CA SER C 213 -21.11 -44.12 16.14
C SER C 213 -20.09 -43.91 15.03
N GLY C 214 -18.86 -44.45 15.19
CA GLY C 214 -17.74 -44.19 14.31
C GLY C 214 -16.97 -42.98 14.74
N ARG C 215 -15.65 -42.97 14.49
CA ARG C 215 -14.83 -41.86 14.89
C ARG C 215 -13.52 -41.95 14.14
N ILE C 216 -12.96 -40.81 13.69
CA ILE C 216 -11.77 -40.77 12.87
C ILE C 216 -10.80 -39.81 13.50
N THR C 217 -9.54 -40.25 13.64
CA THR C 217 -8.49 -39.42 14.19
C THR C 217 -7.25 -39.69 13.39
N VAL C 218 -6.70 -38.67 12.71
CA VAL C 218 -5.45 -38.80 11.98
C VAL C 218 -4.46 -37.85 12.61
N SER C 219 -3.22 -38.33 12.74
CA SER C 219 -2.21 -37.62 13.53
C SER C 219 -0.88 -37.68 12.84
N THR C 220 -0.04 -36.69 13.14
CA THR C 220 1.38 -36.66 12.82
C THR C 220 2.11 -36.47 14.12
N LYS C 221 3.44 -36.29 14.11
CA LYS C 221 4.15 -35.85 15.29
C LYS C 221 3.71 -34.48 15.80
N ARG C 222 3.35 -33.58 14.85
CA ARG C 222 3.01 -32.19 15.11
C ARG C 222 1.52 -31.87 15.13
N SER C 223 0.63 -32.73 14.59
CA SER C 223 -0.76 -32.38 14.43
C SER C 223 -1.69 -33.51 14.77
N GLN C 224 -2.96 -33.17 15.08
CA GLN C 224 -4.02 -34.12 15.26
C GLN C 224 -5.25 -33.52 14.63
N GLN C 225 -5.96 -34.31 13.80
CA GLN C 225 -7.27 -33.96 13.31
C GLN C 225 -8.23 -35.05 13.73
N ALA C 226 -9.14 -34.73 14.67
CA ALA C 226 -10.10 -35.65 15.23
C ALA C 226 -11.49 -35.24 14.78
N VAL C 227 -12.17 -36.13 14.04
CA VAL C 227 -13.45 -35.85 13.43
C VAL C 227 -14.45 -36.86 13.93
N ILE C 228 -15.62 -36.38 14.38
CA ILE C 228 -16.70 -37.21 14.83
C ILE C 228 -17.79 -37.07 13.77
N PRO C 229 -18.18 -38.10 13.03
CA PRO C 229 -19.27 -38.03 12.07
C PRO C 229 -20.60 -37.62 12.67
N ASN C 230 -21.46 -36.99 11.86
CA ASN C 230 -22.76 -36.55 12.26
C ASN C 230 -23.77 -37.27 11.41
N ILE C 231 -24.49 -38.23 12.03
CA ILE C 231 -25.59 -38.91 11.39
C ILE C 231 -26.79 -38.00 11.25
N GLY C 232 -27.35 -37.91 10.03
CA GLY C 232 -28.47 -37.02 9.82
C GLY C 232 -28.65 -36.67 8.39
N SER C 233 -29.92 -36.52 7.98
CA SER C 233 -30.27 -36.18 6.62
C SER C 233 -30.13 -34.71 6.38
N ARG C 234 -29.42 -34.34 5.31
CA ARG C 234 -29.29 -32.97 4.85
C ARG C 234 -30.16 -32.82 3.61
N PRO C 235 -30.51 -31.63 3.11
CA PRO C 235 -31.13 -31.44 1.81
C PRO C 235 -30.44 -32.20 0.68
N ARG C 236 -31.21 -32.91 -0.16
CA ARG C 236 -30.60 -33.78 -1.13
C ARG C 236 -29.86 -33.06 -2.26
N ILE C 237 -28.58 -33.42 -2.49
CA ILE C 237 -27.83 -33.01 -3.66
C ILE C 237 -27.84 -34.21 -4.56
N ARG C 238 -28.40 -34.06 -5.79
CA ARG C 238 -28.64 -35.12 -6.76
C ARG C 238 -29.18 -36.41 -6.16
N ASP C 239 -30.24 -36.25 -5.33
CA ASP C 239 -30.93 -37.28 -4.62
C ASP C 239 -30.22 -37.89 -3.41
N ILE C 240 -29.12 -37.27 -2.92
CA ILE C 240 -28.35 -37.84 -1.82
C ILE C 240 -28.40 -36.96 -0.57
N PRO C 241 -28.91 -37.43 0.57
CA PRO C 241 -29.11 -36.63 1.77
C PRO C 241 -27.90 -36.70 2.69
N SER C 242 -26.93 -37.57 2.38
CA SER C 242 -25.73 -37.80 3.15
C SER C 242 -24.56 -37.06 2.54
N ARG C 243 -23.43 -36.97 3.27
CA ARG C 243 -22.29 -36.19 2.83
C ARG C 243 -20.98 -36.82 3.21
N ILE C 244 -19.92 -36.40 2.51
CA ILE C 244 -18.54 -36.66 2.87
C ILE C 244 -17.87 -35.34 3.13
N SER C 245 -17.26 -35.18 4.32
CA SER C 245 -16.49 -33.99 4.65
C SER C 245 -15.02 -34.30 4.37
N ILE C 246 -14.31 -33.44 3.61
CA ILE C 246 -12.94 -33.69 3.16
C ILE C 246 -11.94 -32.89 3.98
N TYR C 247 -10.82 -33.55 4.33
CA TYR C 247 -9.77 -32.96 5.13
C TYR C 247 -8.45 -33.28 4.47
N TRP C 248 -7.39 -32.54 4.83
CA TRP C 248 -6.07 -32.78 4.28
C TRP C 248 -5.05 -32.74 5.39
N THR C 249 -3.89 -33.40 5.19
CA THR C 249 -2.74 -33.37 6.09
C THR C 249 -1.52 -33.28 5.23
N ILE C 250 -0.51 -32.53 5.69
CA ILE C 250 0.80 -32.53 5.07
C ILE C 250 1.75 -33.22 6.03
N VAL C 251 2.50 -34.19 5.51
CA VAL C 251 3.49 -34.96 6.26
C VAL C 251 4.85 -34.69 5.65
N LYS C 252 5.76 -34.08 6.43
CA LYS C 252 7.12 -33.78 6.00
C LYS C 252 8.06 -34.95 6.19
N PRO C 253 9.24 -35.02 5.56
CA PRO C 253 10.25 -36.05 5.79
C PRO C 253 10.61 -36.28 7.25
N GLY C 254 10.60 -37.54 7.72
CA GLY C 254 10.91 -37.90 9.10
C GLY C 254 9.71 -37.89 10.02
N ASP C 255 8.57 -37.38 9.53
CA ASP C 255 7.26 -37.43 10.16
C ASP C 255 6.50 -38.65 9.66
N ILE C 256 5.38 -38.96 10.32
CA ILE C 256 4.62 -40.18 10.17
C ILE C 256 3.16 -39.82 10.18
N LEU C 257 2.37 -40.36 9.22
CA LEU C 257 0.93 -40.29 9.28
C LEU C 257 0.43 -41.48 10.08
N LEU C 258 -0.54 -41.25 10.99
CA LEU C 258 -1.17 -42.29 11.77
C LEU C 258 -2.67 -42.11 11.69
N ILE C 259 -3.41 -43.16 11.25
CA ILE C 259 -4.85 -43.11 11.06
C ILE C 259 -5.53 -44.10 12.00
N ASN C 260 -6.26 -43.58 13.01
CA ASN C 260 -7.16 -44.33 13.85
C ASN C 260 -8.55 -44.11 13.29
N SER C 261 -9.29 -45.21 13.08
CA SER C 261 -10.70 -45.13 12.75
C SER C 261 -11.44 -46.29 13.37
N THR C 262 -12.59 -45.98 13.99
CA THR C 262 -13.59 -46.94 14.47
C THR C 262 -14.81 -46.89 13.59
N GLY C 263 -14.71 -46.32 12.36
CA GLY C 263 -15.78 -46.29 11.38
C GLY C 263 -15.78 -44.98 10.65
N ASN C 264 -16.45 -44.95 9.48
CA ASN C 264 -16.80 -43.73 8.74
C ASN C 264 -15.66 -43.06 8.02
N LEU C 265 -14.52 -43.75 7.92
CA LEU C 265 -13.33 -43.23 7.31
C LEU C 265 -13.34 -43.42 5.82
N ILE C 266 -13.18 -42.30 5.08
CA ILE C 266 -12.90 -42.34 3.67
C ILE C 266 -11.40 -42.21 3.54
N ALA C 267 -10.73 -43.34 3.23
CA ALA C 267 -9.30 -43.46 3.32
C ALA C 267 -8.58 -42.89 2.10
N PRO C 268 -7.35 -42.41 2.21
CA PRO C 268 -6.50 -42.07 1.08
C PRO C 268 -5.93 -43.33 0.44
N ARG C 269 -5.63 -43.29 -0.87
CA ARG C 269 -4.94 -44.38 -1.55
C ARG C 269 -3.46 -44.11 -1.73
N GLY C 270 -2.97 -42.97 -1.20
CA GLY C 270 -1.62 -42.54 -1.40
C GLY C 270 -1.56 -41.08 -1.12
N TYR C 271 -0.55 -40.40 -1.65
CA TYR C 271 -0.30 -39.01 -1.40
C TYR C 271 -0.12 -38.27 -2.71
N PHE C 272 -0.39 -36.95 -2.67
CA PHE C 272 -0.05 -36.03 -3.72
C PHE C 272 1.31 -35.48 -3.42
N LYS C 273 2.15 -35.35 -4.44
CA LYS C 273 3.32 -34.50 -4.36
C LYS C 273 2.91 -33.05 -4.23
N ILE C 274 3.62 -32.29 -3.38
CA ILE C 274 3.36 -30.88 -3.22
C ILE C 274 4.64 -30.15 -3.57
N ARG C 275 4.52 -29.12 -4.43
CA ARG C 275 5.63 -28.34 -4.91
C ARG C 275 5.40 -26.90 -4.55
N SER C 276 6.44 -26.09 -4.74
CA SER C 276 6.37 -24.65 -4.63
C SER C 276 6.80 -24.09 -5.96
N GLY C 277 6.10 -23.06 -6.46
CA GLY C 277 6.51 -22.46 -7.72
C GLY C 277 5.62 -21.32 -8.06
N LYS C 278 5.45 -21.08 -9.38
CA LYS C 278 4.75 -19.93 -9.89
C LYS C 278 3.31 -20.24 -10.25
N SER C 279 2.79 -21.40 -9.84
CA SER C 279 1.49 -21.85 -10.30
C SER C 279 0.33 -21.15 -9.62
N SER C 280 -0.84 -21.08 -10.27
CA SER C 280 -2.01 -20.43 -9.73
C SER C 280 -3.26 -20.98 -10.38
N ILE C 281 -4.42 -20.44 -9.99
CA ILE C 281 -5.73 -20.75 -10.50
C ILE C 281 -6.48 -19.47 -10.81
N MET C 282 -7.38 -19.50 -11.80
CA MET C 282 -8.16 -18.34 -12.16
C MET C 282 -9.55 -18.78 -12.58
N ARG C 283 -10.59 -18.03 -12.19
CA ARG C 283 -11.93 -18.26 -12.68
C ARG C 283 -12.16 -17.45 -13.94
N SER C 284 -12.57 -18.10 -15.04
CA SER C 284 -12.78 -17.41 -16.31
C SER C 284 -13.59 -18.29 -17.23
N ASP C 285 -14.40 -17.66 -18.10
CA ASP C 285 -15.16 -18.33 -19.13
C ASP C 285 -14.61 -17.98 -20.51
N ALA C 286 -13.48 -17.25 -20.59
CA ALA C 286 -12.83 -16.95 -21.85
C ALA C 286 -12.28 -18.21 -22.55
N PRO C 287 -12.49 -18.46 -23.84
CA PRO C 287 -11.90 -19.59 -24.55
C PRO C 287 -10.37 -19.59 -24.51
N ILE C 288 -9.76 -20.78 -24.63
CA ILE C 288 -8.33 -20.90 -24.79
C ILE C 288 -8.01 -20.75 -26.26
N GLY C 289 -7.06 -19.86 -26.61
CA GLY C 289 -6.68 -19.58 -27.98
C GLY C 289 -5.29 -20.06 -28.25
N LYS C 290 -5.01 -20.35 -29.53
CA LYS C 290 -3.71 -20.79 -29.99
C LYS C 290 -2.84 -19.57 -30.28
N CYS C 291 -2.22 -18.99 -29.25
CA CYS C 291 -1.55 -17.72 -29.38
C CYS C 291 -0.52 -17.58 -28.28
N LYS C 292 0.26 -16.48 -28.29
CA LYS C 292 1.29 -16.28 -27.30
C LYS C 292 1.15 -14.92 -26.64
N SER C 293 0.89 -14.89 -25.31
CA SER C 293 0.82 -13.65 -24.56
C SER C 293 1.21 -13.92 -23.12
N GLU C 294 2.00 -13.01 -22.51
CA GLU C 294 2.55 -13.18 -21.18
C GLU C 294 1.60 -12.82 -20.04
N CYS C 295 0.60 -11.96 -20.31
CA CYS C 295 -0.31 -11.50 -19.30
C CYS C 295 -1.70 -12.05 -19.55
N ILE C 296 -2.27 -12.73 -18.54
CA ILE C 296 -3.58 -13.34 -18.58
C ILE C 296 -4.50 -12.62 -17.61
N THR C 297 -5.74 -12.29 -18.05
CA THR C 297 -6.80 -11.81 -17.18
C THR C 297 -7.98 -12.76 -17.35
N PRO C 298 -9.02 -12.74 -16.52
CA PRO C 298 -10.25 -13.48 -16.74
C PRO C 298 -11.00 -13.06 -17.98
N ASN C 299 -10.74 -11.83 -18.50
CA ASN C 299 -11.35 -11.34 -19.72
C ASN C 299 -10.63 -11.86 -20.94
N GLY C 300 -9.43 -12.47 -20.76
CA GLY C 300 -8.57 -12.97 -21.82
C GLY C 300 -7.20 -12.38 -21.65
N SER C 301 -6.25 -12.81 -22.47
CA SER C 301 -4.91 -12.27 -22.47
C SER C 301 -4.82 -10.83 -22.96
N ILE C 302 -3.94 -10.01 -22.35
CA ILE C 302 -3.80 -8.59 -22.70
C ILE C 302 -2.36 -8.33 -23.16
N PRO C 303 -2.06 -7.44 -24.10
CA PRO C 303 -0.73 -6.85 -24.26
C PRO C 303 -0.12 -6.27 -22.99
N ASN C 304 1.21 -6.35 -22.83
CA ASN C 304 1.90 -5.82 -21.66
C ASN C 304 2.91 -4.73 -22.00
N ASP C 305 2.80 -4.08 -23.18
CA ASP C 305 3.63 -2.96 -23.57
C ASP C 305 3.44 -1.76 -22.63
N LYS C 306 2.18 -1.53 -22.22
CA LYS C 306 1.80 -0.43 -21.38
C LYS C 306 2.07 -0.70 -19.90
N PRO C 307 2.33 0.29 -19.06
CA PRO C 307 2.65 0.07 -17.65
C PRO C 307 1.40 -0.17 -16.83
N PHE C 308 0.22 0.28 -17.31
CA PHE C 308 -1.02 0.20 -16.56
C PHE C 308 -2.11 -0.43 -17.39
N GLN C 309 -3.17 -0.91 -16.73
CA GLN C 309 -4.29 -1.54 -17.38
C GLN C 309 -5.55 -1.34 -16.57
N ASN C 310 -6.69 -1.37 -17.25
CA ASN C 310 -8.02 -1.10 -16.72
C ASN C 310 -8.93 -2.31 -16.94
N VAL C 311 -8.37 -3.46 -17.38
CA VAL C 311 -9.17 -4.59 -17.79
C VAL C 311 -9.66 -5.41 -16.62
N ASN C 312 -8.74 -5.80 -15.71
CA ASN C 312 -9.15 -6.59 -14.57
C ASN C 312 -8.11 -6.49 -13.47
N ARG C 313 -8.53 -6.44 -12.19
CA ARG C 313 -7.62 -6.48 -11.06
C ARG C 313 -7.03 -7.87 -10.81
N ILE C 314 -7.66 -8.92 -11.38
CA ILE C 314 -7.17 -10.29 -11.35
C ILE C 314 -6.30 -10.50 -12.56
N THR C 315 -5.02 -10.85 -12.33
CA THR C 315 -4.05 -11.03 -13.39
C THR C 315 -3.16 -12.20 -13.07
N TYR C 316 -2.46 -12.74 -14.08
CA TYR C 316 -1.41 -13.72 -13.92
C TYR C 316 -0.36 -13.42 -14.98
N GLY C 317 0.94 -13.44 -14.58
CA GLY C 317 2.07 -13.28 -15.48
C GLY C 317 2.69 -11.91 -15.41
N ALA C 318 3.44 -11.53 -16.45
CA ALA C 318 4.08 -10.23 -16.57
C ALA C 318 3.08 -9.19 -17.06
N CYS C 319 2.38 -8.53 -16.12
CA CYS C 319 1.17 -7.80 -16.42
C CYS C 319 1.33 -6.32 -16.12
N PRO C 320 0.76 -5.40 -16.89
CA PRO C 320 0.55 -4.03 -16.43
C PRO C 320 -0.18 -3.92 -15.11
N ARG C 321 0.06 -2.86 -14.34
CA ARG C 321 -0.60 -2.70 -13.07
C ARG C 321 -2.02 -2.19 -13.21
N TYR C 322 -2.98 -2.80 -12.49
CA TYR C 322 -4.35 -2.37 -12.50
C TYR C 322 -4.51 -0.98 -11.88
N VAL C 323 -5.19 -0.08 -12.60
CA VAL C 323 -5.50 1.26 -12.15
C VAL C 323 -6.95 1.51 -12.45
N LYS C 324 -7.55 2.53 -11.79
CA LYS C 324 -8.95 2.87 -11.98
C LYS C 324 -9.22 3.78 -13.15
N HIS C 325 -8.21 4.52 -13.63
CA HIS C 325 -8.34 5.37 -14.80
C HIS C 325 -8.56 4.62 -16.08
N SER C 326 -9.46 5.12 -16.94
CA SER C 326 -9.70 4.48 -18.22
C SER C 326 -8.70 4.87 -19.30
N THR C 327 -8.01 6.01 -19.13
CA THR C 327 -7.05 6.56 -20.07
C THR C 327 -6.08 7.39 -19.30
N LEU C 328 -4.80 7.35 -19.72
CA LEU C 328 -3.77 8.21 -19.21
C LEU C 328 -2.80 8.51 -20.33
N LYS C 329 -2.81 9.76 -20.83
CA LYS C 329 -2.00 10.12 -21.98
C LYS C 329 -0.69 10.75 -21.60
N LEU C 330 0.41 10.09 -22.02
CA LEU C 330 1.74 10.61 -21.85
C LEU C 330 2.11 11.40 -23.10
N ALA C 331 2.45 12.69 -22.95
CA ALA C 331 2.94 13.51 -24.03
C ALA C 331 4.28 13.04 -24.56
N THR C 332 4.38 12.91 -25.89
CA THR C 332 5.57 12.43 -26.58
C THR C 332 6.04 13.47 -27.56
N GLY C 333 5.51 14.70 -27.43
CA GLY C 333 5.92 15.78 -28.27
C GLY C 333 5.75 17.06 -27.53
N MET C 334 6.15 18.17 -28.16
CA MET C 334 5.98 19.48 -27.60
C MET C 334 4.56 19.92 -27.57
N ARG C 335 4.32 21.04 -26.92
CA ARG C 335 3.09 21.75 -27.03
C ARG C 335 2.72 22.15 -28.48
N ASN C 336 1.43 21.96 -28.89
CA ASN C 336 0.99 22.25 -30.25
C ASN C 336 0.44 23.67 -30.44
N VAL C 337 0.15 24.41 -29.35
CA VAL C 337 -0.62 25.65 -29.39
C VAL C 337 0.06 26.74 -28.57
N PRO C 338 -0.24 28.02 -28.72
CA PRO C 338 0.00 29.03 -27.69
C PRO C 338 -1.07 29.01 -26.60
N GLU C 339 -0.73 29.10 -25.28
CA GLU C 339 -1.68 29.23 -24.19
C GLU C 339 -0.85 29.80 -23.12
N LYS C 340 -1.27 30.94 -22.58
CA LYS C 340 -0.47 31.67 -21.67
C LYS C 340 -0.24 31.01 -20.33
N GLN C 341 -1.29 30.39 -19.77
CA GLN C 341 -1.29 29.79 -18.46
C GLN C 341 -0.48 28.49 -18.40
N THR C 342 -0.13 27.85 -19.54
CA THR C 342 0.70 26.66 -19.53
C THR C 342 1.90 26.79 -20.38
N ARG C 343 2.23 28.02 -20.74
CA ARG C 343 3.42 28.23 -21.53
C ARG C 343 4.62 27.71 -20.81
N GLY C 344 5.55 27.04 -21.53
CA GLY C 344 6.75 26.53 -20.91
C GLY C 344 7.46 27.58 -20.08
N ILE C 345 8.28 27.12 -19.14
CA ILE C 345 8.98 27.97 -18.22
C ILE C 345 10.06 28.84 -18.88
N PHE C 346 10.49 28.58 -20.13
CA PHE C 346 11.52 29.39 -20.75
C PHE C 346 10.88 30.47 -21.60
N GLY C 347 9.61 30.28 -21.97
CA GLY C 347 8.86 31.34 -22.62
C GLY C 347 9.05 31.46 -24.10
N ALA C 348 9.56 30.41 -24.78
CA ALA C 348 9.74 30.44 -26.22
C ALA C 348 8.54 29.84 -26.91
N ILE C 349 8.27 28.54 -26.71
CA ILE C 349 7.11 27.83 -27.25
C ILE C 349 5.88 28.32 -26.53
N ALA C 350 4.89 28.80 -27.31
CA ALA C 350 3.68 29.41 -26.79
C ALA C 350 3.92 30.78 -26.15
N GLY C 351 5.09 31.36 -26.46
CA GLY C 351 5.63 32.53 -25.81
C GLY C 351 6.00 33.59 -26.76
N PHE C 352 7.30 33.92 -26.84
CA PHE C 352 7.72 34.92 -27.81
C PHE C 352 7.72 34.37 -29.23
N ILE C 353 7.72 33.04 -29.41
CA ILE C 353 7.44 32.45 -30.70
C ILE C 353 5.95 32.25 -30.76
N GLU C 354 5.28 33.05 -31.63
CA GLU C 354 3.83 33.16 -31.71
C GLU C 354 3.11 31.85 -31.99
N ASN C 355 3.63 31.05 -32.94
CA ASN C 355 3.02 29.78 -33.25
C ASN C 355 4.03 28.85 -33.86
N GLY C 356 3.69 27.55 -33.90
CA GLY C 356 4.49 26.56 -34.62
C GLY C 356 4.24 26.60 -36.10
N TRP C 357 5.03 25.80 -36.85
CA TRP C 357 5.00 25.71 -38.28
C TRP C 357 4.53 24.34 -38.72
N GLU C 358 3.30 24.24 -39.28
CA GLU C 358 2.79 22.97 -39.80
C GLU C 358 3.52 22.47 -41.03
N GLY C 359 4.10 23.41 -41.79
CA GLY C 359 4.88 23.10 -42.98
C GLY C 359 6.28 22.60 -42.71
N MET C 360 6.70 22.48 -41.44
CA MET C 360 7.96 21.87 -41.10
C MET C 360 7.71 20.43 -40.64
N VAL C 361 7.99 19.44 -41.52
CA VAL C 361 7.64 18.05 -41.33
C VAL C 361 8.87 17.14 -41.31
N ASP C 362 10.09 17.72 -41.37
CA ASP C 362 11.38 17.08 -41.38
C ASP C 362 12.14 17.33 -40.08
N GLY C 363 11.51 17.99 -39.09
CA GLY C 363 12.19 18.25 -37.83
C GLY C 363 11.28 18.99 -36.90
N TRP C 364 11.66 19.08 -35.62
CA TRP C 364 10.83 19.68 -34.60
C TRP C 364 11.17 21.13 -34.39
N TYR C 365 12.40 21.53 -34.74
CA TYR C 365 12.87 22.88 -34.60
C TYR C 365 13.56 23.23 -35.89
N GLY C 366 13.67 24.52 -36.22
CA GLY C 366 14.31 24.88 -37.46
C GLY C 366 14.37 26.35 -37.67
N PHE C 367 14.80 26.71 -38.88
CA PHE C 367 15.06 28.04 -39.31
C PHE C 367 14.20 28.36 -40.51
N ARG C 368 13.67 29.58 -40.56
CA ARG C 368 13.10 30.16 -41.76
C ARG C 368 13.83 31.43 -42.03
N HIS C 369 14.13 31.72 -43.30
CA HIS C 369 14.89 32.90 -43.62
C HIS C 369 14.27 33.64 -44.77
N GLN C 370 14.62 34.94 -44.88
CA GLN C 370 14.35 35.74 -46.04
C GLN C 370 15.60 36.54 -46.36
N ASN C 371 16.08 36.42 -47.61
CA ASN C 371 17.23 37.14 -48.09
C ASN C 371 16.97 37.65 -49.50
N SER C 372 18.05 38.06 -50.20
CA SER C 372 18.05 38.49 -51.58
C SER C 372 17.67 37.40 -52.57
N GLU C 373 17.98 36.13 -52.28
CA GLU C 373 17.71 35.02 -53.17
C GLU C 373 16.34 34.37 -52.91
N GLY C 374 15.59 34.82 -51.88
CA GLY C 374 14.25 34.32 -51.62
C GLY C 374 13.97 34.04 -50.18
N ARG C 375 13.02 33.11 -49.95
CA ARG C 375 12.57 32.69 -48.65
C ARG C 375 12.77 31.19 -48.55
N GLY C 376 13.29 30.68 -47.41
CA GLY C 376 13.46 29.23 -47.26
C GLY C 376 13.15 28.75 -45.88
N GLN C 377 13.19 27.42 -45.71
CA GLN C 377 12.95 26.76 -44.44
C GLN C 377 13.90 25.58 -44.36
N ALA C 378 14.50 25.34 -43.18
CA ALA C 378 15.34 24.19 -42.97
C ALA C 378 15.27 23.75 -41.51
N ALA C 379 15.14 22.43 -41.24
CA ALA C 379 15.14 21.89 -39.90
C ALA C 379 16.53 21.87 -39.23
N ASP C 380 16.58 21.98 -37.88
CA ASP C 380 17.77 21.79 -37.09
C ASP C 380 17.70 20.37 -36.54
N LEU C 381 18.65 19.51 -36.94
CA LEU C 381 18.63 18.11 -36.58
C LEU C 381 19.09 17.86 -35.17
N LYS C 382 20.12 18.60 -34.71
CA LYS C 382 20.71 18.39 -33.42
C LYS C 382 19.80 18.69 -32.24
N SER C 383 19.06 19.83 -32.26
CA SER C 383 18.03 20.18 -31.29
C SER C 383 16.82 19.26 -31.35
N THR C 384 16.37 18.89 -32.58
CA THR C 384 15.28 17.91 -32.80
C THR C 384 15.62 16.59 -32.15
N GLN C 385 16.83 16.06 -32.39
CA GLN C 385 17.29 14.82 -31.82
C GLN C 385 17.42 14.87 -30.30
N ALA C 386 17.94 15.99 -29.74
CA ALA C 386 18.09 16.18 -28.31
C ALA C 386 16.77 16.10 -27.54
N ALA C 387 15.69 16.71 -28.08
CA ALA C 387 14.36 16.58 -27.55
C ALA C 387 13.79 15.15 -27.66
N ILE C 388 13.95 14.50 -28.83
CA ILE C 388 13.51 13.13 -29.07
C ILE C 388 14.18 12.12 -28.16
N ASP C 389 15.52 12.22 -27.97
CA ASP C 389 16.29 11.34 -27.11
C ASP C 389 15.80 11.40 -25.66
N GLN C 390 15.51 12.61 -25.12
CA GLN C 390 14.94 12.79 -23.78
C GLN C 390 13.58 12.16 -23.60
N ILE C 391 12.68 12.34 -24.58
CA ILE C 391 11.36 11.72 -24.59
C ILE C 391 11.44 10.21 -24.68
N ASN C 392 12.31 9.67 -25.55
CA ASN C 392 12.58 8.24 -25.63
C ASN C 392 13.14 7.67 -24.33
N GLY C 393 13.98 8.44 -23.61
CA GLY C 393 14.44 8.05 -22.28
C GLY C 393 13.36 7.91 -21.25
N LYS C 394 12.32 8.76 -21.30
CA LYS C 394 11.12 8.59 -20.51
C LYS C 394 10.34 7.36 -20.91
N LEU C 395 10.13 7.15 -22.22
CA LEU C 395 9.43 5.99 -22.74
C LEU C 395 10.09 4.68 -22.36
N ASN C 396 11.42 4.60 -22.43
CA ASN C 396 12.20 3.45 -22.00
C ASN C 396 12.04 3.12 -20.53
N ARG C 397 11.74 4.12 -19.68
CA ARG C 397 11.42 3.84 -18.30
C ARG C 397 10.04 3.24 -18.06
N LEU C 398 9.06 3.47 -18.97
CA LEU C 398 7.66 3.17 -18.76
C LEU C 398 7.13 2.04 -19.64
N ILE C 399 7.68 1.89 -20.86
CA ILE C 399 7.19 0.95 -21.85
C ILE C 399 7.97 -0.35 -21.77
N GLY C 400 7.25 -1.48 -21.70
CA GLY C 400 7.85 -2.80 -21.79
C GLY C 400 8.67 -3.27 -20.61
N LYS C 401 8.24 -2.92 -19.39
CA LYS C 401 8.98 -3.19 -18.16
C LYS C 401 8.05 -3.64 -17.05
N THR C 402 6.97 -4.36 -17.41
CA THR C 402 6.03 -4.92 -16.45
C THR C 402 6.63 -5.99 -15.54
N ASN C 403 6.04 -6.19 -14.34
CA ASN C 403 6.59 -7.09 -13.35
C ASN C 403 5.67 -8.28 -13.18
N GLU C 404 6.27 -9.48 -13.05
CA GLU C 404 5.59 -10.74 -12.94
C GLU C 404 4.93 -10.99 -11.60
N LYS C 405 3.62 -11.29 -11.60
CA LYS C 405 2.91 -11.76 -10.44
C LYS C 405 2.23 -13.06 -10.77
N PHE C 406 2.18 -13.98 -9.79
CA PHE C 406 1.64 -15.31 -10.01
C PHE C 406 0.48 -15.59 -9.07
N HIS C 407 0.63 -16.51 -8.07
CA HIS C 407 -0.42 -16.74 -7.08
C HIS C 407 -0.54 -15.58 -6.11
N GLN C 408 -1.77 -15.05 -5.95
CA GLN C 408 -2.04 -13.89 -5.12
C GLN C 408 -3.16 -14.24 -4.17
N ILE C 409 -4.08 -13.30 -3.92
CA ILE C 409 -5.27 -13.49 -3.11
C ILE C 409 -6.45 -13.48 -4.04
N GLU C 410 -7.58 -14.05 -3.62
CA GLU C 410 -8.85 -13.92 -4.30
C GLU C 410 -9.39 -12.50 -4.21
N LYS C 411 -10.07 -12.03 -5.27
CA LYS C 411 -10.50 -10.64 -5.36
C LYS C 411 -11.95 -10.49 -5.75
N GLU C 412 -12.64 -11.62 -5.98
CA GLU C 412 -14.07 -11.69 -6.22
C GLU C 412 -14.57 -12.84 -5.38
N PHE C 413 -15.79 -12.71 -4.84
CA PHE C 413 -16.29 -13.61 -3.83
C PHE C 413 -17.75 -13.84 -4.10
N SER C 414 -18.19 -15.11 -4.02
CA SER C 414 -19.56 -15.51 -4.32
C SER C 414 -20.42 -15.58 -3.07
N GLU C 415 -19.84 -15.64 -1.86
CA GLU C 415 -20.60 -15.66 -0.62
C GLU C 415 -20.11 -14.63 0.37
N VAL C 416 -21.02 -14.10 1.20
CA VAL C 416 -20.71 -13.31 2.39
C VAL C 416 -19.94 -14.14 3.42
N GLU C 417 -18.82 -13.58 3.94
CA GLU C 417 -18.01 -14.24 4.96
C GLU C 417 -17.69 -13.31 6.12
N GLY C 418 -17.81 -11.97 5.95
CA GLY C 418 -17.44 -11.05 7.02
C GLY C 418 -15.95 -10.82 7.05
N ARG C 419 -15.34 -10.91 8.25
CA ARG C 419 -14.09 -10.25 8.60
C ARG C 419 -12.87 -10.50 7.72
N VAL C 420 -12.59 -11.77 7.37
CA VAL C 420 -11.47 -12.12 6.50
C VAL C 420 -11.64 -11.54 5.10
N GLN C 421 -12.86 -11.66 4.55
CA GLN C 421 -13.21 -11.12 3.25
C GLN C 421 -13.16 -9.60 3.20
N ASP C 422 -13.60 -8.91 4.28
CA ASP C 422 -13.47 -7.48 4.43
C ASP C 422 -12.02 -7.05 4.32
N LEU C 423 -11.13 -7.81 5.00
CA LEU C 423 -9.71 -7.58 4.94
C LEU C 423 -9.09 -7.79 3.56
N GLU C 424 -9.40 -8.91 2.86
CA GLU C 424 -8.93 -9.18 1.51
C GLU C 424 -9.37 -8.11 0.51
N LYS C 425 -10.64 -7.67 0.59
CA LYS C 425 -11.17 -6.58 -0.20
C LYS C 425 -10.50 -5.24 0.06
N TYR C 426 -10.30 -4.88 1.34
CA TYR C 426 -9.66 -3.66 1.78
C TYR C 426 -8.22 -3.57 1.32
N VAL C 427 -7.46 -4.67 1.41
CA VAL C 427 -6.08 -4.74 0.95
C VAL C 427 -5.96 -4.45 -0.54
N GLU C 428 -6.83 -5.06 -1.37
CA GLU C 428 -6.84 -4.82 -2.80
C GLU C 428 -7.28 -3.40 -3.17
N ASP C 429 -8.35 -2.85 -2.55
CA ASP C 429 -8.82 -1.48 -2.77
C ASP C 429 -7.73 -0.47 -2.41
N THR C 430 -7.04 -0.67 -1.26
CA THR C 430 -5.91 0.16 -0.83
C THR C 430 -4.77 0.17 -1.83
N LYS C 431 -4.40 -1.01 -2.35
CA LYS C 431 -3.37 -1.16 -3.36
C LYS C 431 -3.70 -0.47 -4.67
N ILE C 432 -4.93 -0.65 -5.18
CA ILE C 432 -5.39 -0.05 -6.42
C ILE C 432 -5.40 1.48 -6.33
N ASP C 433 -5.93 2.06 -5.23
CA ASP C 433 -5.94 3.49 -5.03
C ASP C 433 -4.53 4.11 -5.02
N LEU C 434 -3.55 3.44 -4.37
CA LEU C 434 -2.16 3.86 -4.36
C LEU C 434 -1.48 3.80 -5.72
N TRP C 435 -1.68 2.71 -6.49
CA TRP C 435 -1.20 2.63 -7.87
C TRP C 435 -1.88 3.60 -8.82
N SER C 436 -3.21 3.81 -8.68
CA SER C 436 -3.95 4.82 -9.43
C SER C 436 -3.44 6.24 -9.17
N TYR C 437 -3.08 6.58 -7.91
CA TYR C 437 -2.39 7.82 -7.57
C TYR C 437 -1.03 7.94 -8.24
N ASN C 438 -0.19 6.88 -8.17
CA ASN C 438 1.13 6.86 -8.77
C ASN C 438 1.11 7.10 -10.26
N ALA C 439 0.17 6.44 -10.97
CA ALA C 439 -0.04 6.62 -12.38
C ALA C 439 -0.49 8.03 -12.78
N GLU C 440 -1.45 8.63 -12.04
CA GLU C 440 -1.93 9.98 -12.29
C GLU C 440 -0.85 11.04 -12.12
N LEU C 441 -0.11 10.96 -10.99
CA LEU C 441 0.97 11.86 -10.69
C LEU C 441 2.11 11.74 -11.67
N LEU C 442 2.49 10.50 -12.05
CA LEU C 442 3.53 10.26 -13.03
C LEU C 442 3.25 10.95 -14.35
N VAL C 443 2.05 10.76 -14.92
CA VAL C 443 1.69 11.39 -16.17
C VAL C 443 1.69 12.91 -16.08
N ALA C 444 1.10 13.49 -15.02
CA ALA C 444 1.07 14.92 -14.84
C ALA C 444 2.46 15.56 -14.72
N LEU C 445 3.37 14.93 -13.93
CA LEU C 445 4.76 15.34 -13.79
C LEU C 445 5.57 15.21 -15.07
N GLU C 446 5.48 14.05 -15.75
CA GLU C 446 6.19 13.81 -16.98
C GLU C 446 5.77 14.75 -18.07
N ASN C 447 4.45 14.97 -18.22
CA ASN C 447 3.92 15.86 -19.22
C ASN C 447 4.34 17.30 -19.03
N GLN C 448 4.33 17.80 -17.77
CA GLN C 448 4.85 19.11 -17.44
C GLN C 448 6.31 19.24 -17.81
N HIS C 449 7.13 18.25 -17.42
CA HIS C 449 8.54 18.20 -17.78
C HIS C 449 8.81 18.09 -19.27
N THR C 450 8.02 17.29 -20.02
CA THR C 450 8.12 17.16 -21.48
C THR C 450 7.85 18.46 -22.19
N ILE C 451 6.80 19.21 -21.78
CA ILE C 451 6.51 20.54 -22.30
C ILE C 451 7.63 21.54 -21.98
N ASP C 452 8.17 21.53 -20.75
CA ASP C 452 9.28 22.37 -20.36
C ASP C 452 10.60 22.04 -21.07
N LEU C 453 10.96 20.75 -21.25
CA LEU C 453 12.17 20.36 -21.97
C LEU C 453 12.13 20.73 -23.45
N THR C 454 10.97 20.56 -24.11
CA THR C 454 10.80 20.98 -25.50
C THR C 454 10.86 22.49 -25.70
N ASP C 455 10.31 23.29 -24.76
CA ASP C 455 10.46 24.73 -24.69
C ASP C 455 11.94 25.11 -24.50
N SER C 456 12.65 24.41 -23.60
CA SER C 456 14.08 24.57 -23.36
C SER C 456 14.94 24.40 -24.60
N GLU C 457 14.74 23.30 -25.37
CA GLU C 457 15.51 23.06 -26.58
C GLU C 457 15.33 24.14 -27.64
N MET C 458 14.09 24.67 -27.77
CA MET C 458 13.83 25.83 -28.60
C MET C 458 14.59 27.08 -28.15
N ASN C 459 14.58 27.37 -26.84
CA ASN C 459 15.29 28.49 -26.24
C ASN C 459 16.80 28.38 -26.42
N LYS C 460 17.39 27.18 -26.21
CA LYS C 460 18.81 26.92 -26.43
C LYS C 460 19.25 27.17 -27.85
N LEU C 461 18.44 26.73 -28.83
CA LEU C 461 18.71 26.99 -30.23
C LEU C 461 18.71 28.47 -30.57
N PHE C 462 17.71 29.23 -30.06
CA PHE C 462 17.64 30.67 -30.21
C PHE C 462 18.85 31.40 -29.61
N GLU C 463 19.22 31.05 -28.36
CA GLU C 463 20.37 31.63 -27.67
C GLU C 463 21.70 31.34 -28.35
N LYS C 464 21.90 30.10 -28.84
CA LYS C 464 23.06 29.71 -29.60
C LYS C 464 23.21 30.48 -30.91
N THR C 465 22.08 30.65 -31.64
CA THR C 465 22.01 31.45 -32.86
C THR C 465 22.31 32.91 -32.61
N LYS C 466 21.78 33.49 -31.51
CA LYS C 466 22.05 34.86 -31.11
C LYS C 466 23.52 35.16 -30.85
N LYS C 467 24.21 34.27 -30.10
CA LYS C 467 25.63 34.40 -29.80
C LYS C 467 26.51 34.32 -31.03
N GLN C 468 26.13 33.45 -31.99
CA GLN C 468 26.79 33.27 -33.27
C GLN C 468 26.84 34.54 -34.11
N LEU C 469 25.73 35.28 -34.11
CA LEU C 469 25.59 36.48 -34.91
C LEU C 469 26.33 37.67 -34.34
N ARG C 470 26.71 37.64 -33.04
CA ARG C 470 27.43 38.71 -32.39
C ARG C 470 26.74 40.07 -32.53
N GLU C 471 27.46 41.05 -33.10
CA GLU C 471 26.99 42.39 -33.31
C GLU C 471 26.41 42.59 -34.70
N ASN C 472 26.17 41.49 -35.44
CA ASN C 472 25.79 41.58 -36.84
C ASN C 472 24.28 41.49 -37.02
N ALA C 473 23.52 41.35 -35.91
CA ALA C 473 22.10 41.15 -35.98
C ALA C 473 21.45 41.62 -34.70
N GLU C 474 20.13 41.88 -34.75
CA GLU C 474 19.35 42.26 -33.60
C GLU C 474 18.12 41.38 -33.50
N ASP C 475 17.77 40.97 -32.26
CA ASP C 475 16.55 40.25 -31.93
C ASP C 475 15.34 41.15 -32.15
N MET C 476 14.35 40.68 -32.93
CA MET C 476 13.14 41.43 -33.19
C MET C 476 12.05 41.08 -32.20
N GLY C 477 12.30 40.13 -31.28
CA GLY C 477 11.45 39.86 -30.15
C GLY C 477 10.45 38.76 -30.33
N ASN C 478 10.38 38.19 -31.55
CA ASN C 478 9.43 37.18 -31.95
C ASN C 478 10.10 35.88 -32.39
N GLY C 479 11.38 35.67 -31.98
CA GLY C 479 12.18 34.54 -32.45
C GLY C 479 12.88 34.79 -33.77
N CYS C 480 12.78 36.02 -34.31
CA CYS C 480 13.42 36.40 -35.55
C CYS C 480 14.52 37.39 -35.29
N PHE C 481 15.61 37.25 -36.06
CA PHE C 481 16.77 38.10 -36.06
C PHE C 481 16.78 38.90 -37.33
N LYS C 482 16.98 40.22 -37.20
CA LYS C 482 17.25 41.09 -38.32
C LYS C 482 18.75 41.11 -38.50
N ILE C 483 19.23 40.55 -39.62
CA ILE C 483 20.63 40.45 -39.93
C ILE C 483 20.99 41.66 -40.77
N TYR C 484 21.94 42.48 -40.30
CA TYR C 484 22.25 43.79 -40.84
C TYR C 484 23.28 43.75 -41.94
N HIS C 485 23.33 42.67 -42.72
CA HIS C 485 24.22 42.60 -43.85
C HIS C 485 23.54 41.76 -44.91
N LYS C 486 24.14 41.77 -46.11
CA LYS C 486 23.81 40.87 -47.20
C LYS C 486 24.17 39.42 -46.94
N CYS C 487 23.17 38.51 -46.78
CA CYS C 487 23.44 37.15 -46.41
C CYS C 487 22.71 36.29 -47.41
N ASP C 488 23.42 35.82 -48.46
CA ASP C 488 22.97 34.85 -49.44
C ASP C 488 22.62 33.49 -48.83
N ASN C 489 22.22 32.50 -49.65
CA ASN C 489 21.88 31.17 -49.20
C ASN C 489 23.01 30.44 -48.50
N ALA C 490 24.25 30.56 -49.01
CA ALA C 490 25.45 30.01 -48.41
C ALA C 490 25.79 30.65 -47.06
N CYS C 491 25.62 31.99 -46.94
CA CYS C 491 25.70 32.71 -45.68
C CYS C 491 24.65 32.28 -44.66
N ILE C 492 23.38 32.09 -45.06
CA ILE C 492 22.36 31.53 -44.19
C ILE C 492 22.67 30.10 -43.77
N GLU C 493 23.15 29.28 -44.72
CA GLU C 493 23.57 27.93 -44.49
C GLU C 493 24.70 27.81 -43.47
N SER C 494 25.69 28.74 -43.54
CA SER C 494 26.81 28.84 -42.60
C SER C 494 26.36 29.09 -41.17
N ILE C 495 25.34 29.95 -40.97
CA ILE C 495 24.70 30.17 -39.68
C ILE C 495 24.03 28.93 -39.12
N ARG C 496 23.28 28.22 -39.98
CA ARG C 496 22.61 26.99 -39.60
C ARG C 496 23.54 25.84 -39.24
N ASN C 497 24.70 25.72 -39.93
CA ASN C 497 25.63 24.63 -39.68
C ASN C 497 26.86 25.03 -38.87
N GLU C 498 26.85 26.21 -38.22
CA GLU C 498 27.80 26.59 -37.18
C GLU C 498 29.16 27.08 -37.72
N THR C 499 29.23 27.52 -39.00
CA THR C 499 30.49 27.95 -39.64
C THR C 499 30.48 29.42 -39.97
N TYR C 500 29.45 30.16 -39.53
CA TYR C 500 29.35 31.59 -39.73
C TYR C 500 30.49 32.37 -39.06
N ASP C 501 31.27 33.11 -39.87
CA ASP C 501 32.30 33.97 -39.35
C ASP C 501 31.72 35.38 -39.30
N HIS C 502 31.47 35.87 -38.07
CA HIS C 502 30.92 37.19 -37.84
C HIS C 502 31.87 38.31 -38.25
N ASN C 503 33.20 38.11 -38.12
CA ASN C 503 34.23 39.09 -38.41
C ASN C 503 34.20 39.52 -39.86
N VAL C 504 33.84 38.60 -40.79
CA VAL C 504 33.71 38.86 -42.21
C VAL C 504 32.72 39.97 -42.53
N TYR C 505 31.59 40.03 -41.80
CA TYR C 505 30.50 40.92 -42.12
C TYR C 505 30.34 42.05 -41.13
N ARG C 506 31.21 42.10 -40.08
CA ARG C 506 31.05 43.01 -38.96
C ARG C 506 31.04 44.49 -39.33
N ASP C 507 31.97 44.94 -40.19
CA ASP C 507 32.03 46.32 -40.64
C ASP C 507 30.80 46.78 -41.41
N GLU C 508 30.30 45.93 -42.33
CA GLU C 508 29.08 46.15 -43.06
C GLU C 508 27.89 46.22 -42.12
N ALA C 509 27.80 45.26 -41.17
CA ALA C 509 26.74 45.20 -40.20
C ALA C 509 26.68 46.36 -39.21
N LEU C 510 27.83 46.79 -38.66
CA LEU C 510 27.92 47.92 -37.76
C LEU C 510 27.54 49.24 -38.41
N ASN C 511 27.96 49.49 -39.66
CA ASN C 511 27.56 50.66 -40.42
C ASN C 511 26.05 50.73 -40.60
N ASN C 512 25.40 49.61 -41.00
CA ASN C 512 23.96 49.53 -41.15
C ASN C 512 23.17 49.67 -39.84
N ARG C 513 23.65 49.08 -38.73
CA ARG C 513 23.01 49.22 -37.42
C ARG C 513 23.07 50.61 -36.81
N PHE C 514 24.25 51.25 -36.88
CA PHE C 514 24.57 52.47 -36.18
C PHE C 514 24.77 53.61 -37.15
N GLN C 515 23.65 54.27 -37.51
CA GLN C 515 23.59 55.33 -38.47
C GLN C 515 22.46 56.25 -38.02
N ILE C 516 21.84 57.00 -38.95
CA ILE C 516 20.72 57.90 -38.79
C ILE C 516 19.85 57.56 -40.05
#